data_8HUI
#
_entry.id   8HUI
#
_cell.length_a   97.760
_cell.length_b   105.600
_cell.length_c   131.950
_cell.angle_alpha   90.00
_cell.angle_beta   90.00
_cell.angle_gamma   90.00
#
_symmetry.space_group_name_H-M   'P 21 21 21'
#
loop_
_entity.id
_entity.type
_entity.pdbx_description
1 polymer Fructotransferase
2 branched beta-D-fructofuranose-(2-1)-alpha-D-fructofuranose
3 branched beta-D-fructofuranose-(2-1)-beta-D-fructofuranose-(2-1)-beta-D-fructofuranose-(2-1)-beta-D-fructofuranose-(2-1)-alpha-D-glucopyranose
4 non-polymer beta-D-fructofuranose
5 non-polymer 1,2-ETHANEDIOL
6 non-polymer '2-(N-MORPHOLINO)-ETHANESULFONIC ACID'
7 non-polymer DI(HYDROXYETHYL)ETHER
8 water water
#
_entity_poly.entity_id   1
_entity_poly.type   'polypeptide(L)'
_entity_poly.pdbx_seq_one_letter_code
;MADTVYDVTTWAGATVSPYVDIGAVINQIIADIKSKQTTQTTRPGAVIYIPPGHYDLLTRVVIDVSFLQIKGAGHGFLSE
AIRDESQTGSWVETLPGASHIRVRNNDGHNEAFLVSRTGAPATVGRLNSIVFQDFCLDGVNASKPYLPGNGKTGISFQSD
NDAVRIEGMGFVYLAHALIIKGADAPNITNNFIAECGSSIELTGASQVAKITNNFLISAWAGYSIFAENAEGLQISGNTI
LWACNITLSSGNRASITSNKLLSNFPSQIALLNNSSENLISANHFRRVHGDGTSTRFDDKFGMVHIAGNKNTVTGNQFSF
DVPSQNITPAGQDPTIVLVKSGDNNYLASNHITSNVAAKVVLDASTTATRVLHSATTAQLDALTTNHFMVATPSHHHHHH
;
_entity_poly.pdbx_strand_id   A,B,C
#
loop_
_chem_comp.id
_chem_comp.type
_chem_comp.name
_chem_comp.formula
EDO non-polymer 1,2-ETHANEDIOL 'C2 H6 O2'
FRU D-saccharide, beta linking beta-D-fructofuranose 'C6 H12 O6'
GLC D-saccharide, alpha linking alpha-D-glucopyranose 'C6 H12 O6'
MES non-polymer '2-(N-MORPHOLINO)-ETHANESULFONIC ACID' 'C6 H13 N O4 S'
PEG non-polymer DI(HYDROXYETHYL)ETHER 'C4 H10 O3'
Z9N D-saccharide, alpha linking alpha-D-fructofuranose 'C6 H12 O6'
#
# COMPACT_ATOMS: atom_id res chain seq x y z
N ALA A 2 28.95 -10.19 -12.39
CA ALA A 2 28.77 -9.39 -13.61
C ALA A 2 29.35 -7.99 -13.46
N ASP A 3 29.72 -7.40 -14.59
CA ASP A 3 30.29 -6.05 -14.59
C ASP A 3 29.25 -4.95 -14.61
N THR A 4 27.98 -5.29 -14.44
CA THR A 4 26.90 -4.31 -14.38
C THR A 4 26.55 -3.90 -12.96
N VAL A 5 27.34 -4.33 -11.97
CA VAL A 5 27.12 -3.99 -10.58
C VAL A 5 28.28 -3.13 -10.12
N TYR A 6 27.97 -1.95 -9.61
CA TYR A 6 28.97 -0.99 -9.18
C TYR A 6 28.66 -0.56 -7.75
N ASP A 7 29.71 -0.28 -7.00
CA ASP A 7 29.61 0.34 -5.68
C ASP A 7 30.48 1.59 -5.75
N VAL A 8 29.90 2.76 -5.42
CA VAL A 8 30.60 4.01 -5.63
C VAL A 8 31.87 4.10 -4.80
N THR A 9 31.98 3.32 -3.73
CA THR A 9 33.17 3.34 -2.87
C THR A 9 34.21 2.28 -3.20
N THR A 10 33.92 1.32 -4.08
CA THR A 10 34.90 0.30 -4.44
C THR A 10 35.23 0.24 -5.92
N TRP A 11 34.50 0.95 -6.77
CA TRP A 11 34.77 0.85 -8.20
C TRP A 11 36.13 1.46 -8.49
N ALA A 12 36.99 0.68 -9.15
CA ALA A 12 38.37 1.10 -9.36
C ALA A 12 38.53 2.15 -10.45
N GLY A 13 37.50 2.35 -11.30
CA GLY A 13 37.60 3.34 -12.35
C GLY A 13 37.37 4.76 -11.91
N ALA A 14 37.00 4.99 -10.65
CA ALA A 14 36.72 6.34 -10.19
C ALA A 14 38.01 7.15 -10.05
N THR A 15 38.02 8.38 -10.58
CA THR A 15 39.14 9.30 -10.48
C THR A 15 38.94 10.41 -9.44
N VAL A 16 37.80 10.40 -8.75
CA VAL A 16 37.48 11.33 -7.68
C VAL A 16 36.90 10.48 -6.56
N SER A 17 37.08 10.93 -5.31
CA SER A 17 36.47 10.25 -4.17
C SER A 17 34.96 10.51 -4.14
N PRO A 18 34.13 9.48 -3.95
CA PRO A 18 32.69 9.73 -3.85
C PRO A 18 32.32 10.55 -2.64
N TYR A 19 33.16 10.59 -1.62
CA TYR A 19 32.87 11.43 -0.46
C TYR A 19 33.03 12.90 -0.79
N VAL A 20 33.92 13.21 -1.74
CA VAL A 20 34.16 14.58 -2.17
C VAL A 20 33.15 15.01 -3.23
N ASP A 21 32.93 14.16 -4.24
CA ASP A 21 31.91 14.48 -5.24
C ASP A 21 31.34 13.17 -5.79
N ILE A 22 30.27 12.69 -5.13
CA ILE A 22 29.63 11.48 -5.61
C ILE A 22 28.99 11.70 -6.98
N GLY A 23 28.66 12.94 -7.32
CA GLY A 23 28.09 13.19 -8.63
C GLY A 23 29.06 12.88 -9.74
N ALA A 24 30.32 13.32 -9.57
CA ALA A 24 31.35 12.96 -10.55
C ALA A 24 31.55 11.45 -10.63
N VAL A 25 31.57 10.78 -9.49
CA VAL A 25 31.76 9.34 -9.52
C VAL A 25 30.61 8.67 -10.29
N ILE A 26 29.37 9.06 -9.99
CA ILE A 26 28.25 8.44 -10.69
C ILE A 26 28.29 8.75 -12.19
N ASN A 27 28.65 9.98 -12.56
CA ASN A 27 28.80 10.30 -13.98
C ASN A 27 29.88 9.43 -14.63
N GLN A 28 30.99 9.20 -13.93
CA GLN A 28 32.04 8.33 -14.47
C GLN A 28 31.54 6.90 -14.66
N ILE A 29 30.72 6.41 -13.72
CA ILE A 29 30.14 5.08 -13.87
C ILE A 29 29.23 5.02 -15.08
N ILE A 30 28.41 6.06 -15.27
CA ILE A 30 27.52 6.11 -16.42
C ILE A 30 28.32 6.09 -17.71
N ALA A 31 29.43 6.83 -17.74
CA ALA A 31 30.27 6.79 -18.93
C ALA A 31 30.83 5.39 -19.14
N ASP A 32 31.22 4.72 -18.06
CA ASP A 32 31.67 3.33 -18.18
C ASP A 32 30.57 2.43 -18.74
N ILE A 33 29.35 2.56 -18.23
CA ILE A 33 28.24 1.75 -18.72
C ILE A 33 28.08 1.94 -20.23
N LYS A 34 28.03 3.21 -20.67
CA LYS A 34 27.82 3.50 -22.07
C LYS A 34 28.97 2.97 -22.94
N SER A 35 30.18 2.92 -22.39
CA SER A 35 31.30 2.36 -23.14
C SER A 35 31.17 0.86 -23.34
N LYS A 36 30.44 0.18 -22.46
CA LYS A 36 30.28 -1.26 -22.51
C LYS A 36 28.96 -1.71 -23.12
N GLN A 37 27.95 -0.85 -23.12
CA GLN A 37 26.60 -1.20 -23.55
C GLN A 37 26.27 -0.27 -24.72
N THR A 38 26.53 -0.76 -25.94
CA THR A 38 26.72 0.11 -27.07
C THR A 38 25.73 -0.09 -28.22
N THR A 39 24.75 -0.98 -28.08
CA THR A 39 23.72 -1.14 -29.08
C THR A 39 22.37 -1.29 -28.42
N GLN A 40 21.32 -1.11 -29.22
CA GLN A 40 19.97 -1.05 -28.66
C GLN A 40 19.53 -2.39 -28.08
N THR A 41 20.22 -3.49 -28.40
CA THR A 41 19.91 -4.80 -27.85
C THR A 41 20.93 -5.26 -26.81
N THR A 42 21.88 -4.40 -26.43
CA THR A 42 22.89 -4.75 -25.44
C THR A 42 22.97 -3.68 -24.35
N ARG A 43 21.81 -3.12 -23.97
CA ARG A 43 21.74 -2.06 -22.97
C ARG A 43 20.78 -2.44 -21.84
N PRO A 44 21.11 -3.51 -21.11
CA PRO A 44 20.25 -3.94 -19.98
C PRO A 44 20.32 -3.00 -18.80
N GLY A 45 21.34 -2.15 -18.75
CA GLY A 45 21.48 -1.24 -17.63
C GLY A 45 22.45 -1.75 -16.57
N ALA A 46 22.26 -1.24 -15.35
CA ALA A 46 23.26 -1.43 -14.31
C ALA A 46 22.67 -1.09 -12.94
N VAL A 47 23.40 -1.44 -11.89
CA VAL A 47 23.08 -1.04 -10.53
C VAL A 47 24.27 -0.30 -9.95
N ILE A 48 23.98 0.83 -9.31
CA ILE A 48 24.97 1.57 -8.54
C ILE A 48 24.53 1.54 -7.08
N TYR A 49 25.34 0.91 -6.25
CA TYR A 49 25.09 0.85 -4.82
C TYR A 49 25.86 1.95 -4.10
N ILE A 50 25.18 2.62 -3.17
CA ILE A 50 25.76 3.66 -2.33
C ILE A 50 25.72 3.11 -0.90
N PRO A 51 26.85 2.67 -0.34
CA PRO A 51 26.83 2.22 1.05
C PRO A 51 26.50 3.36 2.00
N PRO A 52 26.16 3.05 3.24
CA PRO A 52 25.99 4.12 4.23
C PRO A 52 27.24 4.99 4.29
N GLY A 53 27.03 6.30 4.40
CA GLY A 53 28.13 7.25 4.37
C GLY A 53 27.60 8.65 4.13
N HIS A 54 28.47 9.63 4.39
CA HIS A 54 28.21 11.03 4.08
C HIS A 54 28.95 11.39 2.79
N TYR A 55 28.21 11.66 1.73
CA TYR A 55 28.79 11.95 0.43
C TYR A 55 28.37 13.34 -0.01
N ASP A 56 29.34 14.19 -0.36
CA ASP A 56 29.00 15.45 -0.98
C ASP A 56 28.77 15.23 -2.47
N LEU A 57 27.77 15.92 -3.03
CA LEU A 57 27.58 16.02 -4.46
C LEU A 57 27.91 17.45 -4.89
N LEU A 58 28.92 17.60 -5.74
CA LEU A 58 29.27 18.88 -6.33
C LEU A 58 28.87 19.01 -7.78
N THR A 59 28.80 17.89 -8.51
CA THR A 59 28.45 17.86 -9.92
C THR A 59 27.10 17.18 -10.13
N ARG A 60 26.20 17.87 -10.83
CA ARG A 60 24.94 17.26 -11.19
C ARG A 60 25.17 15.97 -11.96
N VAL A 61 24.41 14.94 -11.61
CA VAL A 61 24.41 13.69 -12.35
C VAL A 61 23.40 13.81 -13.47
N VAL A 62 23.78 13.39 -14.69
CA VAL A 62 22.85 13.34 -15.80
C VAL A 62 22.69 11.90 -16.24
N ILE A 63 21.45 11.41 -16.21
CA ILE A 63 21.12 10.03 -16.54
C ILE A 63 20.29 10.02 -17.82
N ASP A 64 20.80 9.36 -18.84
CA ASP A 64 20.02 9.08 -20.05
C ASP A 64 20.11 7.60 -20.40
N VAL A 65 20.30 6.79 -19.38
CA VAL A 65 20.42 5.34 -19.49
C VAL A 65 19.18 4.72 -18.86
N SER A 66 18.45 3.93 -19.64
CA SER A 66 17.29 3.22 -19.09
C SER A 66 17.76 2.09 -18.17
N PHE A 67 16.88 1.70 -17.25
CA PHE A 67 17.12 0.55 -16.36
C PHE A 67 18.34 0.74 -15.48
N LEU A 68 18.68 1.97 -15.15
CA LEU A 68 19.67 2.24 -14.13
C LEU A 68 19.00 2.26 -12.76
N GLN A 69 19.55 1.47 -11.84
CA GLN A 69 19.11 1.43 -10.45
C GLN A 69 20.20 2.07 -9.63
N ILE A 70 19.83 3.06 -8.82
CA ILE A 70 20.72 3.65 -7.85
C ILE A 70 20.09 3.39 -6.50
N LYS A 71 20.81 2.69 -5.63
CA LYS A 71 20.22 2.12 -4.43
C LYS A 71 21.16 2.27 -3.25
N GLY A 72 20.58 2.50 -2.08
CA GLY A 72 21.36 2.60 -0.87
C GLY A 72 20.79 1.76 0.26
N ALA A 73 21.11 2.16 1.49
CA ALA A 73 20.79 1.39 2.69
C ALA A 73 19.65 1.98 3.51
N GLY A 74 18.92 2.95 3.00
CA GLY A 74 17.78 3.47 3.76
C GLY A 74 17.55 4.94 3.49
N HIS A 75 16.43 5.42 4.03
CA HIS A 75 15.97 6.79 3.80
C HIS A 75 16.72 7.81 4.66
N GLY A 76 17.29 7.40 5.79
CA GLY A 76 18.27 8.23 6.48
C GLY A 76 17.75 9.53 7.07
N PHE A 77 16.45 9.66 7.30
CA PHE A 77 15.92 10.96 7.70
C PHE A 77 16.30 11.32 9.13
N LEU A 78 16.63 12.61 9.32
CA LEU A 78 16.72 13.26 10.61
C LEU A 78 16.10 14.64 10.42
N SER A 79 15.33 15.11 11.41
CA SER A 79 14.67 16.40 11.29
C SER A 79 15.68 17.52 11.45
N GLU A 80 16.14 18.07 10.33
CA GLU A 80 17.01 19.24 10.37
C GLU A 80 16.26 20.47 10.82
N ALA A 81 14.94 20.53 10.59
CA ALA A 81 14.15 21.64 11.14
C ALA A 81 14.20 21.66 12.66
N ILE A 82 14.00 20.50 13.31
CA ILE A 82 14.08 20.47 14.77
C ILE A 82 15.49 20.76 15.22
N ARG A 83 16.47 20.14 14.56
CA ARG A 83 17.87 20.41 14.90
C ARG A 83 18.15 21.90 14.90
N ASP A 84 17.69 22.60 13.86
CA ASP A 84 18.04 24.01 13.71
C ASP A 84 17.35 24.91 14.72
N GLU A 85 16.35 24.43 15.44
CA GLU A 85 15.76 25.18 16.54
C GLU A 85 16.12 24.63 17.91
N SER A 86 17.10 23.73 17.99
CA SER A 86 17.48 23.06 19.23
C SER A 86 18.92 23.44 19.59
N GLN A 87 19.30 23.08 20.82
CA GLN A 87 20.69 23.18 21.29
C GLN A 87 21.29 21.80 21.09
N THR A 88 22.19 21.67 20.13
CA THR A 88 22.59 20.36 19.63
C THR A 88 24.01 19.96 20.02
N GLY A 89 24.64 20.66 20.95
CA GLY A 89 26.02 20.35 21.31
C GLY A 89 26.23 18.92 21.76
N SER A 90 25.25 18.34 22.44
CA SER A 90 25.34 16.99 22.94
C SER A 90 24.52 15.99 22.12
N TRP A 91 23.98 16.38 20.97
CA TRP A 91 23.28 15.40 20.15
C TRP A 91 24.25 14.33 19.66
N VAL A 92 23.82 13.08 19.70
CA VAL A 92 24.70 12.02 19.23
C VAL A 92 24.98 12.19 17.74
N GLU A 93 23.97 12.59 16.98
CA GLU A 93 24.17 12.86 15.57
C GLU A 93 23.38 14.10 15.18
N THR A 94 23.93 14.88 14.24
CA THR A 94 23.30 16.11 13.82
C THR A 94 23.02 16.15 12.32
N LEU A 95 23.34 15.08 11.60
CA LEU A 95 23.10 15.02 10.16
C LEU A 95 22.18 13.86 9.81
N PRO A 96 21.35 13.99 8.77
CA PRO A 96 20.75 12.80 8.16
C PRO A 96 21.83 11.81 7.78
N GLY A 97 21.48 10.53 7.68
CA GLY A 97 22.46 9.49 7.45
C GLY A 97 22.02 8.44 6.46
N ALA A 98 22.34 7.19 6.77
CA ALA A 98 22.25 6.07 5.84
C ALA A 98 23.11 6.40 4.63
N SER A 99 22.62 6.18 3.42
CA SER A 99 23.35 6.48 2.19
C SER A 99 23.00 7.91 1.85
N HIS A 100 23.80 8.82 2.36
CA HIS A 100 23.43 10.23 2.53
C HIS A 100 24.17 11.13 1.53
N ILE A 101 23.46 11.65 0.55
CA ILE A 101 24.03 12.59 -0.42
C ILE A 101 23.68 14.01 0.01
N ARG A 102 24.73 14.79 0.30
N ARG A 102 24.73 14.80 0.24
CA ARG A 102 24.59 16.21 0.59
CA ARG A 102 24.59 16.21 0.59
C ARG A 102 24.65 16.95 -0.74
C ARG A 102 24.66 16.99 -0.71
N VAL A 103 23.53 17.60 -1.10
CA VAL A 103 23.42 18.25 -2.41
C VAL A 103 24.09 19.61 -2.28
N ARG A 104 25.27 19.76 -2.90
CA ARG A 104 26.11 20.94 -2.75
C ARG A 104 26.70 21.37 -4.09
N ASN A 105 25.90 21.36 -5.14
CA ASN A 105 26.37 21.69 -6.48
C ASN A 105 27.26 22.93 -6.46
N ASN A 106 28.40 22.81 -7.14
CA ASN A 106 29.24 23.97 -7.45
C ASN A 106 29.29 24.24 -8.94
N ASP A 107 28.43 23.60 -9.72
CA ASP A 107 28.46 23.65 -11.17
C ASP A 107 27.40 24.57 -11.76
N GLY A 108 26.70 25.35 -10.93
CA GLY A 108 25.69 26.26 -11.43
C GLY A 108 24.35 25.62 -11.72
N HIS A 109 24.19 24.33 -11.47
CA HIS A 109 22.91 23.66 -11.66
C HIS A 109 22.27 23.42 -10.29
N ASN A 110 20.94 23.31 -10.27
CA ASN A 110 20.26 23.17 -9.00
C ASN A 110 19.83 21.74 -8.67
N GLU A 111 19.89 20.81 -9.62
CA GLU A 111 19.51 19.42 -9.40
C GLU A 111 20.70 18.56 -9.01
N ALA A 112 20.48 17.66 -8.05
CA ALA A 112 21.43 16.59 -7.81
C ALA A 112 21.42 15.58 -8.97
N PHE A 113 20.22 15.14 -9.36
CA PHE A 113 20.04 14.22 -10.47
C PHE A 113 19.12 14.83 -11.50
N LEU A 114 19.57 14.88 -12.74
CA LEU A 114 18.75 15.21 -13.89
C LEU A 114 18.63 13.97 -14.76
N VAL A 115 17.42 13.50 -14.98
CA VAL A 115 17.17 12.35 -15.84
C VAL A 115 16.58 12.91 -17.13
N SER A 116 17.34 12.86 -18.20
CA SER A 116 16.92 13.52 -19.43
C SER A 116 17.67 12.93 -20.62
N ARG A 117 16.92 12.58 -21.65
CA ARG A 117 17.44 12.11 -22.93
C ARG A 117 17.03 13.10 -24.01
N THR A 118 17.97 13.40 -24.90
CA THR A 118 17.70 14.29 -26.01
C THR A 118 17.09 13.52 -27.16
N GLY A 119 16.15 14.15 -27.87
CA GLY A 119 15.55 13.57 -29.06
C GLY A 119 14.07 13.37 -28.92
N ALA A 120 13.35 13.25 -30.04
CA ALA A 120 11.93 12.94 -30.00
C ALA A 120 11.73 11.52 -29.49
N PRO A 121 10.84 11.30 -28.52
CA PRO A 121 10.66 9.93 -28.02
C PRO A 121 10.25 8.92 -29.07
N ALA A 122 9.51 9.32 -30.09
CA ALA A 122 9.16 8.35 -31.14
C ALA A 122 10.41 7.87 -31.88
N THR A 123 11.44 8.70 -31.93
CA THR A 123 12.65 8.40 -32.67
C THR A 123 13.71 7.71 -31.84
N VAL A 124 13.89 8.14 -30.57
CA VAL A 124 14.97 7.63 -29.73
C VAL A 124 14.48 6.75 -28.59
N GLY A 125 13.18 6.67 -28.38
CA GLY A 125 12.62 5.89 -27.27
C GLY A 125 12.48 6.73 -26.02
N ARG A 126 11.50 6.37 -25.20
CA ARG A 126 11.41 6.96 -23.87
C ARG A 126 12.52 6.39 -22.98
N LEU A 127 12.77 7.09 -21.88
CA LEU A 127 13.56 6.51 -20.79
C LEU A 127 12.68 5.59 -19.98
N ASN A 128 13.19 4.41 -19.68
CA ASN A 128 12.38 3.31 -19.12
C ASN A 128 12.92 2.84 -17.79
N SER A 129 12.02 2.72 -16.81
CA SER A 129 12.26 1.90 -15.61
C SER A 129 13.58 2.21 -14.93
N ILE A 130 13.91 3.49 -14.81
CA ILE A 130 14.97 3.95 -13.93
C ILE A 130 14.48 3.88 -12.49
N VAL A 131 15.33 3.40 -11.60
CA VAL A 131 14.95 3.09 -10.22
C VAL A 131 15.86 3.83 -9.25
N PHE A 132 15.26 4.64 -8.39
CA PHE A 132 15.94 5.26 -7.27
C PHE A 132 15.36 4.62 -6.01
N GLN A 133 16.21 3.98 -5.19
CA GLN A 133 15.71 3.22 -4.06
C GLN A 133 16.58 3.43 -2.83
N ASP A 134 15.94 3.71 -1.68
CA ASP A 134 16.59 3.55 -0.38
C ASP A 134 17.88 4.36 -0.25
N PHE A 135 17.86 5.63 -0.65
CA PHE A 135 18.93 6.53 -0.25
C PHE A 135 18.37 7.88 0.12
N CYS A 136 19.24 8.77 0.62
CA CYS A 136 18.84 10.05 1.18
C CYS A 136 19.44 11.19 0.36
N LEU A 137 18.58 12.11 -0.06
CA LEU A 137 18.98 13.37 -0.68
C LEU A 137 18.67 14.54 0.25
N ASP A 138 19.68 15.37 0.52
CA ASP A 138 19.65 16.35 1.59
C ASP A 138 20.22 17.67 1.11
N GLY A 139 19.45 18.75 1.21
CA GLY A 139 19.92 20.08 0.84
C GLY A 139 20.79 20.78 1.86
N VAL A 140 20.99 20.17 3.03
N VAL A 140 20.99 20.17 3.03
CA VAL A 140 22.01 20.54 4.02
CA VAL A 140 22.01 20.54 4.02
C VAL A 140 21.60 21.73 4.89
C VAL A 140 21.60 21.73 4.89
N ASN A 141 21.23 22.84 4.28
CA ASN A 141 20.78 24.02 5.00
C ASN A 141 19.62 24.64 4.26
N ALA A 142 18.59 25.02 5.00
CA ALA A 142 17.37 25.57 4.42
C ALA A 142 16.58 26.20 5.55
N SER A 143 15.69 27.13 5.18
CA SER A 143 14.82 27.81 6.12
C SER A 143 13.38 27.74 5.63
N LYS A 144 12.46 27.60 6.58
CA LYS A 144 11.05 27.49 6.25
C LYS A 144 10.59 28.71 5.45
N PRO A 145 9.72 28.52 4.46
CA PRO A 145 9.06 27.28 4.04
C PRO A 145 9.80 26.55 2.95
N TYR A 146 11.09 26.82 2.74
CA TYR A 146 11.96 26.04 1.86
C TYR A 146 11.68 26.26 0.40
N LEU A 147 10.88 27.26 0.05
CA LEU A 147 10.56 27.55 -1.33
C LEU A 147 10.27 29.04 -1.39
N PRO A 148 11.05 29.82 -2.14
CA PRO A 148 12.18 29.43 -3.00
C PRO A 148 13.33 28.73 -2.25
N GLY A 149 13.48 29.03 -0.98
CA GLY A 149 14.47 28.37 -0.13
C GLY A 149 15.86 28.39 -0.71
N ASN A 150 16.51 27.23 -0.67
CA ASN A 150 17.88 27.08 -1.15
C ASN A 150 17.94 26.75 -2.63
N GLY A 151 16.79 26.67 -3.30
CA GLY A 151 16.72 26.42 -4.72
C GLY A 151 17.12 25.03 -5.18
N LYS A 152 17.37 24.10 -4.27
CA LYS A 152 17.90 22.79 -4.62
C LYS A 152 16.80 21.79 -4.93
N THR A 153 17.05 20.96 -5.93
CA THR A 153 16.14 19.89 -6.38
C THR A 153 16.84 18.55 -6.22
N GLY A 154 16.14 17.57 -5.67
CA GLY A 154 16.70 16.24 -5.56
C GLY A 154 16.84 15.48 -6.87
N ILE A 155 15.71 15.08 -7.45
CA ILE A 155 15.66 14.33 -8.69
C ILE A 155 14.67 15.02 -9.60
N SER A 156 15.09 15.26 -10.85
CA SER A 156 14.25 15.89 -11.85
C SER A 156 14.32 15.09 -13.14
N PHE A 157 13.19 14.55 -13.58
CA PHE A 157 13.07 13.88 -14.86
C PHE A 157 12.53 14.91 -15.85
N GLN A 158 13.28 15.18 -16.93
CA GLN A 158 12.94 16.28 -17.83
C GLN A 158 12.72 15.84 -19.27
N SER A 159 12.59 14.53 -19.50
CA SER A 159 12.21 14.01 -20.80
C SER A 159 11.28 12.81 -20.58
N ASP A 160 10.56 12.44 -21.63
CA ASP A 160 9.45 11.50 -21.47
C ASP A 160 9.93 10.15 -20.97
N ASN A 161 9.15 9.55 -20.07
CA ASN A 161 9.63 8.41 -19.32
C ASN A 161 8.49 7.45 -19.05
N ASP A 162 8.82 6.17 -18.91
CA ASP A 162 7.86 5.11 -18.69
C ASP A 162 8.31 4.23 -17.54
N ALA A 163 7.40 3.99 -16.61
CA ALA A 163 7.57 3.02 -15.54
C ALA A 163 8.76 3.33 -14.63
N VAL A 164 9.08 4.60 -14.43
CA VAL A 164 10.13 4.92 -13.45
C VAL A 164 9.64 4.61 -12.05
N ARG A 165 10.59 4.56 -11.12
CA ARG A 165 10.29 4.01 -9.80
C ARG A 165 11.16 4.74 -8.78
N ILE A 166 10.53 5.39 -7.83
N ILE A 166 10.52 5.42 -7.85
CA ILE A 166 11.19 6.10 -6.74
CA ILE A 166 11.16 6.11 -6.74
C ILE A 166 10.63 5.51 -5.46
C ILE A 166 10.61 5.45 -5.48
N GLU A 167 11.45 4.75 -4.74
CA GLU A 167 10.99 3.92 -3.64
C GLU A 167 11.88 3.94 -2.42
N GLY A 168 11.28 4.10 -1.23
CA GLY A 168 12.04 3.92 -0.01
C GLY A 168 13.02 5.02 0.29
N MET A 169 12.93 6.13 -0.42
CA MET A 169 13.90 7.21 -0.31
C MET A 169 13.60 8.12 0.84
N GLY A 170 14.63 8.88 1.21
CA GLY A 170 14.49 10.05 2.04
C GLY A 170 14.88 11.29 1.27
N PHE A 171 14.09 12.34 1.42
CA PHE A 171 14.39 13.65 0.86
C PHE A 171 14.17 14.69 1.95
N VAL A 172 15.13 15.61 2.14
CA VAL A 172 15.02 16.59 3.21
C VAL A 172 15.77 17.86 2.81
N TYR A 173 15.20 19.01 3.20
CA TYR A 173 15.86 20.30 3.06
C TYR A 173 16.15 20.67 1.59
N LEU A 174 15.21 20.30 0.71
CA LEU A 174 15.27 20.65 -0.69
C LEU A 174 14.08 21.53 -1.04
N ALA A 175 14.29 22.47 -1.97
CA ALA A 175 13.18 23.24 -2.50
C ALA A 175 12.18 22.34 -3.24
N HIS A 176 12.69 21.40 -4.04
CA HIS A 176 11.88 20.44 -4.78
C HIS A 176 12.49 19.08 -4.55
N ALA A 177 11.75 18.17 -3.91
CA ALA A 177 12.28 16.82 -3.73
C ALA A 177 12.32 16.05 -5.05
N LEU A 178 11.16 15.88 -5.68
CA LEU A 178 11.01 15.05 -6.87
C LEU A 178 10.14 15.78 -7.89
N ILE A 179 10.68 15.90 -9.12
CA ILE A 179 9.99 16.49 -10.26
C ILE A 179 10.04 15.46 -11.38
N ILE A 180 8.89 15.10 -11.93
CA ILE A 180 8.84 14.23 -13.09
C ILE A 180 7.98 14.89 -14.15
N LYS A 181 8.58 15.22 -15.29
CA LYS A 181 7.87 15.76 -16.44
C LYS A 181 7.56 14.65 -17.42
N GLY A 182 6.33 14.65 -17.93
CA GLY A 182 5.96 13.72 -18.98
C GLY A 182 6.06 12.26 -18.60
N ALA A 183 5.55 11.94 -17.43
CA ALA A 183 5.67 10.61 -16.88
C ALA A 183 4.49 9.72 -17.27
N ASP A 184 4.81 8.51 -17.71
CA ASP A 184 3.83 7.46 -17.96
C ASP A 184 4.09 6.37 -16.92
N ALA A 185 3.04 6.00 -16.16
CA ALA A 185 3.08 4.95 -15.15
C ALA A 185 4.27 5.05 -14.20
N PRO A 186 4.60 6.23 -13.68
CA PRO A 186 5.61 6.31 -12.62
C PRO A 186 5.08 5.73 -11.33
N ASN A 187 6.00 5.19 -10.53
CA ASN A 187 5.67 4.55 -9.26
C ASN A 187 6.47 5.28 -8.18
N ILE A 188 5.78 6.00 -7.32
CA ILE A 188 6.40 6.79 -6.27
C ILE A 188 5.83 6.24 -4.97
N THR A 189 6.62 5.42 -4.27
CA THR A 189 6.07 4.59 -3.20
C THR A 189 7.03 4.43 -2.03
N ASN A 190 6.49 4.43 -0.82
CA ASN A 190 7.23 4.11 0.39
C ASN A 190 8.35 5.10 0.67
N ASN A 191 8.19 6.36 0.26
CA ASN A 191 9.21 7.35 0.51
C ASN A 191 8.94 8.16 1.77
N PHE A 192 9.96 8.90 2.20
CA PHE A 192 9.89 9.80 3.35
C PHE A 192 10.41 11.14 2.86
N ILE A 193 9.50 12.05 2.55
CA ILE A 193 9.85 13.37 2.02
C ILE A 193 9.39 14.39 3.04
N ALA A 194 10.32 15.17 3.58
CA ALA A 194 9.95 16.06 4.66
C ALA A 194 10.83 17.30 4.69
N GLU A 195 10.27 18.40 5.16
CA GLU A 195 11.02 19.65 5.32
C GLU A 195 11.61 20.05 3.98
N CYS A 196 10.77 19.95 2.94
CA CYS A 196 11.05 20.39 1.59
C CYS A 196 9.99 21.41 1.17
N GLY A 197 10.32 22.20 0.15
CA GLY A 197 9.37 23.17 -0.35
C GLY A 197 8.15 22.53 -0.98
N SER A 198 8.38 21.60 -1.89
CA SER A 198 7.38 20.74 -2.50
C SER A 198 7.93 19.32 -2.47
N SER A 199 7.03 18.34 -2.45
CA SER A 199 7.44 16.93 -2.39
C SER A 199 7.44 16.26 -3.76
N ILE A 200 6.30 16.26 -4.46
CA ILE A 200 6.18 15.60 -5.75
C ILE A 200 5.51 16.55 -6.73
N GLU A 201 6.16 16.79 -7.87
CA GLU A 201 5.59 17.60 -8.95
C GLU A 201 5.61 16.79 -10.23
N LEU A 202 4.41 16.52 -10.79
CA LEU A 202 4.23 15.79 -12.04
C LEU A 202 3.87 16.84 -13.08
N THR A 203 4.87 17.30 -13.83
CA THR A 203 4.75 18.49 -14.67
C THR A 203 4.58 18.10 -16.12
N GLY A 204 4.11 19.07 -16.92
CA GLY A 204 3.85 18.88 -18.34
C GLY A 204 2.55 18.14 -18.53
N ALA A 205 2.59 16.84 -18.26
CA ALA A 205 1.46 15.95 -18.27
C ALA A 205 1.91 14.66 -17.62
N SER A 206 0.94 13.85 -17.19
CA SER A 206 1.24 12.52 -16.72
C SER A 206 0.10 11.60 -17.06
N GLN A 207 0.44 10.31 -17.12
CA GLN A 207 -0.52 9.24 -17.38
C GLN A 207 -0.33 8.16 -16.32
N VAL A 208 -1.42 7.82 -15.61
CA VAL A 208 -1.50 6.74 -14.62
C VAL A 208 -0.31 6.72 -13.63
N ALA A 209 0.02 7.86 -13.07
CA ALA A 209 0.98 7.87 -11.99
C ALA A 209 0.38 7.17 -10.77
N LYS A 210 1.23 6.49 -10.01
CA LYS A 210 0.85 5.83 -8.78
C LYS A 210 1.68 6.37 -7.63
N ILE A 211 1.03 7.03 -6.69
CA ILE A 211 1.68 7.64 -5.54
C ILE A 211 1.08 7.02 -4.30
N THR A 212 1.83 6.11 -3.66
CA THR A 212 1.29 5.27 -2.61
C THR A 212 2.24 5.16 -1.43
N ASN A 213 1.66 5.08 -0.23
CA ASN A 213 2.40 4.61 0.94
C ASN A 213 3.58 5.51 1.27
N ASN A 214 3.46 6.82 1.02
CA ASN A 214 4.53 7.76 1.34
C ASN A 214 4.19 8.57 2.58
N PHE A 215 5.25 9.08 3.22
CA PHE A 215 5.16 10.24 4.10
C PHE A 215 5.54 11.46 3.26
N LEU A 216 4.65 12.44 3.17
CA LEU A 216 4.88 13.70 2.43
C LEU A 216 4.65 14.85 3.39
N ILE A 217 5.74 15.56 3.71
CA ILE A 217 5.76 16.55 4.79
C ILE A 217 6.42 17.84 4.34
N SER A 218 6.10 18.28 3.13
CA SER A 218 6.52 19.59 2.64
C SER A 218 5.70 20.70 3.26
N ALA A 219 6.22 21.94 3.16
CA ALA A 219 5.68 23.09 3.85
C ALA A 219 4.72 23.89 2.96
N TRP A 220 4.36 25.10 3.40
CA TRP A 220 3.13 25.76 3.00
C TRP A 220 3.24 26.62 1.74
N ALA A 221 4.43 26.76 1.15
CA ALA A 221 4.59 27.56 -0.05
C ALA A 221 4.50 26.75 -1.33
N GLY A 222 4.66 25.44 -1.23
CA GLY A 222 4.63 24.57 -2.37
C GLY A 222 3.51 23.56 -2.30
N TYR A 223 3.78 22.35 -2.81
CA TYR A 223 2.75 21.33 -2.95
C TYR A 223 3.29 20.01 -2.42
N SER A 224 2.42 19.25 -1.75
CA SER A 224 2.76 17.87 -1.45
C SER A 224 2.74 17.05 -2.73
N ILE A 225 1.67 17.20 -3.51
CA ILE A 225 1.57 16.62 -4.84
C ILE A 225 0.97 17.68 -5.74
N PHE A 226 1.70 18.06 -6.79
CA PHE A 226 1.19 18.90 -7.85
C PHE A 226 1.21 18.07 -9.12
N ALA A 227 0.09 18.03 -9.82
CA ALA A 227 0.02 17.32 -11.08
C ALA A 227 -0.80 18.14 -12.05
N GLU A 228 -0.21 18.48 -13.20
CA GLU A 228 -0.96 19.16 -14.25
C GLU A 228 -1.11 18.23 -15.46
N ASN A 229 -2.26 18.34 -16.12
CA ASN A 229 -2.61 17.45 -17.24
C ASN A 229 -2.37 16.00 -16.86
N ALA A 230 -2.86 15.63 -15.69
CA ALA A 230 -2.70 14.28 -15.18
C ALA A 230 -3.96 13.49 -15.48
N GLU A 231 -3.81 12.41 -16.25
CA GLU A 231 -4.89 11.45 -16.45
C GLU A 231 -4.67 10.25 -15.54
N GLY A 232 -5.70 9.87 -14.79
CA GLY A 232 -5.65 8.58 -14.11
C GLY A 232 -4.72 8.47 -12.91
N LEU A 233 -4.40 9.58 -12.25
CA LEU A 233 -3.54 9.55 -11.08
C LEU A 233 -4.16 8.72 -9.97
N GLN A 234 -3.35 7.90 -9.31
CA GLN A 234 -3.77 7.21 -8.12
C GLN A 234 -2.94 7.69 -6.94
N ILE A 235 -3.63 8.13 -5.90
CA ILE A 235 -2.98 8.64 -4.70
C ILE A 235 -3.65 7.92 -3.53
N SER A 236 -2.94 6.98 -2.91
CA SER A 236 -3.57 6.23 -1.84
C SER A 236 -2.55 5.72 -0.81
N GLY A 237 -3.01 5.57 0.43
CA GLY A 237 -2.18 5.03 1.48
C GLY A 237 -1.10 5.97 1.97
N ASN A 238 -1.18 7.25 1.65
CA ASN A 238 -0.16 8.20 2.06
C ASN A 238 -0.54 8.89 3.35
N THR A 239 0.48 9.30 4.10
CA THR A 239 0.34 10.21 5.25
C THR A 239 0.97 11.51 4.79
N ILE A 240 0.12 12.53 4.60
CA ILE A 240 0.52 13.83 4.06
C ILE A 240 0.24 14.87 5.13
N LEU A 241 1.30 15.56 5.59
CA LEU A 241 1.27 16.31 6.84
C LEU A 241 1.81 17.71 6.65
N TRP A 242 1.72 18.50 7.73
CA TRP A 242 2.19 19.89 7.86
C TRP A 242 1.37 20.86 7.03
N ALA A 243 1.53 20.75 5.72
CA ALA A 243 0.86 21.62 4.76
C ALA A 243 0.34 20.79 3.59
N CYS A 244 -0.38 19.74 3.90
CA CYS A 244 -0.91 18.88 2.86
C CYS A 244 -1.59 19.73 1.80
N ASN A 245 -1.14 19.58 0.55
CA ASN A 245 -1.73 20.29 -0.58
C ASN A 245 -1.51 19.40 -1.79
N ILE A 246 -2.59 18.75 -2.21
CA ILE A 246 -2.67 18.00 -3.45
C ILE A 246 -3.41 18.89 -4.44
N THR A 247 -2.70 19.42 -5.45
CA THR A 247 -3.30 20.26 -6.46
C THR A 247 -3.24 19.53 -7.79
N LEU A 248 -4.40 19.32 -8.39
CA LEU A 248 -4.55 18.87 -9.76
C LEU A 248 -4.91 20.07 -10.62
N SER A 249 -4.15 20.30 -11.68
CA SER A 249 -4.42 21.34 -12.67
C SER A 249 -4.79 20.62 -13.95
N SER A 250 -6.06 20.67 -14.33
N SER A 250 -6.07 20.65 -14.31
CA SER A 250 -6.56 19.88 -15.45
CA SER A 250 -6.58 19.88 -15.44
C SER A 250 -6.21 18.40 -15.23
C SER A 250 -6.30 18.39 -15.27
N GLY A 251 -6.60 17.88 -14.08
CA GLY A 251 -6.45 16.48 -13.77
C GLY A 251 -7.82 15.80 -13.82
N ASN A 252 -7.86 14.64 -14.44
CA ASN A 252 -9.11 13.92 -14.64
C ASN A 252 -8.96 12.45 -14.30
N ARG A 253 -10.02 11.87 -13.77
CA ARG A 253 -10.09 10.43 -13.51
C ARG A 253 -9.04 9.99 -12.48
N ALA A 254 -8.71 10.88 -11.56
CA ALA A 254 -7.86 10.51 -10.44
C ALA A 254 -8.65 9.75 -9.39
N SER A 255 -7.94 8.93 -8.63
CA SER A 255 -8.49 8.18 -7.50
C SER A 255 -7.64 8.53 -6.29
N ILE A 256 -8.23 9.32 -5.38
CA ILE A 256 -7.54 9.83 -4.20
C ILE A 256 -8.25 9.24 -3.00
N THR A 257 -7.68 8.17 -2.45
CA THR A 257 -8.40 7.33 -1.51
C THR A 257 -7.48 6.83 -0.41
N SER A 258 -8.07 6.57 0.74
CA SER A 258 -7.36 5.92 1.84
C SER A 258 -6.06 6.63 2.17
N ASN A 259 -6.13 7.96 2.32
CA ASN A 259 -5.02 8.75 2.80
C ASN A 259 -5.37 9.44 4.12
N LYS A 260 -4.31 9.70 4.89
CA LYS A 260 -4.35 10.54 6.08
C LYS A 260 -3.78 11.88 5.66
N LEU A 261 -4.59 12.94 5.73
CA LEU A 261 -4.29 14.24 5.15
C LEU A 261 -4.41 15.31 6.22
N LEU A 262 -3.35 16.07 6.44
CA LEU A 262 -3.35 17.08 7.48
C LEU A 262 -2.64 18.32 7.00
N SER A 263 -3.24 19.48 7.30
CA SER A 263 -2.60 20.75 7.01
C SER A 263 -2.91 21.77 8.08
N ASN A 264 -2.00 22.74 8.21
CA ASN A 264 -2.22 23.96 9.00
C ASN A 264 -2.75 25.09 8.14
N PHE A 265 -3.12 24.80 6.90
CA PHE A 265 -3.50 25.78 5.89
C PHE A 265 -4.64 25.25 5.06
N PRO A 266 -5.32 26.12 4.33
CA PRO A 266 -6.33 25.64 3.36
C PRO A 266 -5.72 24.87 2.21
N SER A 267 -6.58 24.36 1.32
N SER A 267 -6.59 24.37 1.33
CA SER A 267 -6.19 23.70 0.08
CA SER A 267 -6.17 23.71 0.08
C SER A 267 -5.52 22.34 0.29
C SER A 267 -5.47 22.38 0.35
N GLN A 268 -6.13 21.51 1.12
CA GLN A 268 -5.64 20.14 1.24
C GLN A 268 -5.78 19.38 -0.08
N ILE A 269 -6.89 19.55 -0.78
CA ILE A 269 -7.02 19.11 -2.17
C ILE A 269 -7.63 20.25 -2.97
N ALA A 270 -7.00 20.61 -4.07
CA ALA A 270 -7.52 21.59 -5.00
C ALA A 270 -7.62 20.95 -6.37
N LEU A 271 -8.82 20.86 -6.89
CA LEU A 271 -9.09 20.39 -8.24
C LEU A 271 -9.30 21.65 -9.08
N LEU A 272 -8.26 22.03 -9.83
CA LEU A 272 -8.25 23.32 -10.50
C LEU A 272 -8.29 23.16 -12.01
N ASN A 273 -8.63 24.24 -12.69
CA ASN A 273 -8.53 24.31 -14.15
C ASN A 273 -9.28 23.15 -14.80
N ASN A 274 -10.55 23.03 -14.44
CA ASN A 274 -11.47 22.06 -15.02
C ASN A 274 -10.98 20.63 -14.81
N SER A 275 -10.78 20.28 -13.54
CA SER A 275 -10.40 18.93 -13.14
C SER A 275 -11.68 18.14 -12.86
N SER A 276 -11.90 17.06 -13.62
CA SER A 276 -13.20 16.38 -13.62
C SER A 276 -13.11 14.89 -13.36
N GLU A 277 -14.23 14.34 -12.87
CA GLU A 277 -14.41 12.91 -12.70
C GLU A 277 -13.30 12.32 -11.83
N ASN A 278 -12.94 13.04 -10.77
CA ASN A 278 -11.99 12.57 -9.78
C ASN A 278 -12.72 12.09 -8.52
N LEU A 279 -12.21 11.02 -7.92
CA LEU A 279 -12.74 10.43 -6.71
C LEU A 279 -11.88 10.84 -5.53
N ILE A 280 -12.53 11.32 -4.48
CA ILE A 280 -11.93 11.61 -3.18
C ILE A 280 -12.75 10.80 -2.18
N SER A 281 -12.22 9.66 -1.74
CA SER A 281 -13.02 8.76 -0.93
C SER A 281 -12.21 8.12 0.18
N ALA A 282 -12.82 7.94 1.35
CA ALA A 282 -12.19 7.24 2.46
C ALA A 282 -10.86 7.88 2.87
N ASN A 283 -10.84 9.22 2.97
CA ASN A 283 -9.69 9.94 3.49
C ASN A 283 -10.06 10.66 4.78
N HIS A 284 -9.10 10.73 5.69
CA HIS A 284 -9.25 11.59 6.85
C HIS A 284 -8.58 12.92 6.59
N PHE A 285 -9.35 14.01 6.65
CA PHE A 285 -8.82 15.35 6.51
C PHE A 285 -8.82 16.06 7.85
N ARG A 286 -7.67 16.60 8.24
CA ARG A 286 -7.54 17.38 9.48
C ARG A 286 -6.93 18.73 9.14
N ARG A 287 -7.63 19.81 9.50
CA ARG A 287 -7.13 21.16 9.39
C ARG A 287 -6.93 21.69 10.79
N VAL A 288 -5.71 22.16 11.07
CA VAL A 288 -5.32 22.75 12.33
C VAL A 288 -4.61 24.08 12.05
N HIS A 289 -4.06 24.72 13.08
CA HIS A 289 -3.42 26.02 12.90
C HIS A 289 -2.17 26.12 13.76
N GLY A 290 -1.19 26.85 13.24
CA GLY A 290 -0.10 27.37 14.05
C GLY A 290 1.27 26.86 13.72
N ASP A 291 1.39 25.76 12.99
CA ASP A 291 2.70 25.20 12.61
C ASP A 291 3.13 25.91 11.33
N GLY A 292 3.59 27.15 11.50
CA GLY A 292 3.77 28.08 10.40
C GLY A 292 2.50 28.87 10.15
N THR A 293 2.68 30.03 9.54
CA THR A 293 1.54 30.84 9.12
C THR A 293 1.77 31.35 7.71
N SER A 294 0.67 31.58 7.01
CA SER A 294 0.73 32.00 5.62
C SER A 294 -0.57 32.71 5.27
N THR A 295 -0.46 33.65 4.36
CA THR A 295 -1.65 34.24 3.74
C THR A 295 -1.83 33.80 2.29
N ARG A 296 -1.16 32.72 1.88
CA ARG A 296 -1.31 32.23 0.53
C ARG A 296 -2.78 31.95 0.18
N PHE A 297 -3.50 31.30 1.09
CA PHE A 297 -4.92 31.09 0.96
C PHE A 297 -5.61 31.63 2.19
N ASP A 298 -6.85 32.08 2.04
CA ASP A 298 -7.69 32.35 3.21
C ASP A 298 -8.60 31.15 3.45
N ASP A 299 -9.31 31.18 4.57
CA ASP A 299 -10.07 30.01 5.00
C ASP A 299 -11.38 29.81 4.23
N LYS A 300 -11.70 30.69 3.29
CA LYS A 300 -12.78 30.47 2.35
C LYS A 300 -12.34 29.68 1.13
N PHE A 301 -11.06 29.35 1.00
CA PHE A 301 -10.60 28.60 -0.17
C PHE A 301 -11.12 27.16 -0.16
N GLY A 302 -11.22 26.58 1.02
CA GLY A 302 -11.70 25.23 1.21
C GLY A 302 -10.60 24.30 1.69
N MET A 303 -10.98 23.34 2.53
CA MET A 303 -10.14 22.18 2.76
C MET A 303 -10.04 21.38 1.47
N VAL A 304 -11.16 21.24 0.76
CA VAL A 304 -11.22 20.77 -0.62
C VAL A 304 -11.82 21.90 -1.46
N HIS A 305 -11.20 22.17 -2.62
CA HIS A 305 -11.61 23.23 -3.53
C HIS A 305 -11.83 22.58 -4.89
N ILE A 306 -13.01 22.75 -5.48
CA ILE A 306 -13.39 22.06 -6.72
C ILE A 306 -13.73 23.07 -7.81
N ALA A 307 -12.99 23.02 -8.92
CA ALA A 307 -13.28 23.75 -10.15
C ALA A 307 -13.23 22.73 -11.29
N GLY A 308 -14.38 22.11 -11.58
CA GLY A 308 -14.43 21.02 -12.52
C GLY A 308 -15.75 20.30 -12.39
N ASN A 309 -15.92 19.28 -13.22
CA ASN A 309 -17.20 18.58 -13.33
C ASN A 309 -17.17 17.17 -12.78
N LYS A 310 -18.32 16.73 -12.26
CA LYS A 310 -18.57 15.30 -12.08
C LYS A 310 -17.57 14.64 -11.13
N ASN A 311 -17.02 15.39 -10.17
CA ASN A 311 -16.16 14.82 -9.16
C ASN A 311 -17.01 14.16 -8.07
N THR A 312 -16.39 13.29 -7.27
CA THR A 312 -17.07 12.44 -6.32
C THR A 312 -16.32 12.48 -5.00
N VAL A 313 -17.01 12.88 -3.95
CA VAL A 313 -16.42 13.05 -2.61
C VAL A 313 -17.26 12.24 -1.65
N THR A 314 -16.74 11.10 -1.20
CA THR A 314 -17.53 10.13 -0.42
C THR A 314 -16.76 9.54 0.75
N GLY A 315 -17.45 9.36 1.87
CA GLY A 315 -16.88 8.54 2.91
C GLY A 315 -15.68 9.12 3.62
N ASN A 316 -15.54 10.44 3.62
CA ASN A 316 -14.41 11.12 4.26
C ASN A 316 -14.85 11.71 5.59
N GLN A 317 -13.87 12.01 6.44
CA GLN A 317 -14.07 12.92 7.56
C GLN A 317 -13.35 14.23 7.28
N PHE A 318 -14.03 15.34 7.52
CA PHE A 318 -13.43 16.68 7.48
C PHE A 318 -13.44 17.18 8.91
N SER A 319 -12.27 17.23 9.53
CA SER A 319 -12.11 17.66 10.92
C SER A 319 -11.32 18.98 10.92
N PHE A 320 -11.93 20.03 11.48
CA PHE A 320 -11.40 21.39 11.38
C PHE A 320 -11.31 21.98 12.79
N ASP A 321 -10.13 22.45 13.17
CA ASP A 321 -9.93 23.05 14.51
C ASP A 321 -8.97 24.23 14.37
N VAL A 322 -9.54 25.42 14.19
CA VAL A 322 -8.74 26.64 14.07
C VAL A 322 -9.36 27.65 15.03
N PRO A 323 -8.62 28.26 15.93
CA PRO A 323 -9.21 29.25 16.83
C PRO A 323 -9.85 30.38 16.03
N SER A 324 -11.02 30.85 16.50
N SER A 324 -11.02 30.84 16.50
CA SER A 324 -11.80 31.82 15.75
CA SER A 324 -11.81 31.82 15.76
C SER A 324 -10.98 33.07 15.43
C SER A 324 -10.98 33.05 15.44
N GLN A 325 -10.14 33.49 16.38
CA GLN A 325 -9.35 34.69 16.16
C GLN A 325 -8.29 34.54 15.06
N ASN A 326 -8.01 33.31 14.62
CA ASN A 326 -7.05 33.07 13.55
C ASN A 326 -7.71 32.71 12.23
N ILE A 327 -9.02 32.71 12.17
CA ILE A 327 -9.71 32.43 10.92
C ILE A 327 -9.71 33.67 10.03
N THR A 328 -9.53 33.46 8.73
CA THR A 328 -9.51 34.55 7.77
C THR A 328 -10.53 34.30 6.66
N PRO A 329 -11.18 35.35 6.16
CA PRO A 329 -11.19 36.71 6.72
C PRO A 329 -11.80 36.70 8.10
N ALA A 330 -11.42 37.66 8.93
CA ALA A 330 -11.83 37.69 10.32
C ALA A 330 -13.34 37.67 10.44
N GLY A 331 -13.84 36.82 11.33
CA GLY A 331 -15.25 36.75 11.63
C GLY A 331 -16.09 35.96 10.65
N GLN A 332 -15.51 35.44 9.59
N GLN A 332 -15.50 35.44 9.57
CA GLN A 332 -16.28 34.73 8.58
CA GLN A 332 -16.25 34.73 8.55
C GLN A 332 -16.21 33.23 8.81
C GLN A 332 -16.17 33.22 8.76
N ASP A 333 -17.26 32.54 8.40
CA ASP A 333 -17.33 31.10 8.57
C ASP A 333 -16.38 30.40 7.60
N PRO A 334 -15.51 29.52 8.08
CA PRO A 334 -14.57 28.86 7.17
C PRO A 334 -15.29 27.85 6.30
N THR A 335 -14.64 27.54 5.17
CA THR A 335 -15.21 26.65 4.17
C THR A 335 -14.56 25.27 4.21
N ILE A 336 -15.40 24.24 4.31
CA ILE A 336 -14.92 22.87 4.28
C ILE A 336 -14.68 22.43 2.85
N VAL A 337 -15.73 22.46 2.03
CA VAL A 337 -15.62 22.22 0.60
C VAL A 337 -16.15 23.45 -0.12
N LEU A 338 -15.34 24.01 -1.03
CA LEU A 338 -15.79 25.06 -1.92
C LEU A 338 -15.95 24.43 -3.29
N VAL A 339 -17.18 24.35 -3.77
CA VAL A 339 -17.44 23.99 -5.16
C VAL A 339 -17.48 25.33 -5.89
N LYS A 340 -16.32 25.70 -6.46
CA LYS A 340 -16.12 27.02 -7.06
C LYS A 340 -16.76 27.13 -8.43
N SER A 341 -16.73 26.07 -9.22
CA SER A 341 -17.36 26.04 -10.52
C SER A 341 -17.53 24.59 -10.92
N GLY A 342 -18.42 24.36 -11.88
CA GLY A 342 -18.59 23.05 -12.50
C GLY A 342 -19.97 22.46 -12.28
N ASP A 343 -20.16 21.32 -12.95
CA ASP A 343 -21.44 20.67 -13.12
C ASP A 343 -21.41 19.25 -12.56
N ASN A 344 -22.47 18.89 -11.84
CA ASN A 344 -22.74 17.51 -11.46
C ASN A 344 -21.69 16.94 -10.50
N ASN A 345 -21.07 17.78 -9.70
CA ASN A 345 -20.24 17.28 -8.62
C ASN A 345 -21.12 16.63 -7.55
N TYR A 346 -20.54 15.68 -6.84
CA TYR A 346 -21.30 14.82 -5.93
C TYR A 346 -20.56 14.66 -4.60
N LEU A 347 -21.24 14.99 -3.51
CA LEU A 347 -20.72 14.83 -2.16
C LEU A 347 -21.71 13.94 -1.42
N ALA A 348 -21.24 12.83 -0.88
CA ALA A 348 -22.13 11.95 -0.11
C ALA A 348 -21.43 11.28 1.05
N SER A 349 -22.15 11.11 2.15
CA SER A 349 -21.68 10.32 3.29
C SER A 349 -20.33 10.80 3.80
N ASN A 350 -20.19 12.10 3.97
CA ASN A 350 -19.04 12.69 4.63
C ASN A 350 -19.49 13.30 5.95
N HIS A 351 -18.61 13.22 6.95
CA HIS A 351 -18.87 13.79 8.26
C HIS A 351 -18.00 15.03 8.46
N ILE A 352 -18.62 16.16 8.77
CA ILE A 352 -17.93 17.43 8.98
C ILE A 352 -18.00 17.77 10.46
N THR A 353 -16.84 17.84 11.10
CA THR A 353 -16.75 18.21 12.50
C THR A 353 -15.81 19.41 12.62
N SER A 354 -16.28 20.49 13.24
CA SER A 354 -15.53 21.73 13.28
C SER A 354 -15.73 22.42 14.62
N ASN A 355 -14.74 23.22 15.02
CA ASN A 355 -14.82 23.89 16.31
C ASN A 355 -15.67 25.15 16.25
N VAL A 356 -15.86 25.70 15.06
CA VAL A 356 -16.77 26.81 14.79
C VAL A 356 -17.64 26.40 13.61
N ALA A 357 -18.71 27.15 13.40
CA ALA A 357 -19.60 26.88 12.27
C ALA A 357 -18.79 26.93 10.98
N ALA A 358 -18.94 25.90 10.15
CA ALA A 358 -18.20 25.81 8.89
C ALA A 358 -19.15 25.35 7.81
N LYS A 359 -18.77 25.57 6.56
CA LYS A 359 -19.74 25.40 5.48
C LYS A 359 -19.18 24.68 4.26
N VAL A 360 -20.06 23.98 3.57
CA VAL A 360 -19.87 23.61 2.18
C VAL A 360 -20.48 24.74 1.37
N VAL A 361 -19.69 25.38 0.50
CA VAL A 361 -20.13 26.52 -0.28
C VAL A 361 -20.29 26.10 -1.73
N LEU A 362 -21.46 26.40 -2.31
CA LEU A 362 -21.72 26.18 -3.74
C LEU A 362 -21.73 27.55 -4.42
N ASP A 363 -20.73 27.80 -5.24
CA ASP A 363 -20.69 29.06 -6.00
C ASP A 363 -21.90 29.17 -6.92
N ALA A 364 -22.33 30.41 -7.18
CA ALA A 364 -23.52 30.61 -7.99
C ALA A 364 -23.38 30.04 -9.41
N SER A 365 -22.17 29.83 -9.89
CA SER A 365 -21.96 29.30 -11.23
C SER A 365 -22.14 27.78 -11.29
N THR A 366 -22.19 27.11 -10.16
CA THR A 366 -22.24 25.65 -10.16
C THR A 366 -23.63 25.16 -10.53
N THR A 367 -23.68 23.95 -11.07
CA THR A 367 -24.95 23.36 -11.47
C THR A 367 -25.00 21.89 -11.06
N ALA A 368 -26.17 21.47 -10.62
CA ALA A 368 -26.47 20.06 -10.37
C ALA A 368 -25.53 19.44 -9.34
N THR A 369 -25.01 20.22 -8.39
CA THR A 369 -24.27 19.63 -7.28
C THR A 369 -25.20 18.84 -6.37
N ARG A 370 -24.78 17.65 -5.97
CA ARG A 370 -25.51 16.84 -5.01
C ARG A 370 -24.75 16.82 -3.69
N VAL A 371 -25.47 17.03 -2.59
CA VAL A 371 -24.91 17.06 -1.24
C VAL A 371 -25.83 16.18 -0.41
N LEU A 372 -25.40 14.93 -0.15
CA LEU A 372 -26.26 13.85 0.31
C LEU A 372 -25.67 13.29 1.59
N HIS A 373 -26.29 13.60 2.74
CA HIS A 373 -25.72 13.22 4.02
C HIS A 373 -24.26 13.63 4.14
N SER A 374 -23.97 14.84 3.65
CA SER A 374 -22.62 15.36 3.64
C SER A 374 -22.56 16.79 4.18
N ALA A 375 -23.61 17.23 4.86
CA ALA A 375 -23.72 18.56 5.43
C ALA A 375 -25.10 18.64 6.09
N THR A 376 -25.18 19.15 7.30
CA THR A 376 -26.46 19.56 7.83
C THR A 376 -26.90 20.83 7.12
N THR A 377 -28.16 21.25 7.36
CA THR A 377 -28.62 22.50 6.78
C THR A 377 -27.71 23.66 7.16
N ALA A 378 -27.28 23.70 8.42
CA ALA A 378 -26.40 24.79 8.84
C ALA A 378 -25.02 24.74 8.16
N GLN A 379 -24.62 23.59 7.64
CA GLN A 379 -23.32 23.41 7.01
C GLN A 379 -23.34 23.60 5.50
N LEU A 380 -24.47 23.98 4.91
CA LEU A 380 -24.54 24.26 3.48
C LEU A 380 -24.81 25.74 3.27
N ASP A 381 -23.97 26.38 2.45
CA ASP A 381 -24.15 27.74 1.97
C ASP A 381 -24.25 27.65 0.44
N ALA A 382 -25.45 27.38 -0.05
CA ALA A 382 -25.68 27.24 -1.48
C ALA A 382 -26.01 28.61 -2.07
N LEU A 383 -25.21 29.06 -3.04
CA LEU A 383 -25.41 30.37 -3.67
C LEU A 383 -26.15 30.25 -5.00
N THR A 384 -26.66 29.06 -5.30
CA THR A 384 -27.53 28.82 -6.43
C THR A 384 -28.56 27.78 -6.01
N THR A 385 -29.80 27.92 -6.50
CA THR A 385 -30.80 26.90 -6.28
C THR A 385 -30.55 25.66 -7.13
N ASN A 386 -29.60 25.71 -8.06
CA ASN A 386 -29.32 24.56 -8.95
C ASN A 386 -28.39 23.58 -8.23
N HIS A 387 -28.97 22.91 -7.23
CA HIS A 387 -28.28 21.86 -6.49
C HIS A 387 -29.36 20.96 -5.88
N PHE A 388 -28.93 19.82 -5.36
CA PHE A 388 -29.81 18.89 -4.65
C PHE A 388 -29.22 18.62 -3.27
N MET A 389 -30.01 18.88 -2.23
CA MET A 389 -29.59 18.71 -0.84
C MET A 389 -30.47 17.62 -0.22
N VAL A 390 -29.83 16.59 0.34
CA VAL A 390 -30.46 15.67 1.27
C VAL A 390 -29.67 15.85 2.56
N ALA A 391 -30.23 16.61 3.49
CA ALA A 391 -29.44 17.07 4.63
C ALA A 391 -29.02 15.95 5.55
N THR A 392 -27.81 16.07 6.08
CA THR A 392 -27.49 15.31 7.28
C THR A 392 -28.43 15.79 8.40
N PRO A 393 -29.10 14.90 9.12
CA PRO A 393 -30.12 15.37 10.06
C PRO A 393 -29.54 16.23 11.18
N SER A 394 -30.35 17.20 11.63
CA SER A 394 -29.98 18.07 12.73
C SER A 394 -31.21 18.60 13.49
N ALA B 2 28.33 -16.36 3.75
CA ALA B 2 27.69 -17.68 3.88
C ALA B 2 27.49 -18.30 2.51
N ASP B 3 27.44 -19.63 2.48
CA ASP B 3 27.29 -20.32 1.21
C ASP B 3 25.84 -20.42 0.74
N THR B 4 24.94 -19.69 1.37
CA THR B 4 23.54 -19.66 0.99
C THR B 4 23.24 -18.49 0.08
N VAL B 5 24.26 -17.77 -0.36
CA VAL B 5 24.12 -16.59 -1.22
C VAL B 5 24.80 -16.91 -2.54
N TYR B 6 24.05 -16.85 -3.63
CA TYR B 6 24.51 -17.17 -4.96
C TYR B 6 24.23 -16.00 -5.89
N ASP B 7 25.12 -15.80 -6.85
CA ASP B 7 24.93 -14.87 -7.97
C ASP B 7 25.08 -15.70 -9.23
N VAL B 8 24.07 -15.68 -10.11
CA VAL B 8 24.10 -16.57 -11.26
C VAL B 8 25.28 -16.32 -12.18
N THR B 9 25.88 -15.11 -12.11
CA THR B 9 27.00 -14.78 -12.99
C THR B 9 28.36 -15.04 -12.36
N THR B 10 28.44 -15.35 -11.06
CA THR B 10 29.73 -15.57 -10.41
C THR B 10 29.84 -16.92 -9.72
N TRP B 11 28.75 -17.67 -9.56
CA TRP B 11 28.82 -18.94 -8.87
C TRP B 11 29.70 -19.91 -9.64
N ALA B 12 30.72 -20.45 -8.97
CA ALA B 12 31.72 -21.28 -9.64
C ALA B 12 31.21 -22.67 -10.03
N GLY B 13 30.10 -23.12 -9.43
CA GLY B 13 29.54 -24.42 -9.78
C GLY B 13 28.78 -24.50 -11.08
N ALA B 14 28.55 -23.36 -11.74
CA ALA B 14 27.76 -23.36 -12.96
C ALA B 14 28.54 -23.99 -14.10
N THR B 15 27.88 -24.90 -14.84
CA THR B 15 28.45 -25.54 -16.02
C THR B 15 27.84 -25.04 -17.32
N VAL B 16 26.88 -24.11 -17.25
CA VAL B 16 26.26 -23.47 -18.39
C VAL B 16 26.32 -21.98 -18.11
N SER B 17 26.40 -21.17 -19.18
CA SER B 17 26.35 -19.71 -19.01
C SER B 17 24.93 -19.27 -18.68
N PRO B 18 24.74 -18.41 -17.67
CA PRO B 18 23.38 -17.91 -17.42
C PRO B 18 22.83 -17.06 -18.54
N TYR B 19 23.68 -16.48 -19.37
CA TYR B 19 23.20 -15.70 -20.49
C TYR B 19 22.62 -16.61 -21.55
N VAL B 20 23.15 -17.84 -21.66
CA VAL B 20 22.63 -18.82 -22.60
C VAL B 20 21.39 -19.52 -22.03
N ASP B 21 21.47 -20.00 -20.78
CA ASP B 21 20.30 -20.65 -20.17
C ASP B 21 20.36 -20.44 -18.65
N ILE B 22 19.77 -19.32 -18.20
CA ILE B 22 19.68 -19.05 -16.78
C ILE B 22 18.81 -20.08 -16.06
N GLY B 23 17.89 -20.70 -16.78
CA GLY B 23 17.10 -21.75 -16.14
C GLY B 23 17.95 -22.92 -15.71
N ALA B 24 18.86 -23.35 -16.58
CA ALA B 24 19.81 -24.40 -16.23
C ALA B 24 20.66 -23.99 -15.04
N VAL B 25 21.18 -22.75 -15.04
CA VAL B 25 22.03 -22.32 -13.94
C VAL B 25 21.25 -22.33 -12.62
N ILE B 26 20.01 -21.80 -12.62
CA ILE B 26 19.23 -21.79 -11.38
C ILE B 26 18.90 -23.21 -10.93
N ASN B 27 18.60 -24.10 -11.89
CA ASN B 27 18.39 -25.49 -11.52
C ASN B 27 19.64 -26.09 -10.89
N GLN B 28 20.82 -25.74 -11.41
CA GLN B 28 22.07 -26.24 -10.84
C GLN B 28 22.28 -25.69 -9.43
N ILE B 29 21.94 -24.42 -9.21
CA ILE B 29 22.03 -23.86 -7.87
C ILE B 29 21.10 -24.59 -6.91
N ILE B 30 19.86 -24.84 -7.34
CA ILE B 30 18.91 -25.55 -6.49
C ILE B 30 19.43 -26.93 -6.12
N ALA B 31 20.01 -27.65 -7.09
CA ALA B 31 20.61 -28.95 -6.77
C ALA B 31 21.71 -28.80 -5.74
N ASP B 32 22.52 -27.75 -5.85
CA ASP B 32 23.56 -27.50 -4.87
C ASP B 32 22.97 -27.24 -3.50
N ILE B 33 21.93 -26.40 -3.43
CA ILE B 33 21.26 -26.16 -2.16
C ILE B 33 20.79 -27.48 -1.55
N LYS B 34 20.13 -28.32 -2.36
CA LYS B 34 19.61 -29.57 -1.84
C LYS B 34 20.74 -30.49 -1.35
N SER B 35 21.92 -30.41 -1.97
CA SER B 35 23.04 -31.24 -1.52
C SER B 35 23.60 -30.78 -0.17
N LYS B 36 23.46 -29.49 0.14
CA LYS B 36 23.97 -28.92 1.39
C LYS B 36 22.91 -28.84 2.49
N GLN B 37 21.65 -28.81 2.15
CA GLN B 37 20.55 -28.62 3.11
C GLN B 37 19.69 -29.87 3.08
N THR B 38 19.97 -30.80 3.99
CA THR B 38 19.55 -32.18 3.81
C THR B 38 18.63 -32.74 4.88
N THR B 39 18.24 -31.96 5.90
CA THR B 39 17.27 -32.43 6.87
C THR B 39 16.23 -31.35 7.11
N GLN B 40 15.12 -31.75 7.72
CA GLN B 40 14.00 -30.82 7.87
C GLN B 40 14.33 -29.66 8.82
N THR B 41 15.39 -29.76 9.62
CA THR B 41 15.83 -28.66 10.48
C THR B 41 17.06 -27.93 9.94
N THR B 42 17.55 -28.30 8.76
CA THR B 42 18.73 -27.67 8.18
C THR B 42 18.44 -27.14 6.77
N ARG B 43 17.22 -26.69 6.53
CA ARG B 43 16.80 -26.17 5.22
C ARG B 43 16.31 -24.72 5.31
N PRO B 44 17.20 -23.81 5.68
CA PRO B 44 16.80 -22.39 5.77
C PRO B 44 16.57 -21.75 4.42
N GLY B 45 17.05 -22.35 3.34
CA GLY B 45 16.89 -21.76 2.03
C GLY B 45 18.13 -21.01 1.56
N ALA B 46 17.90 -20.09 0.62
CA ALA B 46 19.02 -19.44 -0.05
C ALA B 46 18.52 -18.20 -0.77
N VAL B 47 19.47 -17.40 -1.26
CA VAL B 47 19.17 -16.28 -2.14
C VAL B 47 19.96 -16.45 -3.43
N ILE B 48 19.28 -16.24 -4.55
CA ILE B 48 19.86 -16.22 -5.89
C ILE B 48 19.69 -14.81 -6.43
N TYR B 49 20.81 -14.12 -6.64
CA TYR B 49 20.83 -12.77 -7.19
C TYR B 49 21.09 -12.84 -8.68
N ILE B 50 20.33 -12.04 -9.42
CA ILE B 50 20.49 -11.90 -10.86
C ILE B 50 20.91 -10.46 -11.12
N PRO B 51 22.15 -10.18 -11.51
CA PRO B 51 22.54 -8.82 -11.79
C PRO B 51 21.89 -8.33 -13.08
N PRO B 52 21.93 -7.03 -13.32
CA PRO B 52 21.42 -6.54 -14.61
C PRO B 52 22.10 -7.28 -15.76
N GLY B 53 21.31 -7.64 -16.75
CA GLY B 53 21.80 -8.35 -17.92
C GLY B 53 20.64 -8.91 -18.71
N HIS B 54 20.94 -9.36 -19.92
CA HIS B 54 19.99 -10.06 -20.78
C HIS B 54 20.29 -11.54 -20.71
N TYR B 55 19.36 -12.32 -20.17
CA TYR B 55 19.55 -13.75 -19.95
C TYR B 55 18.45 -14.52 -20.66
N ASP B 56 18.83 -15.46 -21.52
CA ASP B 56 17.86 -16.38 -22.06
C ASP B 56 17.57 -17.49 -21.05
N LEU B 57 16.29 -17.87 -20.95
CA LEU B 57 15.91 -19.07 -20.22
C LEU B 57 15.42 -20.10 -21.23
N LEU B 58 16.14 -21.23 -21.30
CA LEU B 58 15.75 -22.33 -22.18
C LEU B 58 15.13 -23.49 -21.43
N THR B 59 15.46 -23.64 -20.15
CA THR B 59 14.99 -24.74 -19.32
C THR B 59 14.14 -24.17 -18.20
N ARG B 60 12.93 -24.71 -18.04
CA ARG B 60 12.09 -24.36 -16.92
C ARG B 60 12.81 -24.63 -15.60
N VAL B 61 12.67 -23.69 -14.68
CA VAL B 61 13.15 -23.84 -13.31
C VAL B 61 12.06 -24.50 -12.49
N VAL B 62 12.39 -25.56 -11.76
CA VAL B 62 11.46 -26.19 -10.83
C VAL B 62 11.94 -25.91 -9.41
N ILE B 63 11.08 -25.28 -8.62
CA ILE B 63 11.38 -24.93 -7.24
C ILE B 63 10.50 -25.76 -6.35
N ASP B 64 11.10 -26.63 -5.53
CA ASP B 64 10.39 -27.32 -4.45
C ASP B 64 11.10 -27.10 -3.13
N VAL B 65 11.80 -25.98 -3.02
CA VAL B 65 12.53 -25.58 -1.83
C VAL B 65 11.84 -24.37 -1.22
N SER B 66 11.49 -24.46 0.06
CA SER B 66 10.92 -23.32 0.76
C SER B 66 11.99 -22.26 1.03
N PHE B 67 11.55 -21.01 1.16
CA PHE B 67 12.42 -19.91 1.55
C PHE B 67 13.51 -19.65 0.53
N LEU B 68 13.26 -19.89 -0.74
CA LEU B 68 14.17 -19.46 -1.77
C LEU B 68 13.78 -18.06 -2.19
N GLN B 69 14.76 -17.17 -2.22
CA GLN B 69 14.60 -15.82 -2.76
C GLN B 69 15.37 -15.73 -4.07
N ILE B 70 14.70 -15.26 -5.11
CA ILE B 70 15.34 -14.93 -6.38
C ILE B 70 15.09 -13.47 -6.59
N LYS B 71 16.17 -12.69 -6.67
CA LYS B 71 16.10 -11.24 -6.63
C LYS B 71 17.00 -10.62 -7.68
N GLY B 72 16.54 -9.51 -8.25
CA GLY B 72 17.36 -8.75 -9.17
C GLY B 72 17.41 -7.26 -8.84
N ALA B 73 17.66 -6.47 -9.90
CA ALA B 73 17.92 -5.05 -9.78
C ALA B 73 16.76 -4.17 -10.18
N GLY B 74 15.60 -4.74 -10.47
CA GLY B 74 14.44 -3.91 -10.80
C GLY B 74 13.54 -4.59 -11.81
N HIS B 75 12.41 -3.90 -12.06
CA HIS B 75 11.34 -4.46 -12.87
C HIS B 75 11.64 -4.41 -14.37
N GLY B 76 12.48 -3.48 -14.82
CA GLY B 76 13.03 -3.52 -16.18
C GLY B 76 12.04 -3.31 -17.31
N PHE B 77 10.89 -2.73 -17.07
CA PHE B 77 9.84 -2.68 -18.09
C PHE B 77 10.21 -1.73 -19.22
N LEU B 78 9.91 -2.17 -20.45
CA LEU B 78 9.86 -1.34 -21.65
C LEU B 78 8.62 -1.81 -22.38
N SER B 79 7.88 -0.87 -22.96
CA SER B 79 6.62 -1.19 -23.65
C SER B 79 6.97 -1.80 -25.00
N GLU B 80 6.96 -3.12 -25.08
CA GLU B 80 7.19 -3.79 -26.34
C GLU B 80 6.02 -3.58 -27.29
N ALA B 81 4.84 -3.35 -26.76
CA ALA B 81 3.70 -3.04 -27.61
C ALA B 81 3.96 -1.77 -28.40
N ILE B 82 4.45 -0.71 -27.74
CA ILE B 82 4.75 0.52 -28.44
C ILE B 82 5.93 0.33 -29.39
N ARG B 83 6.96 -0.38 -28.94
CA ARG B 83 8.09 -0.70 -29.83
C ARG B 83 7.61 -1.33 -31.12
N ASP B 84 6.71 -2.30 -31.01
CA ASP B 84 6.30 -3.08 -32.16
C ASP B 84 5.41 -2.30 -33.14
N GLU B 85 4.92 -1.12 -32.77
CA GLU B 85 4.17 -0.25 -33.68
C GLU B 85 4.94 1.02 -34.02
N SER B 86 6.24 1.06 -33.74
CA SER B 86 7.08 2.24 -33.92
C SER B 86 8.20 1.92 -34.91
N GLN B 87 8.87 2.97 -35.35
CA GLN B 87 10.07 2.86 -36.16
C GLN B 87 11.24 3.01 -35.20
N THR B 88 11.91 1.90 -34.89
CA THR B 88 12.84 1.84 -33.77
C THR B 88 14.31 1.83 -34.15
N GLY B 89 14.65 2.15 -35.41
CA GLY B 89 16.05 2.06 -35.80
C GLY B 89 16.97 2.93 -34.98
N SER B 90 16.48 4.08 -34.50
CA SER B 90 17.26 5.00 -33.69
C SER B 90 16.92 4.94 -32.20
N TRP B 91 16.07 3.99 -31.79
CA TRP B 91 15.82 3.82 -30.36
C TRP B 91 17.11 3.46 -29.64
N VAL B 92 17.33 4.09 -28.47
CA VAL B 92 18.53 3.80 -27.69
C VAL B 92 18.48 2.37 -27.17
N GLU B 93 17.31 1.90 -26.76
CA GLU B 93 17.13 0.50 -26.38
C GLU B 93 15.81 0.00 -26.94
N THR B 94 15.80 -1.28 -27.30
CA THR B 94 14.59 -1.92 -27.83
C THR B 94 14.15 -3.11 -27.01
N LEU B 95 14.84 -3.43 -25.91
CA LEU B 95 14.48 -4.57 -25.10
C LEU B 95 14.22 -4.14 -23.67
N PRO B 96 13.28 -4.79 -22.98
CA PRO B 96 13.23 -4.66 -21.52
C PRO B 96 14.59 -4.99 -20.93
N GLY B 97 14.83 -4.52 -19.70
CA GLY B 97 16.16 -4.58 -19.14
C GLY B 97 16.17 -4.91 -17.66
N ALA B 98 17.10 -4.28 -16.95
CA ALA B 98 17.42 -4.61 -15.56
C ALA B 98 17.85 -6.07 -15.52
N SER B 99 17.33 -6.87 -14.60
CA SER B 99 17.68 -8.29 -14.50
C SER B 99 16.65 -9.01 -15.36
N HIS B 100 16.99 -9.19 -16.63
CA HIS B 100 15.99 -9.43 -17.67
C HIS B 100 16.07 -10.88 -18.14
N ILE B 101 15.04 -11.65 -17.86
CA ILE B 101 14.95 -13.04 -18.31
C ILE B 101 14.05 -13.07 -19.53
N ARG B 102 14.62 -13.53 -20.63
CA ARG B 102 13.89 -13.78 -21.87
C ARG B 102 13.42 -15.22 -21.82
N VAL B 103 12.10 -15.39 -21.74
CA VAL B 103 11.50 -16.69 -21.55
C VAL B 103 11.47 -17.33 -22.93
N ARG B 104 12.34 -18.33 -23.14
CA ARG B 104 12.54 -18.96 -24.46
C ARG B 104 12.66 -20.48 -24.33
N ASN B 105 11.76 -21.10 -23.56
CA ASN B 105 11.84 -22.53 -23.33
C ASN B 105 11.98 -23.32 -24.61
N ASN B 106 12.84 -24.34 -24.55
CA ASN B 106 12.96 -25.35 -25.60
C ASN B 106 12.84 -26.75 -25.02
N ASP B 107 12.29 -26.88 -23.81
CA ASP B 107 12.23 -28.13 -23.08
C ASP B 107 10.86 -28.77 -23.06
N GLY B 108 9.91 -28.22 -23.82
CA GLY B 108 8.58 -28.76 -23.87
C GLY B 108 7.63 -28.19 -22.84
N HIS B 109 8.07 -27.21 -22.06
CA HIS B 109 7.24 -26.58 -21.04
C HIS B 109 7.05 -25.11 -21.37
N ASN B 110 5.96 -24.55 -20.82
N ASN B 110 5.97 -24.53 -20.83
CA ASN B 110 5.56 -23.17 -21.10
CA ASN B 110 5.62 -23.16 -21.12
C ASN B 110 6.00 -22.19 -20.03
C ASN B 110 5.93 -22.18 -20.00
N GLU B 111 6.32 -22.67 -18.83
CA GLU B 111 6.63 -21.80 -17.70
C GLU B 111 8.12 -21.56 -17.57
N ALA B 112 8.49 -20.32 -17.24
CA ALA B 112 9.86 -20.07 -16.83
C ALA B 112 10.14 -20.67 -15.46
N PHE B 113 9.23 -20.47 -14.50
CA PHE B 113 9.35 -20.98 -13.15
C PHE B 113 8.12 -21.77 -12.80
N LEU B 114 8.31 -23.01 -12.37
CA LEU B 114 7.26 -23.86 -11.82
C LEU B 114 7.62 -24.10 -10.37
N VAL B 115 6.75 -23.69 -9.46
CA VAL B 115 6.97 -23.86 -8.03
C VAL B 115 6.00 -24.96 -7.60
N SER B 116 6.51 -26.16 -7.31
CA SER B 116 5.65 -27.31 -7.12
C SER B 116 6.34 -28.37 -6.29
N ARG B 117 5.64 -28.83 -5.26
CA ARG B 117 6.02 -29.97 -4.45
C ARG B 117 4.87 -30.94 -4.51
N THR B 118 5.15 -32.15 -4.99
CA THR B 118 4.09 -33.13 -5.18
C THR B 118 3.82 -33.85 -3.88
N GLY B 119 2.65 -34.44 -3.78
N GLY B 119 2.68 -34.54 -3.84
CA GLY B 119 2.37 -35.21 -2.59
CA GLY B 119 2.30 -35.31 -2.69
C GLY B 119 1.83 -34.35 -1.46
C GLY B 119 1.29 -34.56 -1.84
N ALA B 120 1.14 -35.03 -0.56
CA ALA B 120 0.12 -34.42 0.26
C ALA B 120 0.73 -33.39 1.21
N PRO B 121 0.23 -32.18 1.23
CA PRO B 121 0.76 -31.17 2.17
C PRO B 121 0.79 -31.61 3.62
N ALA B 122 -0.19 -32.38 4.07
CA ALA B 122 -0.16 -32.82 5.45
C ALA B 122 1.02 -33.74 5.74
N THR B 123 1.53 -34.42 4.71
CA THR B 123 2.60 -35.41 4.84
C THR B 123 3.97 -34.81 4.61
N VAL B 124 4.11 -33.98 3.58
CA VAL B 124 5.41 -33.44 3.19
C VAL B 124 5.60 -31.97 3.49
N GLY B 125 4.57 -31.27 3.94
CA GLY B 125 4.62 -29.82 4.16
C GLY B 125 4.29 -29.04 2.91
N ARG B 126 3.79 -27.83 3.12
CA ARG B 126 3.59 -26.92 2.01
C ARG B 126 4.90 -26.23 1.64
N LEU B 127 4.89 -25.58 0.47
CA LEU B 127 5.97 -24.68 0.10
C LEU B 127 5.69 -23.33 0.78
N ASN B 128 6.70 -22.79 1.45
CA ASN B 128 6.54 -21.64 2.34
C ASN B 128 7.46 -20.50 1.94
N SER B 129 6.89 -19.30 1.84
CA SER B 129 7.66 -18.06 1.82
C SER B 129 8.76 -18.05 0.78
N ILE B 130 8.44 -18.52 -0.41
CA ILE B 130 9.28 -18.31 -1.56
C ILE B 130 9.08 -16.87 -2.03
N VAL B 131 10.18 -16.21 -2.42
CA VAL B 131 10.22 -14.77 -2.69
C VAL B 131 10.79 -14.53 -4.08
N PHE B 132 10.01 -13.87 -4.92
CA PHE B 132 10.48 -13.38 -6.22
C PHE B 132 10.45 -11.87 -6.13
N GLN B 133 11.60 -11.24 -6.34
CA GLN B 133 11.69 -9.79 -6.13
C GLN B 133 12.52 -9.11 -7.19
N ASP B 134 11.99 -8.05 -7.75
CA ASP B 134 12.77 -7.06 -8.48
C ASP B 134 13.55 -7.69 -9.65
N PHE B 135 12.88 -8.52 -10.46
CA PHE B 135 13.46 -8.87 -11.74
C PHE B 135 12.35 -8.88 -12.80
N CYS B 136 12.76 -9.11 -14.05
CA CYS B 136 11.89 -8.96 -15.20
C CYS B 136 11.76 -10.28 -15.94
N LEU B 137 10.52 -10.70 -16.17
CA LEU B 137 10.18 -11.85 -16.98
C LEU B 137 9.48 -11.38 -18.26
N ASP B 138 10.01 -11.80 -19.41
CA ASP B 138 9.69 -11.22 -20.70
C ASP B 138 9.50 -12.35 -21.70
N GLY B 139 8.34 -12.38 -22.37
CA GLY B 139 8.08 -13.35 -23.43
C GLY B 139 8.66 -13.02 -24.79
N VAL B 140 9.27 -11.83 -24.96
N VAL B 140 9.27 -11.83 -24.96
CA VAL B 140 10.12 -11.49 -26.08
CA VAL B 140 10.12 -11.49 -26.08
C VAL B 140 9.33 -11.04 -27.31
C VAL B 140 9.33 -11.04 -27.31
N ASN B 141 8.37 -11.86 -27.76
CA ASN B 141 7.52 -11.49 -28.87
C ASN B 141 6.12 -12.00 -28.60
N ALA B 142 5.14 -11.15 -28.85
CA ALA B 142 3.74 -11.49 -28.65
C ALA B 142 2.88 -10.50 -29.41
N SER B 143 1.67 -10.92 -29.73
CA SER B 143 0.71 -10.08 -30.40
C SER B 143 -0.57 -9.96 -29.57
N LYS B 144 -1.14 -8.76 -29.59
CA LYS B 144 -2.37 -8.50 -28.84
C LYS B 144 -3.47 -9.48 -29.27
N PRO B 145 -4.30 -9.92 -28.34
CA PRO B 145 -4.34 -9.61 -26.89
C PRO B 145 -3.48 -10.49 -26.00
N TYR B 146 -2.50 -11.19 -26.58
CA TYR B 146 -1.49 -11.94 -25.85
C TYR B 146 -2.03 -13.21 -25.22
N LEU B 147 -3.25 -13.60 -25.56
CA LEU B 147 -3.85 -14.78 -24.96
C LEU B 147 -4.82 -15.45 -25.94
N PRO B 148 -4.60 -16.71 -26.30
CA PRO B 148 -3.49 -17.61 -25.90
C PRO B 148 -2.10 -17.08 -26.24
N GLY B 149 -1.98 -16.20 -27.24
CA GLY B 149 -0.72 -15.51 -27.49
C GLY B 149 0.43 -16.47 -27.72
N ASN B 150 1.57 -16.17 -27.10
CA ASN B 150 2.76 -17.00 -27.25
C ASN B 150 2.76 -18.20 -26.31
N GLY B 151 1.72 -18.40 -25.51
CA GLY B 151 1.65 -19.53 -24.62
C GLY B 151 2.58 -19.50 -23.43
N LYS B 152 3.31 -18.41 -23.22
CA LYS B 152 4.36 -18.40 -22.20
C LYS B 152 3.82 -17.92 -20.85
N THR B 153 4.26 -18.59 -19.81
CA THR B 153 3.91 -18.25 -18.42
C THR B 153 5.17 -17.84 -17.67
N GLY B 154 5.06 -16.78 -16.85
CA GLY B 154 6.19 -16.35 -16.06
C GLY B 154 6.47 -17.23 -14.84
N ILE B 155 5.59 -17.20 -13.86
CA ILE B 155 5.72 -17.97 -12.62
C ILE B 155 4.41 -18.68 -12.38
N SER B 156 4.48 -19.98 -12.09
CA SER B 156 3.30 -20.79 -11.81
C SER B 156 3.58 -21.62 -10.57
N PHE B 157 2.80 -21.39 -9.50
CA PHE B 157 2.81 -22.20 -8.30
C PHE B 157 1.70 -23.23 -8.46
N GLN B 158 2.04 -24.53 -8.42
CA GLN B 158 1.08 -25.57 -8.72
C GLN B 158 0.90 -26.58 -7.59
N SER B 159 1.26 -26.20 -6.37
CA SER B 159 1.00 -27.00 -5.19
C SER B 159 0.79 -26.06 -4.01
N ASP B 160 0.15 -26.57 -2.96
CA ASP B 160 -0.31 -25.70 -1.88
C ASP B 160 0.86 -24.95 -1.26
N ASN B 161 0.64 -23.66 -0.99
CA ASN B 161 1.74 -22.80 -0.59
C ASN B 161 1.23 -21.79 0.43
N ASP B 162 2.15 -21.30 1.26
CA ASP B 162 1.82 -20.38 2.33
C ASP B 162 2.81 -19.23 2.34
N ALA B 163 2.30 -18.01 2.42
CA ALA B 163 3.10 -16.79 2.62
C ALA B 163 4.11 -16.57 1.51
N VAL B 164 3.77 -16.94 0.27
CA VAL B 164 4.68 -16.62 -0.84
C VAL B 164 4.59 -15.13 -1.14
N ARG B 165 5.59 -14.63 -1.88
CA ARG B 165 5.77 -13.19 -2.02
C ARG B 165 6.34 -12.89 -3.39
N ILE B 166 5.62 -12.06 -4.15
CA ILE B 166 6.04 -11.63 -5.49
C ILE B 166 5.99 -10.10 -5.43
N GLU B 167 7.17 -9.48 -5.50
CA GLU B 167 7.26 -8.06 -5.18
C GLU B 167 8.21 -7.33 -6.13
N GLY B 168 7.77 -6.19 -6.64
CA GLY B 168 8.68 -5.32 -7.37
C GLY B 168 9.07 -5.84 -8.73
N MET B 169 8.41 -6.88 -9.22
CA MET B 169 8.76 -7.51 -10.48
C MET B 169 8.21 -6.77 -11.69
N GLY B 170 8.80 -7.07 -12.84
CA GLY B 170 8.24 -6.73 -14.14
C GLY B 170 7.87 -8.00 -14.87
N PHE B 171 6.69 -8.00 -15.46
CA PHE B 171 6.25 -9.09 -16.33
C PHE B 171 5.72 -8.45 -17.60
N VAL B 172 6.16 -8.94 -18.76
CA VAL B 172 5.79 -8.33 -20.03
C VAL B 172 5.77 -9.38 -21.13
N TYR B 173 4.76 -9.27 -22.01
CA TYR B 173 4.68 -10.11 -23.22
C TYR B 173 4.58 -11.61 -22.88
N LEU B 174 3.82 -11.93 -21.82
CA LEU B 174 3.55 -13.31 -21.45
C LEU B 174 2.06 -13.57 -21.57
N ALA B 175 1.70 -14.81 -21.91
CA ALA B 175 0.29 -15.18 -21.88
C ALA B 175 -0.26 -15.13 -20.46
N HIS B 176 0.47 -15.69 -19.50
CA HIS B 176 0.09 -15.66 -18.08
C HIS B 176 1.29 -15.17 -17.30
N ALA B 177 1.14 -14.03 -16.62
CA ALA B 177 2.28 -13.54 -15.85
C ALA B 177 2.50 -14.41 -14.61
N LEU B 178 1.50 -14.49 -13.75
CA LEU B 178 1.59 -15.14 -12.45
C LEU B 178 0.35 -15.99 -12.23
N ILE B 179 0.57 -17.28 -11.93
CA ILE B 179 -0.49 -18.21 -11.57
C ILE B 179 -0.11 -18.80 -10.22
N ILE B 180 -1.04 -18.80 -9.27
CA ILE B 180 -0.82 -19.46 -7.98
C ILE B 180 -2.02 -20.34 -7.67
N LYS B 181 -1.78 -21.63 -7.55
CA LYS B 181 -2.82 -22.59 -7.17
C LYS B 181 -2.72 -22.92 -5.70
N GLY B 182 -3.86 -22.90 -5.01
CA GLY B 182 -3.87 -23.25 -3.59
C GLY B 182 -3.05 -22.35 -2.70
N ALA B 183 -3.17 -21.04 -2.91
CA ALA B 183 -2.39 -20.06 -2.15
C ALA B 183 -3.05 -19.72 -0.82
N ASP B 184 -2.22 -19.67 0.22
CA ASP B 184 -2.62 -19.20 1.55
C ASP B 184 -1.75 -17.99 1.85
N ALA B 185 -2.39 -16.83 2.07
CA ALA B 185 -1.72 -15.58 2.40
C ALA B 185 -0.55 -15.23 1.46
N PRO B 186 -0.75 -15.36 0.15
CA PRO B 186 0.25 -14.82 -0.77
C PRO B 186 0.25 -13.29 -0.72
N ASN B 187 1.41 -12.71 -1.00
CA ASN B 187 1.61 -11.27 -1.01
C ASN B 187 2.10 -10.90 -2.39
N ILE B 188 1.27 -10.23 -3.18
CA ILE B 188 1.58 -9.86 -4.56
C ILE B 188 1.53 -8.33 -4.59
N THR B 189 2.69 -7.69 -4.58
CA THR B 189 2.72 -6.28 -4.24
C THR B 189 3.81 -5.55 -4.99
N ASN B 190 3.48 -4.32 -5.43
CA ASN B 190 4.45 -3.42 -6.04
C ASN B 190 5.01 -3.92 -7.36
N ASN B 191 4.23 -4.71 -8.09
CA ASN B 191 4.70 -5.24 -9.36
C ASN B 191 4.25 -4.36 -10.52
N PHE B 192 4.86 -4.62 -11.68
CA PHE B 192 4.50 -3.95 -12.92
C PHE B 192 4.24 -5.07 -13.93
N ILE B 193 2.98 -5.41 -14.14
CA ILE B 193 2.59 -6.49 -15.06
C ILE B 193 1.85 -5.83 -16.20
N ALA B 194 2.37 -5.95 -17.41
CA ALA B 194 1.79 -5.17 -18.52
C ALA B 194 1.99 -5.89 -19.82
N GLU B 195 1.04 -5.68 -20.73
CA GLU B 195 1.13 -6.28 -22.06
C GLU B 195 1.26 -7.80 -21.97
N CYS B 196 0.43 -8.37 -21.09
CA CYS B 196 0.28 -9.81 -20.90
C CYS B 196 -1.17 -10.20 -21.14
N GLY B 197 -1.38 -11.50 -21.34
CA GLY B 197 -2.74 -11.98 -21.57
C GLY B 197 -3.60 -11.90 -20.33
N SER B 198 -3.11 -12.44 -19.22
CA SER B 198 -3.67 -12.33 -17.89
C SER B 198 -2.54 -11.97 -16.96
N SER B 199 -2.87 -11.27 -15.86
CA SER B 199 -1.86 -10.81 -14.91
C SER B 199 -1.72 -11.74 -13.71
N ILE B 200 -2.80 -11.95 -12.96
CA ILE B 200 -2.78 -12.73 -11.73
C ILE B 200 -3.92 -13.73 -11.78
N GLU B 201 -3.61 -15.02 -11.63
CA GLU B 201 -4.63 -16.04 -11.54
C GLU B 201 -4.41 -16.86 -10.28
N LEU B 202 -5.41 -16.89 -9.40
CA LEU B 202 -5.37 -17.63 -8.14
C LEU B 202 -6.34 -18.78 -8.31
N THR B 203 -5.81 -19.96 -8.63
CA THR B 203 -6.61 -21.09 -9.07
C THR B 203 -6.80 -22.11 -7.95
N GLY B 204 -7.78 -22.99 -8.17
CA GLY B 204 -8.12 -24.03 -7.21
C GLY B 204 -8.98 -23.49 -6.09
N ALA B 205 -8.30 -22.81 -5.18
CA ALA B 205 -8.89 -22.06 -4.08
C ALA B 205 -7.77 -21.20 -3.54
N SER B 206 -8.15 -20.20 -2.73
CA SER B 206 -7.17 -19.44 -1.99
C SER B 206 -7.77 -18.95 -0.69
N GLN B 207 -6.87 -18.60 0.22
CA GLN B 207 -7.22 -17.95 1.47
C GLN B 207 -6.39 -16.68 1.61
N VAL B 208 -7.07 -15.57 1.87
CA VAL B 208 -6.50 -14.29 2.29
C VAL B 208 -5.30 -13.85 1.46
N ALA B 209 -5.44 -13.93 0.16
CA ALA B 209 -4.45 -13.31 -0.71
C ALA B 209 -4.46 -11.80 -0.54
N LYS B 210 -3.29 -11.18 -0.64
CA LYS B 210 -3.15 -9.74 -0.58
C LYS B 210 -2.54 -9.26 -1.89
N ILE B 211 -3.29 -8.46 -2.64
CA ILE B 211 -2.87 -7.93 -3.94
C ILE B 211 -2.92 -6.42 -3.83
N THR B 212 -1.74 -5.80 -3.68
CA THR B 212 -1.66 -4.38 -3.36
C THR B 212 -0.62 -3.66 -4.18
N ASN B 213 -0.90 -2.41 -4.50
CA ASN B 213 0.11 -1.49 -4.98
C ASN B 213 0.75 -1.94 -6.29
N ASN B 214 -0.01 -2.61 -7.17
CA ASN B 214 0.50 -3.09 -8.44
C ASN B 214 0.00 -2.23 -9.59
N PHE B 215 0.78 -2.19 -10.67
CA PHE B 215 0.24 -1.88 -11.99
C PHE B 215 -0.12 -3.20 -12.63
N LEU B 216 -1.38 -3.35 -13.05
CA LEU B 216 -1.85 -4.55 -13.73
C LEU B 216 -2.46 -4.11 -15.06
N ILE B 217 -1.80 -4.50 -16.16
CA ILE B 217 -2.09 -3.98 -17.49
C ILE B 217 -2.20 -5.09 -18.54
N SER B 218 -2.90 -6.17 -18.18
CA SER B 218 -3.19 -7.22 -19.14
C SER B 218 -4.38 -6.82 -20.02
N ALA B 219 -4.48 -7.48 -21.17
CA ALA B 219 -5.44 -7.11 -22.21
C ALA B 219 -6.76 -7.88 -22.08
N TRP B 220 -7.57 -7.82 -23.15
CA TRP B 220 -9.01 -8.04 -23.08
C TRP B 220 -9.45 -9.49 -23.21
N ALA B 221 -8.55 -10.43 -23.50
CA ALA B 221 -8.90 -11.84 -23.61
C ALA B 221 -8.78 -12.60 -22.30
N GLY B 222 -8.16 -12.00 -21.29
CA GLY B 222 -7.87 -12.64 -20.03
C GLY B 222 -8.38 -11.84 -18.86
N TYR B 223 -7.69 -11.99 -17.73
CA TYR B 223 -8.09 -11.41 -16.45
C TYR B 223 -6.94 -10.64 -15.85
N SER B 224 -7.24 -9.48 -15.29
CA SER B 224 -6.27 -8.80 -14.44
C SER B 224 -6.06 -9.58 -13.15
N ILE B 225 -7.16 -9.93 -12.48
CA ILE B 225 -7.15 -10.82 -11.35
C ILE B 225 -8.28 -11.81 -11.56
N PHE B 226 -7.96 -13.11 -11.60
CA PHE B 226 -8.94 -14.17 -11.62
C PHE B 226 -8.74 -14.99 -10.36
N ALA B 227 -9.82 -15.25 -9.65
CA ALA B 227 -9.71 -16.04 -8.42
C ALA B 227 -10.89 -16.96 -8.29
N GLU B 228 -10.63 -18.26 -8.20
CA GLU B 228 -11.72 -19.20 -7.98
C GLU B 228 -11.65 -19.72 -6.55
N ASN B 229 -12.81 -19.81 -5.92
CA ASN B 229 -12.94 -20.30 -4.55
C ASN B 229 -12.01 -19.56 -3.61
N ALA B 230 -11.98 -18.25 -3.77
CA ALA B 230 -11.15 -17.37 -2.94
C ALA B 230 -11.93 -16.90 -1.73
N GLU B 231 -11.41 -17.17 -0.54
CA GLU B 231 -11.94 -16.59 0.68
C GLU B 231 -11.04 -15.43 1.10
N GLY B 232 -11.64 -14.26 1.35
CA GLY B 232 -10.93 -13.18 2.02
C GLY B 232 -9.88 -12.45 1.21
N LEU B 233 -10.00 -12.43 -0.10
CA LEU B 233 -9.06 -11.72 -0.95
C LEU B 233 -9.09 -10.24 -0.62
N GLN B 234 -7.91 -9.62 -0.53
CA GLN B 234 -7.81 -8.18 -0.36
C GLN B 234 -7.14 -7.65 -1.61
N ILE B 235 -7.80 -6.71 -2.28
CA ILE B 235 -7.29 -6.06 -3.49
C ILE B 235 -7.38 -4.57 -3.25
N SER B 236 -6.23 -3.90 -3.10
CA SER B 236 -6.26 -2.48 -2.76
C SER B 236 -5.00 -1.76 -3.25
N GLY B 237 -5.16 -0.49 -3.54
CA GLY B 237 -4.05 0.34 -3.98
C GLY B 237 -3.48 0.03 -5.33
N ASN B 238 -4.21 -0.71 -6.16
CA ASN B 238 -3.71 -1.06 -7.48
C ASN B 238 -4.20 -0.09 -8.54
N THR B 239 -3.38 0.08 -9.57
CA THR B 239 -3.77 0.73 -10.81
C THR B 239 -3.91 -0.36 -11.86
N ILE B 240 -5.16 -0.64 -12.25
CA ILE B 240 -5.48 -1.74 -13.15
C ILE B 240 -6.06 -1.12 -14.41
N LEU B 241 -5.41 -1.37 -15.55
CA LEU B 241 -5.61 -0.59 -16.76
C LEU B 241 -5.84 -1.47 -17.98
N TRP B 242 -6.15 -0.79 -19.09
N TRP B 242 -6.15 -0.79 -19.09
CA TRP B 242 -6.38 -1.38 -20.41
CA TRP B 242 -6.39 -1.37 -20.42
C TRP B 242 -7.68 -2.17 -20.48
C TRP B 242 -7.68 -2.18 -20.47
N ALA B 243 -7.69 -3.33 -19.81
CA ALA B 243 -8.83 -4.24 -19.78
C ALA B 243 -9.04 -4.77 -18.37
N CYS B 244 -9.08 -3.87 -17.40
CA CYS B 244 -9.34 -4.26 -16.02
C CYS B 244 -10.46 -5.27 -15.96
N ASN B 245 -10.15 -6.46 -15.43
CA ASN B 245 -11.16 -7.50 -15.23
C ASN B 245 -10.71 -8.27 -13.98
N ILE B 246 -11.42 -8.01 -12.89
CA ILE B 246 -11.29 -8.75 -11.65
C ILE B 246 -12.48 -9.70 -11.61
N THR B 247 -12.24 -11.00 -11.77
CA THR B 247 -13.31 -12.00 -11.75
C THR B 247 -13.09 -12.93 -10.57
N LEU B 248 -14.10 -13.00 -9.71
CA LEU B 248 -14.17 -13.97 -8.62
C LEU B 248 -15.21 -15.01 -9.02
N SER B 249 -14.84 -16.27 -8.95
CA SER B 249 -15.77 -17.36 -9.13
C SER B 249 -15.93 -18.03 -7.78
N SER B 250 -17.12 -17.95 -7.21
N SER B 250 -17.13 -17.96 -7.22
CA SER B 250 -17.40 -18.47 -5.89
CA SER B 250 -17.40 -18.50 -5.88
C SER B 250 -16.41 -17.92 -4.88
C SER B 250 -16.44 -17.91 -4.85
N GLY B 251 -16.20 -16.60 -4.93
CA GLY B 251 -15.36 -15.90 -3.97
C GLY B 251 -16.20 -15.13 -2.97
N ASN B 252 -15.75 -15.08 -1.73
CA ASN B 252 -16.53 -14.54 -0.63
C ASN B 252 -15.64 -13.76 0.30
N ARG B 253 -16.22 -12.73 0.91
CA ARG B 253 -15.56 -11.90 1.93
C ARG B 253 -14.31 -11.21 1.38
N ALA B 254 -14.32 -10.89 0.10
CA ALA B 254 -13.27 -10.08 -0.47
C ALA B 254 -13.44 -8.61 -0.09
N SER B 255 -12.32 -7.89 -0.07
CA SER B 255 -12.26 -6.47 0.21
C SER B 255 -11.53 -5.84 -0.97
N ILE B 256 -12.28 -5.16 -1.84
CA ILE B 256 -11.77 -4.57 -3.08
C ILE B 256 -11.96 -3.08 -2.93
N THR B 257 -10.89 -2.38 -2.52
CA THR B 257 -11.00 -1.01 -2.06
C THR B 257 -9.82 -0.19 -2.53
N SER B 258 -10.06 1.11 -2.72
CA SER B 258 -8.97 2.05 -2.96
C SER B 258 -8.11 1.67 -4.17
N ASN B 259 -8.77 1.29 -5.28
CA ASN B 259 -8.12 1.00 -6.54
C ASN B 259 -8.54 1.99 -7.62
N LYS B 260 -7.64 2.19 -8.59
CA LYS B 260 -7.90 2.92 -9.81
C LYS B 260 -8.09 1.85 -10.89
N LEU B 261 -9.31 1.77 -11.46
CA LEU B 261 -9.72 0.67 -12.33
C LEU B 261 -10.19 1.22 -13.68
N LEU B 262 -9.57 0.75 -14.76
CA LEU B 262 -9.92 1.25 -16.07
C LEU B 262 -9.98 0.12 -17.08
N SER B 263 -11.02 0.13 -17.90
CA SER B 263 -11.10 -0.81 -19.02
C SER B 263 -11.71 -0.17 -20.25
N ASN B 264 -11.33 -0.74 -21.41
CA ASN B 264 -12.01 -0.46 -22.68
C ASN B 264 -13.13 -1.46 -22.96
N PHE B 265 -13.50 -2.26 -21.97
CA PHE B 265 -14.40 -3.39 -22.12
C PHE B 265 -15.27 -3.54 -20.89
N PRO B 266 -16.40 -4.27 -20.99
CA PRO B 266 -17.17 -4.58 -19.78
C PRO B 266 -16.44 -5.50 -18.82
N SER B 267 -17.08 -5.77 -17.67
N SER B 267 -17.09 -5.79 -17.69
CA SER B 267 -16.58 -6.72 -16.67
CA SER B 267 -16.57 -6.72 -16.68
C SER B 267 -15.34 -6.27 -15.92
C SER B 267 -15.28 -6.21 -16.03
N GLN B 268 -15.36 -5.01 -15.46
CA GLN B 268 -14.26 -4.55 -14.60
C GLN B 268 -14.21 -5.35 -13.30
N ILE B 269 -15.36 -5.63 -12.68
CA ILE B 269 -15.45 -6.61 -11.61
C ILE B 269 -16.62 -7.53 -11.89
N ALA B 270 -16.37 -8.84 -11.90
CA ALA B 270 -17.42 -9.84 -12.04
C ALA B 270 -17.38 -10.74 -10.82
N LEU B 271 -18.47 -10.75 -10.05
CA LEU B 271 -18.64 -11.62 -8.89
C LEU B 271 -19.56 -12.72 -9.38
N LEU B 272 -18.99 -13.87 -9.69
CA LEU B 272 -19.67 -14.93 -10.43
C LEU B 272 -19.88 -16.17 -9.57
N ASN B 273 -20.83 -17.01 -9.99
CA ASN B 273 -21.05 -18.33 -9.40
C ASN B 273 -21.20 -18.26 -7.88
N ASN B 274 -22.17 -17.45 -7.46
CA ASN B 274 -22.52 -17.27 -6.05
C ASN B 274 -21.35 -16.75 -5.23
N SER B 275 -20.93 -15.54 -5.57
CA SER B 275 -19.88 -14.83 -4.84
C SER B 275 -20.56 -13.84 -3.91
N SER B 276 -20.31 -13.95 -2.60
CA SER B 276 -21.10 -13.26 -1.60
C SER B 276 -20.28 -12.48 -0.58
N GLU B 277 -20.92 -11.44 -0.04
CA GLU B 277 -20.39 -10.67 1.08
C GLU B 277 -19.03 -10.09 0.75
N ASN B 278 -18.89 -9.63 -0.47
CA ASN B 278 -17.69 -8.95 -0.97
C ASN B 278 -17.92 -7.45 -0.97
N LEU B 279 -16.90 -6.70 -0.52
CA LEU B 279 -16.95 -5.25 -0.46
C LEU B 279 -16.22 -4.66 -1.65
N ILE B 280 -16.88 -3.72 -2.34
CA ILE B 280 -16.33 -2.93 -3.43
C ILE B 280 -16.53 -1.48 -2.99
N SER B 281 -15.46 -0.84 -2.47
CA SER B 281 -15.63 0.47 -1.86
C SER B 281 -14.46 1.37 -2.20
N ALA B 282 -14.75 2.64 -2.44
CA ALA B 282 -13.72 3.66 -2.62
C ALA B 282 -12.81 3.36 -3.79
N ASN B 283 -13.39 2.91 -4.89
CA ASN B 283 -12.65 2.70 -6.13
C ASN B 283 -13.14 3.67 -7.20
N HIS B 284 -12.23 4.05 -8.09
CA HIS B 284 -12.60 4.80 -9.28
C HIS B 284 -12.66 3.83 -10.45
N PHE B 285 -13.83 3.71 -11.08
CA PHE B 285 -14.03 2.91 -12.28
C PHE B 285 -14.16 3.82 -13.49
N ARG B 286 -13.40 3.54 -14.53
CA ARG B 286 -13.46 4.27 -15.79
C ARG B 286 -13.64 3.26 -16.91
N ARG B 287 -14.73 3.38 -17.65
CA ARG B 287 -14.97 2.59 -18.86
C ARG B 287 -14.84 3.52 -20.05
N VAL B 288 -13.95 3.17 -20.98
CA VAL B 288 -13.71 3.89 -22.24
C VAL B 288 -13.78 2.88 -23.39
N HIS B 289 -13.49 3.33 -24.62
CA HIS B 289 -13.60 2.46 -25.79
C HIS B 289 -12.45 2.72 -26.75
N GLY B 290 -12.01 1.66 -27.41
CA GLY B 290 -11.23 1.78 -28.62
C GLY B 290 -9.79 1.33 -28.54
N ASP B 291 -9.23 1.16 -27.34
CA ASP B 291 -7.88 0.64 -27.20
C ASP B 291 -7.97 -0.88 -27.27
N GLY B 292 -8.11 -1.36 -28.50
CA GLY B 292 -8.51 -2.72 -28.72
C GLY B 292 -10.02 -2.85 -28.73
N THR B 293 -10.51 -3.86 -29.42
CA THR B 293 -11.94 -4.11 -29.47
C THR B 293 -12.19 -5.61 -29.33
N SER B 294 -13.34 -5.94 -28.77
CA SER B 294 -13.68 -7.32 -28.49
C SER B 294 -15.20 -7.44 -28.44
N THR B 295 -15.70 -8.63 -28.76
CA THR B 295 -17.09 -8.98 -28.50
C THR B 295 -17.22 -10.04 -27.40
N ARG B 296 -16.17 -10.22 -26.61
CA ARG B 296 -16.23 -11.15 -25.48
C ARG B 296 -17.43 -10.88 -24.59
N PHE B 297 -17.61 -9.61 -24.20
CA PHE B 297 -18.77 -9.16 -23.46
C PHE B 297 -19.46 -8.05 -24.23
N ASP B 298 -20.78 -7.97 -24.14
CA ASP B 298 -21.47 -6.78 -24.59
C ASP B 298 -21.71 -5.83 -23.43
N ASP B 299 -22.22 -4.64 -23.75
CA ASP B 299 -22.28 -3.59 -22.75
C ASP B 299 -23.44 -3.73 -21.77
N LYS B 300 -24.26 -4.76 -21.93
CA LYS B 300 -25.23 -5.12 -20.91
C LYS B 300 -24.64 -6.00 -19.83
N PHE B 301 -23.35 -6.37 -19.92
CA PHE B 301 -22.80 -7.27 -18.92
C PHE B 301 -22.57 -6.57 -17.60
N GLY B 302 -22.26 -5.28 -17.65
CA GLY B 302 -21.98 -4.41 -16.53
C GLY B 302 -20.50 -4.05 -16.40
N MET B 303 -20.26 -2.82 -15.94
CA MET B 303 -18.95 -2.51 -15.40
C MET B 303 -18.69 -3.38 -14.19
N VAL B 304 -19.70 -3.56 -13.36
CA VAL B 304 -19.71 -4.52 -12.27
C VAL B 304 -20.88 -5.46 -12.51
N HIS B 305 -20.62 -6.77 -12.41
CA HIS B 305 -21.61 -7.83 -12.61
C HIS B 305 -21.66 -8.67 -11.34
N ILE B 306 -22.83 -8.83 -10.76
CA ILE B 306 -22.99 -9.49 -9.47
C ILE B 306 -23.92 -10.69 -9.61
N ALA B 307 -23.41 -11.86 -9.22
CA ALA B 307 -24.18 -13.11 -9.13
C ALA B 307 -23.83 -13.70 -7.78
N GLY B 308 -24.57 -13.31 -6.74
CA GLY B 308 -24.25 -13.71 -5.39
C GLY B 308 -25.05 -12.85 -4.42
N ASN B 309 -24.79 -13.05 -3.13
CA ASN B 309 -25.63 -12.48 -2.09
C ASN B 309 -24.84 -11.49 -1.25
N LYS B 310 -25.53 -10.45 -0.78
CA LYS B 310 -25.06 -9.68 0.37
C LYS B 310 -23.76 -8.94 0.09
N ASN B 311 -23.51 -8.62 -1.17
CA ASN B 311 -22.35 -7.82 -1.50
C ASN B 311 -22.62 -6.33 -1.24
N THR B 312 -21.55 -5.55 -1.19
CA THR B 312 -21.61 -4.17 -0.72
C THR B 312 -20.80 -3.32 -1.69
N VAL B 313 -21.45 -2.36 -2.32
CA VAL B 313 -20.83 -1.48 -3.31
C VAL B 313 -21.06 -0.04 -2.84
N THR B 314 -20.01 0.61 -2.32
CA THR B 314 -20.16 1.88 -1.63
C THR B 314 -19.06 2.86 -2.00
N GLY B 315 -19.43 4.12 -2.17
CA GLY B 315 -18.44 5.20 -2.25
C GLY B 315 -17.59 5.23 -3.48
N ASN B 316 -18.02 4.58 -4.55
CA ASN B 316 -17.25 4.53 -5.79
C ASN B 316 -17.74 5.56 -6.79
N GLN B 317 -16.89 5.86 -7.78
CA GLN B 317 -17.32 6.53 -9.00
C GLN B 317 -17.34 5.53 -10.14
N PHE B 318 -18.42 5.56 -10.90
CA PHE B 318 -18.55 4.81 -12.15
C PHE B 318 -18.62 5.86 -13.25
N SER B 319 -17.54 5.97 -14.04
CA SER B 319 -17.41 6.91 -15.13
C SER B 319 -17.39 6.13 -16.43
N PHE B 320 -18.36 6.39 -17.31
CA PHE B 320 -18.59 5.60 -18.53
C PHE B 320 -18.57 6.56 -19.71
N ASP B 321 -17.70 6.28 -20.68
CA ASP B 321 -17.60 7.14 -21.87
C ASP B 321 -17.34 6.24 -23.08
N VAL B 322 -18.42 5.82 -23.74
CA VAL B 322 -18.35 4.97 -24.92
C VAL B 322 -19.25 5.57 -25.98
N PRO B 323 -18.79 5.78 -27.21
CA PRO B 323 -19.69 6.33 -28.24
C PRO B 323 -20.90 5.42 -28.50
N SER B 324 -22.07 6.06 -28.69
N SER B 324 -22.07 6.05 -28.68
CA SER B 324 -23.30 5.30 -28.88
CA SER B 324 -23.30 5.28 -28.88
C SER B 324 -23.16 4.31 -30.03
C SER B 324 -23.16 4.31 -30.03
N GLN B 325 -22.45 4.72 -31.09
CA GLN B 325 -22.27 3.87 -32.26
C GLN B 325 -21.53 2.58 -31.93
N ASN B 326 -20.77 2.55 -30.84
CA ASN B 326 -20.00 1.38 -30.45
C ASN B 326 -20.64 0.57 -29.33
N ILE B 327 -21.79 0.99 -28.82
CA ILE B 327 -22.42 0.29 -27.71
C ILE B 327 -23.17 -0.92 -28.25
N THR B 328 -23.06 -2.04 -27.54
CA THR B 328 -23.75 -3.26 -27.90
C THR B 328 -24.58 -3.75 -26.74
N PRO B 329 -25.71 -4.43 -27.00
CA PRO B 329 -26.37 -4.60 -28.32
C PRO B 329 -26.77 -3.24 -28.87
N ALA B 330 -26.82 -3.14 -30.20
CA ALA B 330 -27.04 -1.85 -30.82
C ALA B 330 -28.35 -1.24 -30.35
N GLY B 331 -28.29 0.05 -30.03
CA GLY B 331 -29.45 0.81 -29.66
C GLY B 331 -29.90 0.67 -28.23
N GLN B 332 -29.20 -0.10 -27.39
CA GLN B 332 -29.62 -0.37 -26.03
C GLN B 332 -28.78 0.40 -25.04
N ASP B 333 -29.37 0.68 -23.88
CA ASP B 333 -28.66 1.45 -22.87
C ASP B 333 -27.65 0.56 -22.17
N PRO B 334 -26.39 0.99 -22.06
CA PRO B 334 -25.39 0.15 -21.39
C PRO B 334 -25.63 0.07 -19.89
N THR B 335 -25.04 -0.96 -19.28
CA THR B 335 -25.26 -1.26 -17.88
C THR B 335 -24.04 -0.94 -17.03
N ILE B 336 -24.29 -0.17 -15.97
CA ILE B 336 -23.23 0.18 -15.02
C ILE B 336 -22.99 -0.95 -14.03
N VAL B 337 -24.03 -1.34 -13.29
CA VAL B 337 -24.00 -2.49 -12.42
C VAL B 337 -25.14 -3.38 -12.83
N LEU B 338 -24.84 -4.64 -13.13
CA LEU B 338 -25.85 -5.67 -13.35
C LEU B 338 -25.90 -6.56 -12.10
N VAL B 339 -27.01 -6.52 -11.38
CA VAL B 339 -27.25 -7.48 -10.32
C VAL B 339 -28.01 -8.61 -11.02
N LYS B 340 -27.26 -9.63 -11.42
CA LYS B 340 -27.80 -10.69 -12.27
C LYS B 340 -28.62 -11.70 -11.48
N SER B 341 -28.18 -12.00 -10.26
CA SER B 341 -28.85 -12.97 -9.40
C SER B 341 -28.37 -12.69 -7.99
N GLY B 342 -29.18 -13.07 -7.02
CA GLY B 342 -28.78 -13.00 -5.62
C GLY B 342 -29.68 -12.14 -4.77
N ASP B 343 -29.40 -12.20 -3.47
CA ASP B 343 -30.23 -11.64 -2.42
C ASP B 343 -29.46 -10.63 -1.58
N ASN B 344 -30.12 -9.53 -1.26
CA ASN B 344 -29.66 -8.60 -0.24
C ASN B 344 -28.36 -7.90 -0.63
N ASN B 345 -28.12 -7.74 -1.93
CA ASN B 345 -27.01 -6.88 -2.33
C ASN B 345 -27.32 -5.43 -2.00
N TYR B 346 -26.26 -4.64 -1.79
CA TYR B 346 -26.36 -3.28 -1.26
C TYR B 346 -25.47 -2.36 -2.08
N LEU B 347 -26.07 -1.31 -2.64
CA LEU B 347 -25.37 -0.26 -3.38
C LEU B 347 -25.72 1.05 -2.70
N ALA B 348 -24.71 1.79 -2.27
CA ALA B 348 -24.97 3.04 -1.56
C ALA B 348 -23.87 4.07 -1.84
N SER B 349 -24.30 5.31 -2.05
CA SER B 349 -23.39 6.44 -2.11
C SER B 349 -22.34 6.23 -3.20
N ASN B 350 -22.79 5.81 -4.38
CA ASN B 350 -21.97 5.78 -5.56
C ASN B 350 -22.44 6.85 -6.54
N HIS B 351 -21.50 7.42 -7.29
CA HIS B 351 -21.80 8.44 -8.29
C HIS B 351 -21.61 7.82 -9.66
N ILE B 352 -22.63 7.88 -10.50
CA ILE B 352 -22.59 7.33 -11.84
C ILE B 352 -22.63 8.48 -12.82
N THR B 353 -21.60 8.58 -13.66
CA THR B 353 -21.48 9.63 -14.68
C THR B 353 -21.22 8.98 -16.03
N SER B 354 -22.06 9.28 -17.02
CA SER B 354 -21.99 8.57 -18.29
C SER B 354 -22.32 9.51 -19.43
N ASN B 355 -21.76 9.21 -20.60
CA ASN B 355 -21.99 10.07 -21.76
C ASN B 355 -23.32 9.82 -22.42
N VAL B 356 -23.92 8.66 -22.17
CA VAL B 356 -25.25 8.29 -22.64
C VAL B 356 -26.01 7.73 -21.45
N ALA B 357 -27.33 7.62 -21.60
CA ALA B 357 -28.13 7.04 -20.53
C ALA B 357 -27.59 5.65 -20.22
N ALA B 358 -27.38 5.38 -18.93
CA ALA B 358 -26.83 4.09 -18.51
C ALA B 358 -27.52 3.70 -17.22
N LYS B 359 -27.53 2.40 -16.91
CA LYS B 359 -28.43 1.91 -15.89
C LYS B 359 -27.77 0.94 -14.94
N VAL B 360 -28.24 0.96 -13.69
CA VAL B 360 -28.15 -0.18 -12.78
C VAL B 360 -29.33 -1.10 -13.10
N VAL B 361 -29.04 -2.35 -13.46
CA VAL B 361 -30.08 -3.30 -13.86
C VAL B 361 -30.22 -4.32 -12.74
N LEU B 362 -31.46 -4.52 -12.26
CA LEU B 362 -31.77 -5.56 -11.29
C LEU B 362 -32.53 -6.66 -12.02
N ASP B 363 -31.91 -7.82 -12.15
CA ASP B 363 -32.56 -8.93 -12.83
C ASP B 363 -33.84 -9.34 -12.10
N ALA B 364 -34.78 -9.87 -12.87
CA ALA B 364 -36.07 -10.28 -12.31
C ALA B 364 -35.93 -11.29 -11.17
N SER B 365 -34.83 -12.05 -11.13
CA SER B 365 -34.64 -13.08 -10.11
C SER B 365 -34.08 -12.55 -8.81
N THR B 366 -33.63 -11.31 -8.79
CA THR B 366 -32.96 -10.81 -7.60
C THR B 366 -33.97 -10.45 -6.52
N THR B 367 -33.48 -10.44 -5.28
CA THR B 367 -34.33 -10.13 -4.14
C THR B 367 -33.61 -9.18 -3.20
N ALA B 368 -34.35 -8.22 -2.66
CA ALA B 368 -33.92 -7.40 -1.54
C ALA B 368 -32.68 -6.55 -1.88
N THR B 369 -32.50 -6.19 -3.15
CA THR B 369 -31.41 -5.27 -3.46
C THR B 369 -31.75 -3.89 -2.94
N ARG B 370 -30.78 -3.24 -2.31
CA ARG B 370 -30.92 -1.87 -1.85
C ARG B 370 -30.06 -0.98 -2.72
N VAL B 371 -30.64 0.11 -3.21
CA VAL B 371 -29.98 1.06 -4.09
C VAL B 371 -30.24 2.42 -3.47
N LEU B 372 -29.24 2.97 -2.77
CA LEU B 372 -29.41 4.08 -1.84
C LEU B 372 -28.45 5.20 -2.24
N HIS B 373 -28.96 6.27 -2.80
CA HIS B 373 -28.11 7.35 -3.31
C HIS B 373 -27.01 6.80 -4.20
N SER B 374 -27.38 5.81 -5.03
CA SER B 374 -26.47 5.13 -5.94
C SER B 374 -27.01 5.03 -7.36
N ALA B 375 -28.06 5.79 -7.69
N ALA B 375 -28.08 5.76 -7.65
CA ALA B 375 -28.67 5.83 -8.99
CA ALA B 375 -28.66 5.86 -8.98
C ALA B 375 -29.81 6.84 -8.91
C ALA B 375 -29.79 6.87 -8.89
N THR B 376 -29.93 7.74 -9.88
CA THR B 376 -31.16 8.50 -10.02
C THR B 376 -32.25 7.55 -10.54
N THR B 377 -33.50 8.02 -10.58
CA THR B 377 -34.57 7.18 -11.12
C THR B 377 -34.24 6.77 -12.55
N ALA B 378 -33.69 7.68 -13.33
CA ALA B 378 -33.33 7.40 -14.72
C ALA B 378 -32.18 6.41 -14.85
N GLN B 379 -31.42 6.20 -13.77
CA GLN B 379 -30.29 5.27 -13.78
C GLN B 379 -30.63 3.91 -13.21
N LEU B 380 -31.87 3.65 -12.85
CA LEU B 380 -32.26 2.36 -12.32
C LEU B 380 -33.22 1.71 -13.30
N ASP B 381 -32.92 0.47 -13.68
CA ASP B 381 -33.80 -0.40 -14.47
C ASP B 381 -34.06 -1.66 -13.65
N ALA B 382 -35.04 -1.57 -12.75
CA ALA B 382 -35.39 -2.67 -11.87
C ALA B 382 -36.37 -3.59 -12.58
N LEU B 383 -35.96 -4.82 -12.84
CA LEU B 383 -36.81 -5.78 -13.55
C LEU B 383 -37.55 -6.67 -12.57
N THR B 384 -37.44 -6.36 -11.27
CA THR B 384 -38.24 -6.95 -10.22
C THR B 384 -38.70 -5.84 -9.29
N THR B 385 -39.92 -5.97 -8.78
CA THR B 385 -40.44 -5.09 -7.74
C THR B 385 -39.85 -5.41 -6.38
N ASN B 386 -39.05 -6.47 -6.26
CA ASN B 386 -38.42 -6.85 -5.00
C ASN B 386 -37.06 -6.15 -4.86
N HIS B 387 -37.11 -4.86 -4.54
CA HIS B 387 -35.93 -4.07 -4.25
C HIS B 387 -36.36 -2.87 -3.43
N PHE B 388 -35.36 -2.16 -2.90
CA PHE B 388 -35.56 -0.89 -2.22
C PHE B 388 -34.79 0.18 -2.98
N MET B 389 -35.44 1.27 -3.34
CA MET B 389 -34.82 2.41 -4.01
C MET B 389 -34.95 3.64 -3.12
N VAL B 390 -33.81 4.27 -2.81
CA VAL B 390 -33.77 5.63 -2.27
C VAL B 390 -32.98 6.43 -3.31
N ALA B 391 -33.68 7.13 -4.18
CA ALA B 391 -33.08 7.67 -5.39
C ALA B 391 -32.05 8.75 -5.09
N THR B 392 -30.96 8.76 -5.85
CA THR B 392 -30.17 9.98 -5.96
C THR B 392 -31.06 11.05 -6.56
N PRO B 393 -31.17 12.22 -5.95
CA PRO B 393 -32.11 13.23 -6.44
C PRO B 393 -31.85 13.66 -7.87
N SER B 394 -32.94 13.95 -8.59
CA SER B 394 -32.87 14.48 -9.93
C SER B 394 -34.11 15.31 -10.26
N ALA C 2 33.05 0.12 1.15
CA ALA C 2 33.06 0.96 2.34
C ALA C 2 33.05 0.11 3.61
N ASP C 3 33.53 0.69 4.70
CA ASP C 3 33.60 -0.08 5.92
C ASP C 3 32.30 -0.07 6.72
N THR C 4 31.24 0.50 6.16
CA THR C 4 29.93 0.56 6.80
C THR C 4 29.02 -0.60 6.40
N VAL C 5 29.54 -1.57 5.65
CA VAL C 5 28.78 -2.72 5.19
C VAL C 5 29.33 -3.96 5.90
N TYR C 6 28.45 -4.67 6.61
CA TYR C 6 28.82 -5.86 7.35
C TYR C 6 27.90 -7.01 6.96
N ASP C 7 28.42 -8.23 7.04
CA ASP C 7 27.66 -9.46 6.88
C ASP C 7 28.00 -10.29 8.12
N VAL C 8 27.00 -10.71 8.88
CA VAL C 8 27.25 -11.38 10.14
C VAL C 8 28.05 -12.66 9.98
N THR C 9 28.04 -13.26 8.80
CA THR C 9 28.73 -14.51 8.55
C THR C 9 30.13 -14.33 7.96
N THR C 10 30.50 -13.13 7.49
CA THR C 10 31.82 -12.94 6.91
C THR C 10 32.64 -11.94 7.69
N TRP C 11 32.05 -11.24 8.64
CA TRP C 11 32.79 -10.25 9.40
C TRP C 11 33.72 -10.97 10.37
N ALA C 12 35.03 -10.78 10.19
CA ALA C 12 36.04 -11.55 10.91
C ALA C 12 36.26 -11.06 12.34
N GLY C 13 35.74 -9.89 12.71
CA GLY C 13 35.93 -9.36 14.05
C GLY C 13 35.11 -10.00 15.12
N ALA C 14 34.21 -10.92 14.74
CA ALA C 14 33.35 -11.60 15.70
C ALA C 14 34.13 -12.62 16.50
N THR C 15 33.85 -12.69 17.80
CA THR C 15 34.47 -13.67 18.68
C THR C 15 33.56 -14.84 19.02
N VAL C 16 32.34 -14.85 18.48
CA VAL C 16 31.47 -16.01 18.54
C VAL C 16 30.83 -16.17 17.18
N SER C 17 30.43 -17.39 16.87
CA SER C 17 29.72 -17.66 15.64
C SER C 17 28.33 -17.02 15.67
N PRO C 18 27.90 -16.40 14.57
CA PRO C 18 26.51 -15.91 14.51
C PRO C 18 25.47 -17.01 14.57
N TYR C 19 25.83 -18.23 14.20
CA TYR C 19 24.88 -19.33 14.30
C TYR C 19 24.63 -19.70 15.74
N VAL C 20 25.64 -19.46 16.60
CA VAL C 20 25.52 -19.74 18.03
C VAL C 20 24.88 -18.58 18.78
N ASP C 21 25.33 -17.35 18.52
CA ASP C 21 24.71 -16.19 19.14
C ASP C 21 24.87 -14.98 18.23
N ILE C 22 23.88 -14.79 17.33
CA ILE C 22 23.90 -13.66 16.43
C ILE C 22 23.71 -12.35 17.20
N GLY C 23 23.12 -12.41 18.39
CA GLY C 23 22.97 -11.20 19.18
C GLY C 23 24.31 -10.66 19.63
N ALA C 24 25.18 -11.54 20.08
CA ALA C 24 26.53 -11.13 20.44
C ALA C 24 27.28 -10.59 19.22
N VAL C 25 27.13 -11.25 18.07
CA VAL C 25 27.83 -10.77 16.89
C VAL C 25 27.37 -9.37 16.52
N ILE C 26 26.04 -9.14 16.53
CA ILE C 26 25.54 -7.83 16.14
C ILE C 26 25.98 -6.77 17.15
N ASN C 27 25.96 -7.10 18.44
CA ASN C 27 26.48 -6.14 19.42
C ASN C 27 27.95 -5.81 19.17
N GLN C 28 28.73 -6.81 18.78
CA GLN C 28 30.13 -6.56 18.46
C GLN C 28 30.27 -5.69 17.24
N ILE C 29 29.42 -5.90 16.22
CA ILE C 29 29.43 -5.02 15.06
C ILE C 29 29.07 -3.60 15.48
N ILE C 30 28.07 -3.44 16.36
CA ILE C 30 27.69 -2.10 16.81
C ILE C 30 28.84 -1.42 17.53
N ALA C 31 29.56 -2.16 18.37
CA ALA C 31 30.74 -1.59 19.01
C ALA C 31 31.77 -1.15 17.97
N ASP C 32 31.96 -1.95 16.92
CA ASP C 32 32.88 -1.58 15.85
C ASP C 32 32.43 -0.31 15.14
N ILE C 33 31.13 -0.19 14.86
CA ILE C 33 30.60 1.04 14.27
C ILE C 33 30.93 2.23 15.16
N LYS C 34 30.69 2.12 16.46
CA LYS C 34 30.92 3.24 17.35
C LYS C 34 32.39 3.63 17.40
N SER C 35 33.31 2.67 17.27
CA SER C 35 34.74 2.96 17.29
C SER C 35 35.19 3.69 16.03
N LYS C 36 34.44 3.58 14.94
CA LYS C 36 34.75 4.23 13.68
C LYS C 36 33.97 5.52 13.44
N GLN C 37 32.81 5.65 14.07
CA GLN C 37 31.87 6.76 13.82
C GLN C 37 31.75 7.52 15.13
N THR C 38 32.60 8.53 15.31
CA THR C 38 32.94 9.01 16.63
C THR C 38 32.57 10.46 16.92
N THR C 39 31.94 11.16 15.99
CA THR C 39 31.46 12.52 16.25
C THR C 39 30.08 12.69 15.65
N GLN C 40 29.39 13.77 16.05
CA GLN C 40 28.00 13.93 15.63
C GLN C 40 27.86 14.17 14.14
N THR C 41 28.94 14.55 13.45
CA THR C 41 28.90 14.71 12.00
C THR C 41 29.53 13.55 11.25
N THR C 42 29.94 12.50 11.95
CA THR C 42 30.58 11.36 11.30
C THR C 42 29.91 10.05 11.68
N ARG C 43 28.58 10.09 11.83
CA ARG C 43 27.78 8.94 12.25
C ARG C 43 26.68 8.67 11.23
N PRO C 44 27.05 8.37 9.98
CA PRO C 44 26.03 8.00 8.97
C PRO C 44 25.34 6.67 9.22
N GLY C 45 25.90 5.79 10.03
CA GLY C 45 25.31 4.48 10.27
C GLY C 45 25.94 3.38 9.43
N ALA C 46 25.18 2.30 9.25
CA ALA C 46 25.77 1.10 8.68
C ALA C 46 24.66 0.17 8.26
N VAL C 47 25.04 -0.88 7.54
CA VAL C 47 24.15 -1.97 7.19
C VAL C 47 24.76 -3.29 7.63
N ILE C 48 23.94 -4.12 8.27
CA ILE C 48 24.28 -5.46 8.67
C ILE C 48 23.38 -6.39 7.88
N TYR C 49 23.99 -7.20 7.03
CA TYR C 49 23.27 -8.20 6.24
C TYR C 49 23.32 -9.56 6.93
N ILE C 50 22.17 -10.22 6.98
CA ILE C 50 22.02 -11.56 7.51
C ILE C 50 21.67 -12.47 6.34
N PRO C 51 22.56 -13.34 5.89
CA PRO C 51 22.23 -14.26 4.82
C PRO C 51 21.23 -15.30 5.29
N PRO C 52 20.62 -16.04 4.37
CA PRO C 52 19.79 -17.17 4.80
C PRO C 52 20.57 -18.12 5.70
N GLY C 53 19.91 -18.60 6.74
CA GLY C 53 20.54 -19.43 7.74
C GLY C 53 19.68 -19.51 8.97
N HIS C 54 20.00 -20.49 9.82
CA HIS C 54 19.36 -20.64 11.13
C HIS C 54 20.33 -20.11 12.17
N TYR C 55 19.98 -19.00 12.81
CA TYR C 55 20.84 -18.35 13.78
C TYR C 55 20.16 -18.33 15.14
N ASP C 56 20.85 -18.81 16.17
CA ASP C 56 20.36 -18.61 17.53
C ASP C 56 20.77 -17.23 18.02
N LEU C 57 19.88 -16.57 18.77
CA LEU C 57 20.19 -15.35 19.50
C LEU C 57 20.10 -15.70 20.98
N LEU C 58 21.23 -15.55 21.68
CA LEU C 58 21.29 -15.75 23.12
C LEU C 58 21.39 -14.45 23.89
N THR C 59 21.94 -13.42 23.26
CA THR C 59 22.16 -12.11 23.87
C THR C 59 21.28 -11.06 23.21
N ARG C 60 20.55 -10.30 24.03
CA ARG C 60 19.78 -9.19 23.51
C ARG C 60 20.69 -8.20 22.79
N VAL C 61 20.26 -7.78 21.61
CA VAL C 61 20.96 -6.71 20.88
C VAL C 61 20.44 -5.38 21.37
N VAL C 62 21.36 -4.46 21.66
CA VAL C 62 21.01 -3.10 22.07
C VAL C 62 21.48 -2.14 21.00
N ILE C 63 20.54 -1.41 20.40
CA ILE C 63 20.82 -0.45 19.35
C ILE C 63 20.57 0.95 19.88
N ASP C 64 21.61 1.78 19.89
CA ASP C 64 21.49 3.20 20.21
C ASP C 64 22.16 4.04 19.14
N VAL C 65 22.24 3.49 17.93
CA VAL C 65 22.86 4.13 16.77
C VAL C 65 21.76 4.44 15.76
N SER C 66 21.69 5.68 15.32
CA SER C 66 20.71 6.03 14.30
C SER C 66 21.18 5.51 12.94
N PHE C 67 20.22 5.28 12.05
CA PHE C 67 20.51 4.93 10.65
C PHE C 67 21.17 3.57 10.50
N LEU C 68 20.93 2.67 11.44
CA LEU C 68 21.35 1.29 11.31
C LEU C 68 20.29 0.52 10.54
N GLN C 69 20.72 -0.17 9.50
CA GLN C 69 19.88 -1.07 8.73
C GLN C 69 20.32 -2.50 9.02
N ILE C 70 19.38 -3.35 9.42
CA ILE C 70 19.60 -4.78 9.55
C ILE C 70 18.66 -5.45 8.55
N LYS C 71 19.22 -6.18 7.59
CA LYS C 71 18.47 -6.68 6.45
C LYS C 71 18.83 -8.12 6.16
N GLY C 72 17.84 -8.88 5.67
CA GLY C 72 18.08 -10.24 5.25
C GLY C 72 17.42 -10.55 3.93
N ALA C 73 17.12 -11.82 3.69
CA ALA C 73 16.65 -12.33 2.40
C ALA C 73 15.16 -12.61 2.35
N GLY C 74 14.41 -12.33 3.41
CA GLY C 74 12.98 -12.48 3.33
C GLY C 74 12.38 -12.80 4.68
N HIS C 75 11.06 -12.92 4.66
CA HIS C 75 10.30 -13.03 5.89
C HIS C 75 10.32 -14.45 6.48
N GLY C 76 10.58 -15.47 5.66
CA GLY C 76 10.86 -16.81 6.17
C GLY C 76 9.75 -17.52 6.92
N PHE C 77 8.49 -17.13 6.73
CA PHE C 77 7.43 -17.65 7.57
C PHE C 77 7.13 -19.11 7.26
N LEU C 78 6.92 -19.89 8.30
CA LEU C 78 6.29 -21.20 8.22
C LEU C 78 5.35 -21.30 9.41
N SER C 79 4.17 -21.89 9.21
CA SER C 79 3.20 -21.96 10.30
C SER C 79 3.63 -23.02 11.30
N GLU C 80 4.23 -22.56 12.39
CA GLU C 80 4.57 -23.46 13.49
C GLU C 80 3.32 -23.95 14.19
N ALA C 81 2.24 -23.16 14.18
CA ALA C 81 1.00 -23.62 14.81
C ALA C 81 0.46 -24.86 14.08
N ILE C 82 0.45 -24.83 12.75
CA ILE C 82 0.01 -25.99 12.00
C ILE C 82 0.99 -27.14 12.20
N ARG C 83 2.28 -26.84 12.17
CA ARG C 83 3.28 -27.89 12.39
C ARG C 83 2.99 -28.62 13.69
N ASP C 84 2.72 -27.86 14.75
CA ASP C 84 2.59 -28.41 16.10
C ASP C 84 1.30 -29.20 16.29
N GLU C 85 0.39 -29.12 15.32
CA GLU C 85 -0.85 -29.89 15.28
C GLU C 85 -0.82 -30.99 14.22
N SER C 86 0.32 -31.21 13.57
CA SER C 86 0.44 -32.10 12.43
C SER C 86 1.41 -33.21 12.76
N GLN C 87 1.43 -34.24 11.90
CA GLN C 87 2.43 -35.30 11.97
C GLN C 87 3.52 -34.95 10.96
N THR C 88 4.69 -34.56 11.46
CA THR C 88 5.66 -33.86 10.62
C THR C 88 6.91 -34.68 10.30
N GLY C 89 6.89 -36.00 10.53
CA GLY C 89 8.09 -36.79 10.32
C GLY C 89 8.61 -36.72 8.90
N SER C 90 7.72 -36.60 7.92
CA SER C 90 8.10 -36.53 6.53
C SER C 90 8.03 -35.11 5.96
N TRP C 91 7.79 -34.11 6.79
CA TRP C 91 7.83 -32.74 6.27
C TRP C 91 9.23 -32.43 5.74
N VAL C 92 9.28 -31.74 4.60
CA VAL C 92 10.57 -31.37 4.03
C VAL C 92 11.28 -30.37 4.94
N GLU C 93 10.52 -29.46 5.54
CA GLU C 93 11.12 -28.53 6.49
C GLU C 93 10.14 -28.32 7.63
N THR C 94 10.69 -28.14 8.84
CA THR C 94 9.84 -27.96 10.00
C THR C 94 10.13 -26.65 10.73
N LEU C 95 11.05 -25.82 10.22
CA LEU C 95 11.37 -24.56 10.85
C LEU C 95 11.12 -23.43 9.87
N PRO C 96 10.71 -22.24 10.36
CA PRO C 96 10.82 -21.03 9.55
C PRO C 96 12.24 -20.89 9.05
N GLY C 97 12.41 -20.12 7.98
CA GLY C 97 13.68 -20.00 7.32
C GLY C 97 14.03 -18.61 6.85
N ALA C 98 14.63 -18.56 5.67
CA ALA C 98 15.25 -17.35 5.12
C ALA C 98 16.31 -16.90 6.12
N SER C 99 16.39 -15.62 6.47
CA SER C 99 17.36 -15.10 7.41
C SER C 99 16.72 -15.21 8.79
N HIS C 100 16.92 -16.37 9.42
CA HIS C 100 16.04 -16.84 10.49
C HIS C 100 16.72 -16.72 11.85
N ILE C 101 16.26 -15.78 12.66
CA ILE C 101 16.75 -15.63 14.03
C ILE C 101 15.81 -16.35 14.97
N ARG C 102 16.36 -17.34 15.67
CA ARG C 102 15.68 -18.06 16.74
C ARG C 102 15.96 -17.32 18.04
N VAL C 103 14.92 -16.68 18.58
CA VAL C 103 15.03 -15.84 19.77
C VAL C 103 15.10 -16.77 20.97
N ARG C 104 16.30 -16.86 21.56
CA ARG C 104 16.61 -17.83 22.62
C ARG C 104 17.40 -17.18 23.76
N ASN C 105 17.03 -15.96 24.14
CA ASN C 105 17.81 -15.25 25.17
C ASN C 105 18.11 -16.15 26.35
N ASN C 106 19.34 -16.06 26.83
CA ASN C 106 19.70 -16.63 28.12
C ASN C 106 20.31 -15.58 29.05
N ASP C 107 20.02 -14.31 28.79
CA ASP C 107 20.64 -13.18 29.48
C ASP C 107 19.68 -12.44 30.42
N GLY C 108 18.55 -13.03 30.76
CA GLY C 108 17.60 -12.40 31.65
C GLY C 108 16.67 -11.39 31.00
N HIS C 109 16.75 -11.25 29.68
CA HIS C 109 15.96 -10.27 28.95
C HIS C 109 15.09 -11.01 27.94
N ASN C 110 13.96 -10.43 27.58
N ASN C 110 13.95 -10.39 27.60
CA ASN C 110 13.02 -11.14 26.73
CA ASN C 110 12.95 -11.05 26.77
C ASN C 110 13.01 -10.63 25.29
C ASN C 110 12.99 -10.62 25.31
N GLU C 111 13.72 -9.55 24.98
CA GLU C 111 13.72 -8.98 23.64
C GLU C 111 14.93 -9.46 22.86
N ALA C 112 14.71 -9.76 21.59
CA ALA C 112 15.84 -10.00 20.70
C ALA C 112 16.57 -8.69 20.40
N PHE C 113 15.82 -7.63 20.10
CA PHE C 113 16.35 -6.32 19.76
C PHE C 113 15.71 -5.29 20.67
N LEU C 114 16.55 -4.54 21.39
CA LEU C 114 16.09 -3.40 22.17
C LEU C 114 16.75 -2.17 21.54
N VAL C 115 15.92 -1.23 21.08
CA VAL C 115 16.38 -0.02 20.44
C VAL C 115 16.10 1.09 21.44
N SER C 116 17.16 1.63 22.05
CA SER C 116 16.96 2.55 23.16
C SER C 116 18.21 3.37 23.40
N ARG C 117 18.00 4.66 23.58
CA ARG C 117 19.03 5.64 23.93
C ARG C 117 18.54 6.39 25.15
N THR C 118 19.40 6.48 26.17
CA THR C 118 19.09 7.22 27.39
C THR C 118 19.31 8.71 27.17
N GLY C 119 18.58 9.52 27.93
CA GLY C 119 18.75 10.95 27.90
C GLY C 119 17.50 11.68 27.45
N ALA C 120 17.51 12.99 27.68
CA ALA C 120 16.44 13.83 27.16
C ALA C 120 16.60 14.02 25.64
N PRO C 121 15.60 13.71 24.82
CA PRO C 121 15.78 13.89 23.37
C PRO C 121 16.20 15.28 22.93
N ALA C 122 15.74 16.35 23.58
CA ALA C 122 16.20 17.68 23.20
C ALA C 122 17.70 17.87 23.39
N THR C 123 18.31 17.09 24.29
CA THR C 123 19.72 17.20 24.65
C THR C 123 20.60 16.23 23.89
N VAL C 124 20.16 14.98 23.72
CA VAL C 124 20.99 13.94 23.10
C VAL C 124 20.52 13.54 21.71
N GLY C 125 19.36 13.99 21.28
CA GLY C 125 18.81 13.62 19.99
C GLY C 125 18.01 12.33 20.09
N ARG C 126 17.02 12.22 19.22
CA ARG C 126 16.25 10.98 19.13
C ARG C 126 17.01 9.94 18.31
N LEU C 127 16.54 8.71 18.40
CA LEU C 127 16.98 7.68 17.45
C LEU C 127 16.18 7.83 16.16
N ASN C 128 16.88 7.85 15.03
CA ASN C 128 16.31 8.24 13.74
C ASN C 128 16.52 7.15 12.72
N SER C 129 15.45 6.81 12.00
CA SER C 129 15.52 6.07 10.74
C SER C 129 16.36 4.81 10.85
N ILE C 130 16.13 4.05 11.91
CA ILE C 130 16.61 2.69 12.02
C ILE C 130 15.69 1.81 11.18
N VAL C 131 16.28 0.85 10.48
CA VAL C 131 15.59 0.09 9.44
C VAL C 131 15.77 -1.40 9.70
N PHE C 132 14.67 -2.13 9.92
CA PHE C 132 14.67 -3.58 9.98
C PHE C 132 13.95 -4.06 8.73
N GLN C 133 14.63 -4.83 7.88
N GLN C 133 14.61 -4.87 7.91
CA GLN C 133 14.05 -5.27 6.62
CA GLN C 133 14.03 -5.26 6.63
C GLN C 133 14.27 -6.77 6.40
C GLN C 133 14.29 -6.73 6.30
N ASP C 134 13.24 -7.44 5.90
CA ASP C 134 13.39 -8.72 5.23
C ASP C 134 14.20 -9.76 6.03
N PHE C 135 13.88 -9.94 7.31
CA PHE C 135 14.37 -11.09 8.04
C PHE C 135 13.29 -11.61 8.97
N CYS C 136 13.56 -12.77 9.57
CA CYS C 136 12.59 -13.52 10.35
C CYS C 136 13.00 -13.59 11.81
N LEU C 137 12.07 -13.23 12.68
CA LEU C 137 12.22 -13.38 14.12
C LEU C 137 11.24 -14.41 14.64
N ASP C 138 11.75 -15.42 15.34
CA ASP C 138 10.99 -16.61 15.69
C ASP C 138 11.24 -17.02 17.13
N GLY C 139 10.14 -17.20 17.89
CA GLY C 139 10.22 -17.64 19.28
C GLY C 139 10.38 -19.13 19.48
N VAL C 140 10.35 -19.92 18.41
N VAL C 140 10.35 -19.92 18.41
CA VAL C 140 10.77 -21.32 18.38
CA VAL C 140 10.77 -21.32 18.38
C VAL C 140 9.70 -22.26 18.90
C VAL C 140 9.70 -22.26 18.90
N ASN C 141 9.21 -22.02 20.11
CA ASN C 141 8.15 -22.84 20.69
C ASN C 141 7.21 -21.94 21.47
N ALA C 142 5.91 -22.18 21.29
CA ALA C 142 4.87 -21.39 21.96
C ALA C 142 3.55 -22.15 21.82
N SER C 143 2.61 -21.81 22.68
CA SER C 143 1.27 -22.37 22.68
C SER C 143 0.24 -21.26 22.63
N LYS C 144 -0.86 -21.52 21.93
CA LYS C 144 -1.91 -20.53 21.79
C LYS C 144 -2.46 -20.16 23.17
N PRO C 145 -2.80 -18.88 23.40
CA PRO C 145 -2.77 -17.72 22.48
C PRO C 145 -1.48 -16.94 22.50
N TYR C 146 -0.38 -17.50 22.99
CA TYR C 146 0.95 -16.93 22.86
C TYR C 146 1.18 -15.73 23.76
N LEU C 147 0.28 -15.49 24.73
CA LEU C 147 0.36 -14.36 25.62
C LEU C 147 -0.32 -14.78 26.92
N PRO C 148 0.42 -14.89 28.04
CA PRO C 148 1.84 -14.57 28.21
C PRO C 148 2.77 -15.45 27.38
N GLY C 149 2.33 -16.65 27.06
CA GLY C 149 3.09 -17.53 26.17
C GLY C 149 4.51 -17.73 26.62
N ASN C 150 5.44 -17.63 25.66
CA ASN C 150 6.86 -17.74 25.91
C ASN C 150 7.49 -16.41 26.31
N GLY C 151 6.70 -15.34 26.39
CA GLY C 151 7.20 -14.07 26.89
C GLY C 151 8.19 -13.37 25.98
N LYS C 152 8.44 -13.88 24.78
CA LYS C 152 9.53 -13.37 23.95
C LYS C 152 9.05 -12.19 23.10
N THR C 153 9.92 -11.20 22.93
CA THR C 153 9.65 -10.03 22.09
C THR C 153 10.64 -9.98 20.93
N GLY C 154 10.15 -9.63 19.75
CA GLY C 154 11.02 -9.49 18.60
C GLY C 154 11.86 -8.22 18.61
N ILE C 155 11.19 -7.08 18.46
CA ILE C 155 11.84 -5.78 18.41
C ILE C 155 11.09 -4.82 19.31
N SER C 156 11.82 -4.13 20.18
CA SER C 156 11.22 -3.18 21.10
C SER C 156 12.02 -1.90 21.07
N PHE C 157 11.36 -0.79 20.70
CA PHE C 157 11.95 0.54 20.78
C PHE C 157 11.47 1.18 22.09
N GLN C 158 12.40 1.57 22.97
CA GLN C 158 12.02 2.07 24.29
C GLN C 158 12.51 3.47 24.59
N SER C 159 12.87 4.24 23.56
CA SER C 159 13.14 5.67 23.71
C SER C 159 12.62 6.37 22.48
N ASP C 160 12.46 7.70 22.57
CA ASP C 160 11.75 8.43 21.53
C ASP C 160 12.49 8.31 20.20
N ASN C 161 11.73 8.15 19.12
CA ASN C 161 12.31 7.79 17.83
C ASN C 161 11.52 8.44 16.71
N ASP C 162 12.20 8.67 15.58
CA ASP C 162 11.62 9.36 14.44
C ASP C 162 11.96 8.60 13.17
N ALA C 163 10.94 8.37 12.34
CA ALA C 163 11.08 7.81 10.99
C ALA C 163 11.70 6.42 10.99
N VAL C 164 11.43 5.59 12.00
CA VAL C 164 11.91 4.23 11.97
C VAL C 164 11.09 3.44 10.94
N ARG C 165 11.59 2.27 10.58
CA ARG C 165 11.05 1.54 9.45
C ARG C 165 11.20 0.06 9.66
N ILE C 166 10.09 -0.65 9.64
N ILE C 166 10.07 -0.64 9.70
CA ILE C 166 10.05 -2.09 9.82
CA ILE C 166 10.00 -2.09 9.81
C ILE C 166 9.30 -2.62 8.60
C ILE C 166 9.30 -2.56 8.55
N GLU C 167 10.02 -3.30 7.70
CA GLU C 167 9.51 -3.61 6.36
C GLU C 167 9.86 -5.03 5.91
N GLY C 168 8.87 -5.75 5.39
CA GLY C 168 9.18 -7.02 4.74
C GLY C 168 9.56 -8.14 5.68
N MET C 169 9.37 -7.95 6.98
CA MET C 169 9.77 -8.93 7.97
C MET C 169 8.77 -10.04 8.18
N GLY C 170 9.28 -11.12 8.76
CA GLY C 170 8.47 -12.16 9.36
C GLY C 170 8.68 -12.21 10.87
N PHE C 171 7.58 -12.36 11.60
CA PHE C 171 7.61 -12.54 13.05
C PHE C 171 6.65 -13.69 13.34
N VAL C 172 7.10 -14.67 14.12
CA VAL C 172 6.31 -15.88 14.39
C VAL C 172 6.65 -16.39 15.79
N TYR C 173 5.62 -16.80 16.53
CA TYR C 173 5.80 -17.53 17.79
C TYR C 173 6.46 -16.64 18.84
N LEU C 174 6.08 -15.36 18.84
CA LEU C 174 6.52 -14.40 19.84
C LEU C 174 5.34 -13.90 20.65
N ALA C 175 5.57 -13.59 21.92
CA ALA C 175 4.52 -12.94 22.71
C ALA C 175 4.21 -11.55 22.15
N HIS C 176 5.25 -10.80 21.77
CA HIS C 176 5.11 -9.45 21.23
C HIS C 176 6.02 -9.36 20.04
N ALA C 177 5.47 -9.17 18.86
CA ALA C 177 6.32 -9.06 17.68
C ALA C 177 7.09 -7.75 17.67
N LEU C 178 6.38 -6.63 17.69
CA LEU C 178 6.95 -5.29 17.58
C LEU C 178 6.31 -4.35 18.60
N ILE C 179 7.16 -3.69 19.38
CA ILE C 179 6.75 -2.68 20.33
C ILE C 179 7.55 -1.41 20.02
N ILE C 180 6.86 -0.26 19.90
CA ILE C 180 7.53 1.02 19.66
C ILE C 180 6.94 2.01 20.64
N LYS C 181 7.77 2.49 21.58
CA LYS C 181 7.36 3.53 22.53
C LYS C 181 7.79 4.89 21.99
N GLY C 182 6.88 5.86 22.03
CA GLY C 182 7.26 7.21 21.66
C GLY C 182 7.65 7.35 20.20
N ALA C 183 6.89 6.71 19.32
CA ALA C 183 7.19 6.70 17.90
C ALA C 183 6.67 7.96 17.22
N ASP C 184 7.50 8.56 16.39
CA ASP C 184 7.13 9.68 15.53
C ASP C 184 7.34 9.22 14.09
N ALA C 185 6.27 9.21 13.29
CA ALA C 185 6.31 8.84 11.87
C ALA C 185 6.99 7.49 11.62
N PRO C 186 6.73 6.46 12.42
CA PRO C 186 7.24 5.12 12.08
C PRO C 186 6.50 4.58 10.86
N ASN C 187 7.19 3.73 10.11
CA ASN C 187 6.68 3.11 8.89
C ASN C 187 6.73 1.62 9.11
N ILE C 188 5.57 0.98 9.29
CA ILE C 188 5.47 -0.46 9.53
C ILE C 188 4.71 -1.04 8.35
N THR C 189 5.44 -1.66 7.43
CA THR C 189 4.86 -1.92 6.12
C THR C 189 5.34 -3.24 5.52
N ASN C 190 4.44 -3.95 4.85
CA ASN C 190 4.78 -5.16 4.09
C ASN C 190 5.31 -6.30 4.94
N ASN C 191 4.93 -6.36 6.21
CA ASN C 191 5.38 -7.42 7.11
C ASN C 191 4.39 -8.57 7.16
N PHE C 192 4.87 -9.67 7.74
CA PHE C 192 4.10 -10.91 7.91
C PHE C 192 4.27 -11.29 9.37
N ILE C 193 3.29 -10.91 10.19
CA ILE C 193 3.32 -11.15 11.63
C ILE C 193 2.21 -12.16 11.92
N ALA C 194 2.57 -13.33 12.40
CA ALA C 194 1.55 -14.37 12.57
C ALA C 194 1.90 -15.26 13.74
N GLU C 195 0.86 -15.79 14.38
CA GLU C 195 1.04 -16.75 15.46
C GLU C 195 1.89 -16.13 16.56
N CYS C 196 1.55 -14.89 16.90
CA CYS C 196 2.13 -14.14 17.99
C CYS C 196 1.02 -13.69 18.95
N GLY C 197 1.42 -13.29 20.15
CA GLY C 197 0.45 -12.83 21.14
C GLY C 197 -0.18 -11.51 20.72
N SER C 198 0.66 -10.52 20.45
CA SER C 198 0.30 -9.25 19.85
C SER C 198 1.25 -8.98 18.69
N SER C 199 0.78 -8.18 17.74
CA SER C 199 1.56 -7.88 16.55
C SER C 199 2.31 -6.55 16.65
N ILE C 200 1.57 -5.45 16.87
CA ILE C 200 2.14 -4.11 16.91
C ILE C 200 1.59 -3.39 18.13
N GLU C 201 2.49 -2.86 18.97
CA GLU C 201 2.12 -2.06 20.13
C GLU C 201 2.86 -0.74 20.02
N LEU C 202 2.11 0.34 19.89
CA LEU C 202 2.64 1.70 19.89
C LEU C 202 2.34 2.30 21.25
N THR C 203 3.34 2.29 22.14
CA THR C 203 3.12 2.59 23.54
C THR C 203 3.57 4.01 23.88
N GLY C 204 3.09 4.48 25.04
CA GLY C 204 3.41 5.80 25.56
C GLY C 204 2.59 6.86 24.89
N ALA C 205 2.95 7.13 23.63
CA ALA C 205 2.27 8.05 22.75
C ALA C 205 2.89 7.83 21.39
N SER C 206 2.19 8.28 20.35
CA SER C 206 2.77 8.25 19.02
C SER C 206 2.20 9.39 18.19
N GLN C 207 2.95 9.75 17.15
CA GLN C 207 2.53 10.74 16.18
C GLN C 207 2.65 10.11 14.81
N VAL C 208 1.57 10.17 14.04
CA VAL C 208 1.52 9.86 12.62
C VAL C 208 2.21 8.56 12.22
N ALA C 209 1.94 7.50 12.96
CA ALA C 209 2.40 6.19 12.54
C ALA C 209 1.69 5.74 11.29
N LYS C 210 2.43 5.06 10.41
CA LYS C 210 1.88 4.51 9.17
C LYS C 210 2.01 3.00 9.21
N ILE C 211 0.86 2.30 9.25
CA ILE C 211 0.81 0.84 9.32
C ILE C 211 0.09 0.39 8.05
N THR C 212 0.84 -0.12 7.08
CA THR C 212 0.26 -0.38 5.76
C THR C 212 0.71 -1.72 5.21
N ASN C 213 -0.20 -2.36 4.45
CA ASN C 213 0.19 -3.47 3.59
C ASN C 213 0.81 -4.64 4.37
N ASN C 214 0.32 -4.89 5.58
CA ASN C 214 0.83 -6.00 6.40
C ASN C 214 -0.17 -7.14 6.47
N PHE C 215 0.35 -8.34 6.73
CA PHE C 215 -0.42 -9.43 7.31
C PHE C 215 -0.21 -9.39 8.82
N LEU C 216 -1.29 -9.24 9.58
CA LEU C 216 -1.26 -9.25 11.04
C LEU C 216 -2.18 -10.34 11.56
N ILE C 217 -1.59 -11.37 12.16
CA ILE C 217 -2.27 -12.62 12.45
C ILE C 217 -1.98 -13.07 13.87
N SER C 218 -2.04 -12.14 14.81
CA SER C 218 -1.92 -12.46 16.22
C SER C 218 -3.24 -12.98 16.78
N ALA C 219 -3.14 -13.64 17.93
CA ALA C 219 -4.25 -14.36 18.54
C ALA C 219 -5.03 -13.51 19.55
N TRP C 220 -5.89 -14.18 20.33
CA TRP C 220 -7.05 -13.54 20.95
C TRP C 220 -6.77 -12.95 22.32
N ALA C 221 -5.59 -13.13 22.89
CA ALA C 221 -5.27 -12.56 24.17
C ALA C 221 -4.62 -11.19 24.08
N GLY C 222 -4.13 -10.82 22.90
CA GLY C 222 -3.47 -9.55 22.75
C GLY C 222 -4.14 -8.67 21.72
N TYR C 223 -3.33 -7.92 20.98
CA TYR C 223 -3.84 -6.96 20.02
C TYR C 223 -3.09 -7.08 18.71
N SER C 224 -3.81 -6.91 17.60
CA SER C 224 -3.15 -6.76 16.31
C SER C 224 -2.42 -5.44 16.25
N ILE C 225 -3.10 -4.38 16.65
CA ILE C 225 -2.53 -3.03 16.80
C ILE C 225 -3.07 -2.47 18.11
N PHE C 226 -2.18 -2.19 19.05
CA PHE C 226 -2.52 -1.48 20.28
C PHE C 226 -1.81 -0.15 20.21
N ALA C 227 -2.55 0.94 20.39
CA ALA C 227 -1.97 2.26 20.28
C ALA C 227 -2.48 3.12 21.42
N GLU C 228 -1.55 3.60 22.23
CA GLU C 228 -1.81 4.39 23.43
C GLU C 228 -1.47 5.83 23.09
N ASN C 229 -2.42 6.75 23.28
CA ASN C 229 -2.17 8.17 23.06
C ASN C 229 -1.61 8.45 21.67
N ALA C 230 -2.26 7.87 20.67
CA ALA C 230 -1.82 7.96 19.28
C ALA C 230 -2.56 9.07 18.57
N GLU C 231 -1.81 10.03 18.05
CA GLU C 231 -2.37 11.05 17.17
C GLU C 231 -2.06 10.70 15.73
N GLY C 232 -3.08 10.72 14.88
CA GLY C 232 -2.87 10.66 13.45
C GLY C 232 -2.43 9.32 12.87
N LEU C 233 -2.79 8.21 13.52
CA LEU C 233 -2.45 6.88 13.03
C LEU C 233 -3.07 6.69 11.65
N GLN C 234 -2.33 6.06 10.74
CA GLN C 234 -2.87 5.61 9.47
C GLN C 234 -2.72 4.10 9.42
N ILE C 235 -3.85 3.41 9.26
CA ILE C 235 -3.87 1.96 9.15
C ILE C 235 -4.62 1.64 7.87
N SER C 236 -3.91 1.16 6.86
CA SER C 236 -4.56 0.95 5.57
C SER C 236 -3.89 -0.18 4.77
N GLY C 237 -4.72 -0.88 3.99
CA GLY C 237 -4.22 -1.93 3.12
C GLY C 237 -3.71 -3.15 3.82
N ASN C 238 -4.10 -3.36 5.07
CA ASN C 238 -3.65 -4.52 5.82
C ASN C 238 -4.68 -5.62 5.72
N THR C 239 -4.19 -6.85 5.83
CA THR C 239 -5.01 -8.03 6.06
C THR C 239 -4.76 -8.47 7.49
N ILE C 240 -5.77 -8.32 8.34
CA ILE C 240 -5.67 -8.57 9.76
C ILE C 240 -6.65 -9.68 10.11
N LEU C 241 -6.13 -10.79 10.64
CA LEU C 241 -6.83 -12.06 10.66
C LEU C 241 -6.77 -12.69 12.05
N TRP C 242 -7.54 -13.78 12.18
CA TRP C 242 -7.64 -14.66 13.34
C TRP C 242 -8.37 -13.99 14.50
N ALA C 243 -7.71 -12.97 15.06
CA ALA C 243 -8.22 -12.24 16.21
C ALA C 243 -7.95 -10.75 16.02
N CYS C 244 -8.34 -10.24 14.86
CA CYS C 244 -8.18 -8.82 14.56
C CYS C 244 -8.68 -7.99 15.73
N ASN C 245 -7.81 -7.17 16.29
CA ASN C 245 -8.15 -6.27 17.39
C ASN C 245 -7.24 -5.07 17.24
N ILE C 246 -7.82 -3.98 16.80
CA ILE C 246 -7.18 -2.67 16.75
C ILE C 246 -7.76 -1.87 17.90
N THR C 247 -6.96 -1.63 18.94
CA THR C 247 -7.42 -0.89 20.10
C THR C 247 -6.65 0.42 20.18
N LEU C 248 -7.37 1.52 20.18
CA LEU C 248 -6.82 2.84 20.47
C LEU C 248 -7.28 3.24 21.86
N SER C 249 -6.35 3.63 22.72
CA SER C 249 -6.66 4.21 24.01
C SER C 249 -6.30 5.69 23.91
N SER C 250 -7.30 6.56 24.03
N SER C 250 -7.30 6.56 23.99
CA SER C 250 -7.12 7.99 23.84
CA SER C 250 -7.12 8.01 23.87
C SER C 250 -6.35 8.28 22.57
C SER C 250 -6.47 8.39 22.55
N GLY C 251 -6.84 7.70 21.47
CA GLY C 251 -6.31 7.97 20.14
C GLY C 251 -7.27 8.85 19.36
N ASN C 252 -6.71 9.75 18.55
CA ASN C 252 -7.49 10.74 17.83
C ASN C 252 -6.97 10.94 16.42
N ARG C 253 -7.89 11.29 15.50
CA ARG C 253 -7.56 11.64 14.12
C ARG C 253 -6.89 10.48 13.37
N ALA C 254 -7.21 9.25 13.77
CA ALA C 254 -6.78 8.09 13.01
C ALA C 254 -7.56 7.93 11.72
N SER C 255 -6.89 7.34 10.73
CA SER C 255 -7.48 6.99 9.45
C SER C 255 -7.33 5.48 9.27
N ILE C 256 -8.42 4.75 9.42
CA ILE C 256 -8.41 3.29 9.36
C ILE C 256 -9.26 2.94 8.15
N THR C 257 -8.61 2.65 7.03
CA THR C 257 -9.28 2.59 5.74
C THR C 257 -8.73 1.45 4.90
N SER C 258 -9.61 0.89 4.06
CA SER C 258 -9.14 -0.04 3.03
C SER C 258 -8.39 -1.23 3.61
N ASN C 259 -8.92 -1.81 4.68
CA ASN C 259 -8.35 -3.01 5.27
C ASN C 259 -9.34 -4.15 5.20
N LYS C 260 -8.78 -5.36 5.16
CA LYS C 260 -9.50 -6.62 5.32
C LYS C 260 -9.32 -7.05 6.77
N LEU C 261 -10.43 -7.11 7.52
CA LEU C 261 -10.38 -7.30 8.97
C LEU C 261 -11.23 -8.50 9.37
N LEU C 262 -10.63 -9.46 10.07
CA LEU C 262 -11.32 -10.70 10.40
C LEU C 262 -10.97 -11.13 11.82
N SER C 263 -11.99 -11.52 12.57
CA SER C 263 -11.76 -12.06 13.90
C SER C 263 -12.74 -13.17 14.21
N ASN C 264 -12.31 -14.09 15.08
CA ASN C 264 -13.20 -15.06 15.70
C ASN C 264 -13.74 -14.56 17.05
N PHE C 265 -13.51 -13.29 17.37
CA PHE C 265 -13.81 -12.69 18.66
C PHE C 265 -14.31 -11.27 18.47
N PRO C 266 -14.97 -10.71 19.50
CA PRO C 266 -15.35 -9.30 19.46
C PRO C 266 -14.14 -8.36 19.45
N SER C 267 -14.40 -7.05 19.36
N SER C 267 -14.41 -7.05 19.32
CA SER C 267 -13.36 -6.03 19.44
CA SER C 267 -13.39 -6.00 19.47
C SER C 267 -12.42 -6.11 18.26
C SER C 267 -12.44 -5.91 18.28
N GLN C 268 -12.98 -5.99 17.06
CA GLN C 268 -12.15 -5.80 15.89
C GLN C 268 -11.54 -4.39 15.85
N ILE C 269 -12.32 -3.37 16.20
CA ILE C 269 -11.80 -2.03 16.48
C ILE C 269 -12.42 -1.52 17.78
N ALA C 270 -11.60 -1.12 18.73
CA ALA C 270 -12.05 -0.52 19.97
C ALA C 270 -11.41 0.85 20.07
N LEU C 271 -12.25 1.88 20.07
CA LEU C 271 -11.84 3.26 20.29
C LEU C 271 -12.18 3.56 21.74
N LEU C 272 -11.18 3.52 22.59
CA LEU C 272 -11.39 3.53 24.03
C LEU C 272 -10.88 4.81 24.67
N ASN C 273 -11.39 5.09 25.87
CA ASN C 273 -10.83 6.15 26.72
C ASN C 273 -10.81 7.48 25.97
N ASN C 274 -11.99 7.84 25.44
CA ASN C 274 -12.21 9.13 24.78
C ASN C 274 -11.31 9.27 23.56
N SER C 275 -11.53 8.36 22.61
CA SER C 275 -10.86 8.39 21.31
C SER C 275 -11.80 9.05 20.32
N SER C 276 -11.35 10.13 19.67
CA SER C 276 -12.25 11.00 18.93
C SER C 276 -11.74 11.30 17.52
N GLU C 277 -12.70 11.61 16.66
CA GLU C 277 -12.42 12.09 15.30
C GLU C 277 -11.58 11.10 14.51
N ASN C 278 -11.87 9.82 14.69
CA ASN C 278 -11.21 8.76 13.94
C ASN C 278 -12.13 8.30 12.81
N LEU C 279 -11.53 8.01 11.65
CA LEU C 279 -12.26 7.54 10.48
C LEU C 279 -12.06 6.04 10.34
N ILE C 280 -13.17 5.31 10.15
CA ILE C 280 -13.19 3.89 9.84
C ILE C 280 -13.97 3.82 8.54
N SER C 281 -13.30 3.68 7.40
CA SER C 281 -13.97 3.79 6.12
C SER C 281 -13.45 2.76 5.12
N ALA C 282 -14.37 2.16 4.37
CA ALA C 282 -14.02 1.25 3.27
C ALA C 282 -13.20 0.05 3.75
N ASN C 283 -13.65 -0.57 4.84
CA ASN C 283 -13.06 -1.79 5.35
C ASN C 283 -14.08 -2.90 5.28
N HIS C 284 -13.59 -4.11 5.10
CA HIS C 284 -14.41 -5.30 5.21
C HIS C 284 -14.18 -5.91 6.58
N PHE C 285 -15.24 -6.03 7.39
CA PHE C 285 -15.17 -6.66 8.68
C PHE C 285 -15.89 -8.01 8.59
N ARG C 286 -15.24 -9.06 9.09
CA ARG C 286 -15.83 -10.39 9.15
C ARG C 286 -15.63 -10.93 10.55
N ARG C 287 -16.73 -11.31 11.21
CA ARG C 287 -16.71 -11.99 12.50
C ARG C 287 -17.19 -13.41 12.29
N VAL C 288 -16.37 -14.37 12.72
CA VAL C 288 -16.68 -15.81 12.63
C VAL C 288 -16.42 -16.41 14.00
N HIS C 289 -16.53 -17.73 14.11
CA HIS C 289 -16.38 -18.40 15.39
C HIS C 289 -15.64 -19.72 15.21
N GLY C 290 -14.85 -20.07 16.22
CA GLY C 290 -14.37 -21.42 16.40
C GLY C 290 -12.88 -21.62 16.28
N ASP C 291 -12.14 -20.67 15.69
CA ASP C 291 -10.69 -20.78 15.60
C ASP C 291 -10.08 -20.27 16.90
N GLY C 292 -10.15 -21.10 17.93
CA GLY C 292 -9.91 -20.65 19.29
C GLY C 292 -11.18 -20.12 19.93
N THR C 293 -11.19 -20.14 21.26
CA THR C 293 -12.33 -19.60 21.99
C THR C 293 -11.83 -18.84 23.21
N SER C 294 -12.60 -17.83 23.60
CA SER C 294 -12.19 -16.97 24.68
C SER C 294 -13.42 -16.30 25.26
N THR C 295 -13.35 -15.96 26.55
CA THR C 295 -14.34 -15.12 27.19
C THR C 295 -13.80 -13.74 27.53
N ARG C 296 -12.69 -13.33 26.92
CA ARG C 296 -12.16 -11.99 27.16
C ARG C 296 -13.23 -10.92 26.93
N PHE C 297 -13.96 -11.04 25.83
CA PHE C 297 -15.09 -10.19 25.53
C PHE C 297 -16.31 -11.07 25.30
N ASP C 298 -17.49 -10.54 25.58
CA ASP C 298 -18.71 -11.17 25.08
C ASP C 298 -19.18 -10.46 23.81
N ASP C 299 -20.21 -11.01 23.17
CA ASP C 299 -20.61 -10.52 21.87
C ASP C 299 -21.43 -9.24 21.94
N LYS C 300 -21.69 -8.72 23.13
CA LYS C 300 -22.25 -7.38 23.26
C LYS C 300 -21.17 -6.31 23.27
N PHE C 301 -19.89 -6.70 23.17
CA PHE C 301 -18.83 -5.69 23.20
C PHE C 301 -18.79 -4.89 21.89
N GLY C 302 -19.13 -5.52 20.79
CA GLY C 302 -19.16 -4.93 19.46
C GLY C 302 -18.03 -5.43 18.57
N MET C 303 -18.33 -5.61 17.29
CA MET C 303 -17.26 -5.66 16.30
C MET C 303 -16.46 -4.37 16.33
N VAL C 304 -17.15 -3.23 16.42
CA VAL C 304 -16.56 -1.92 16.66
C VAL C 304 -17.17 -1.39 17.94
N HIS C 305 -16.32 -0.91 18.85
CA HIS C 305 -16.72 -0.35 20.14
C HIS C 305 -16.19 1.06 20.19
N ILE C 306 -17.06 2.02 20.51
CA ILE C 306 -16.73 3.45 20.44
C ILE C 306 -16.99 4.11 21.79
N ALA C 307 -15.94 4.68 22.37
CA ALA C 307 -16.03 5.50 23.57
C ALA C 307 -15.25 6.78 23.26
N GLY C 308 -15.93 7.79 22.74
CA GLY C 308 -15.29 8.99 22.25
C GLY C 308 -16.25 9.76 21.39
N ASN C 309 -15.75 10.87 20.83
CA ASN C 309 -16.59 11.82 20.12
C ASN C 309 -16.27 11.89 18.64
N LYS C 310 -17.30 12.17 17.84
CA LYS C 310 -17.08 12.70 16.49
C LYS C 310 -16.33 11.71 15.59
N ASN C 311 -16.44 10.43 15.87
CA ASN C 311 -15.88 9.40 15.01
C ASN C 311 -16.79 9.15 13.81
N THR C 312 -16.20 8.57 12.75
CA THR C 312 -16.85 8.44 11.45
C THR C 312 -16.69 7.01 10.96
N VAL C 313 -17.81 6.34 10.69
CA VAL C 313 -17.82 4.94 10.27
C VAL C 313 -18.64 4.88 8.99
N THR C 314 -17.97 4.73 7.84
CA THR C 314 -18.61 4.89 6.54
C THR C 314 -18.14 3.85 5.53
N GLY C 315 -19.09 3.32 4.75
CA GLY C 315 -18.74 2.56 3.57
C GLY C 315 -18.17 1.19 3.83
N ASN C 316 -18.39 0.66 5.01
CA ASN C 316 -17.87 -0.64 5.39
C ASN C 316 -18.90 -1.73 5.20
N GLN C 317 -18.43 -2.98 5.16
CA GLN C 317 -19.31 -4.12 5.37
C GLN C 317 -19.01 -4.74 6.74
N PHE C 318 -20.07 -5.06 7.50
CA PHE C 318 -19.99 -5.81 8.74
C PHE C 318 -20.69 -7.13 8.48
N SER C 319 -19.92 -8.20 8.35
CA SER C 319 -20.41 -9.54 8.07
C SER C 319 -20.17 -10.40 9.31
N PHE C 320 -21.25 -10.95 9.86
CA PHE C 320 -21.20 -11.65 11.14
C PHE C 320 -21.81 -13.03 10.95
N ASP C 321 -21.08 -14.07 11.37
CA ASP C 321 -21.56 -15.46 11.23
C ASP C 321 -21.05 -16.24 12.45
N VAL C 322 -21.88 -16.29 13.49
CA VAL C 322 -21.59 -17.05 14.70
C VAL C 322 -22.83 -17.87 15.05
N PRO C 323 -22.72 -19.18 15.27
CA PRO C 323 -23.92 -19.96 15.60
C PRO C 323 -24.58 -19.43 16.87
N SER C 324 -25.92 -19.43 16.87
N SER C 324 -25.91 -19.43 16.86
CA SER C 324 -26.65 -18.83 17.97
CA SER C 324 -26.67 -18.83 17.97
C SER C 324 -26.29 -19.44 19.31
C SER C 324 -26.28 -19.44 19.31
N GLN C 325 -26.02 -20.75 19.34
CA GLN C 325 -25.70 -21.41 20.60
C GLN C 325 -24.36 -20.93 21.17
N ASN C 326 -23.50 -20.33 20.36
CA ASN C 326 -22.19 -19.86 20.80
C ASN C 326 -22.15 -18.37 21.10
N ILE C 327 -23.26 -17.67 20.97
CA ILE C 327 -23.28 -16.22 21.22
C ILE C 327 -23.41 -16.00 22.72
N THR C 328 -22.69 -15.00 23.22
CA THR C 328 -22.69 -14.66 24.63
C THR C 328 -23.01 -13.18 24.78
N PRO C 329 -23.68 -12.79 25.87
CA PRO C 329 -24.33 -13.66 26.85
C PRO C 329 -25.40 -14.50 26.16
N ALA C 330 -25.67 -15.67 26.75
CA ALA C 330 -26.56 -16.62 26.13
C ALA C 330 -27.92 -15.99 25.83
N GLY C 331 -28.39 -16.21 24.61
CA GLY C 331 -29.70 -15.75 24.21
C GLY C 331 -29.77 -14.31 23.75
N GLN C 332 -28.69 -13.54 23.89
N GLN C 332 -28.69 -13.54 23.89
CA GLN C 332 -28.71 -12.13 23.56
CA GLN C 332 -28.72 -12.12 23.56
C GLN C 332 -28.40 -11.91 22.09
C GLN C 332 -28.36 -11.89 22.10
N ASP C 333 -28.84 -10.77 21.57
CA ASP C 333 -28.47 -10.35 20.22
C ASP C 333 -27.06 -9.79 20.21
N PRO C 334 -26.19 -10.26 19.31
CA PRO C 334 -24.83 -9.70 19.25
C PRO C 334 -24.80 -8.28 18.70
N THR C 335 -23.78 -7.54 19.11
CA THR C 335 -23.64 -6.14 18.76
C THR C 335 -22.63 -5.97 17.62
N ILE C 336 -23.06 -5.28 16.58
CA ILE C 336 -22.18 -4.91 15.47
C ILE C 336 -21.33 -3.71 15.85
N VAL C 337 -21.95 -2.57 16.11
CA VAL C 337 -21.28 -1.38 16.64
C VAL C 337 -21.93 -1.03 17.97
N LEU C 338 -21.11 -0.89 19.01
CA LEU C 338 -21.55 -0.35 20.29
C LEU C 338 -20.99 1.04 20.40
N VAL C 339 -21.85 2.06 20.38
CA VAL C 339 -21.47 3.42 20.72
C VAL C 339 -21.70 3.49 22.23
N LYS C 340 -20.62 3.31 22.99
CA LYS C 340 -20.69 3.15 24.44
C LYS C 340 -20.83 4.48 25.14
N SER C 341 -20.18 5.51 24.63
CA SER C 341 -20.24 6.84 25.21
C SER C 341 -19.74 7.80 24.15
N GLY C 342 -20.14 9.06 24.26
CA GLY C 342 -19.61 10.13 23.44
C GLY C 342 -20.68 10.80 22.60
N ASP C 343 -20.23 11.83 21.88
CA ASP C 343 -21.08 12.82 21.25
C ASP C 343 -20.76 12.92 19.75
N ASN C 344 -21.82 12.99 18.94
CA ASN C 344 -21.72 13.34 17.53
C ASN C 344 -20.92 12.31 16.71
N ASN C 345 -20.96 11.06 17.13
CA ASN C 345 -20.46 9.97 16.29
C ASN C 345 -21.39 9.80 15.08
N TYR C 346 -20.82 9.28 13.99
CA TYR C 346 -21.48 9.26 12.68
C TYR C 346 -21.24 7.91 12.03
N LEU C 347 -22.34 7.24 11.69
CA LEU C 347 -22.33 5.99 10.93
C LEU C 347 -23.15 6.21 9.68
N ALA C 348 -22.56 5.95 8.52
CA ALA C 348 -23.30 6.12 7.27
C ALA C 348 -22.87 5.11 6.23
N SER C 349 -23.84 4.64 5.44
CA SER C 349 -23.56 3.83 4.25
C SER C 349 -22.70 2.63 4.58
N ASN C 350 -23.12 1.90 5.61
CA ASN C 350 -22.54 0.61 5.96
C ASN C 350 -23.59 -0.48 5.80
N HIS C 351 -23.16 -1.65 5.36
CA HIS C 351 -24.05 -2.79 5.14
C HIS C 351 -23.77 -3.82 6.21
N ILE C 352 -24.79 -4.20 6.97
CA ILE C 352 -24.68 -5.19 8.04
C ILE C 352 -25.38 -6.46 7.59
N THR C 353 -24.63 -7.55 7.50
CA THR C 353 -25.15 -8.86 7.11
C THR C 353 -24.77 -9.86 8.19
N SER C 354 -25.78 -10.50 8.79
CA SER C 354 -25.53 -11.37 9.92
C SER C 354 -26.43 -12.58 9.84
N ASN C 355 -25.94 -13.69 10.40
CA ASN C 355 -26.73 -14.93 10.38
C ASN C 355 -27.88 -14.92 11.37
N VAL C 356 -27.77 -14.14 12.45
CA VAL C 356 -28.83 -13.92 13.42
C VAL C 356 -29.05 -12.42 13.50
N ALA C 357 -30.18 -12.03 14.07
CA ALA C 357 -30.43 -10.61 14.28
C ALA C 357 -29.28 -10.00 15.07
N ALA C 358 -28.76 -8.86 14.60
CA ALA C 358 -27.67 -8.17 15.27
C ALA C 358 -27.96 -6.68 15.30
N LYS C 359 -27.27 -5.95 16.19
CA LYS C 359 -27.66 -4.58 16.49
C LYS C 359 -26.48 -3.60 16.50
N VAL C 360 -26.79 -2.38 16.08
CA VAL C 360 -26.05 -1.17 16.46
C VAL C 360 -26.69 -0.68 17.74
N VAL C 361 -25.91 -0.64 18.83
CA VAL C 361 -26.41 -0.25 20.14
C VAL C 361 -25.89 1.15 20.45
N LEU C 362 -26.80 2.06 20.81
CA LEU C 362 -26.45 3.40 21.30
C LEU C 362 -26.69 3.43 22.80
N ASP C 363 -25.62 3.49 23.57
CA ASP C 363 -25.75 3.58 25.03
C ASP C 363 -26.57 4.79 25.43
N ALA C 364 -27.28 4.65 26.56
CA ALA C 364 -28.13 5.72 27.06
C ALA C 364 -27.38 7.03 27.27
N SER C 365 -26.05 6.98 27.45
CA SER C 365 -25.27 8.20 27.68
C SER C 365 -24.87 8.93 26.40
N THR C 366 -25.09 8.34 25.22
CA THR C 366 -24.57 8.93 24.00
C THR C 366 -25.48 10.05 23.51
N THR C 367 -24.89 10.97 22.73
CA THR C 367 -25.61 12.14 22.26
C THR C 367 -25.28 12.41 20.79
N ALA C 368 -26.31 12.77 20.04
CA ALA C 368 -26.18 13.26 18.68
C ALA C 368 -25.53 12.23 17.76
N THR C 369 -25.72 10.93 18.02
CA THR C 369 -25.21 9.92 17.10
C THR C 369 -26.07 9.92 15.86
N ARG C 370 -25.45 9.85 14.68
CA ARG C 370 -26.15 9.76 13.42
C ARG C 370 -25.96 8.36 12.84
N VAL C 371 -27.05 7.75 12.39
CA VAL C 371 -27.04 6.39 11.85
C VAL C 371 -27.83 6.50 10.55
N LEU C 372 -27.13 6.55 9.42
CA LEU C 372 -27.68 6.98 8.15
C LEU C 372 -27.44 5.89 7.11
N HIS C 373 -28.47 5.17 6.73
CA HIS C 373 -28.31 4.01 5.83
C HIS C 373 -27.19 3.08 6.34
N SER C 374 -27.17 2.87 7.65
CA SER C 374 -26.17 2.06 8.30
C SER C 374 -26.80 1.09 9.28
N ALA C 375 -28.12 0.89 9.20
N ALA C 375 -28.12 0.92 9.21
CA ALA C 375 -28.87 -0.04 10.03
CA ALA C 375 -28.86 -0.06 9.99
C ALA C 375 -30.32 0.04 9.60
C ALA C 375 -30.31 0.04 9.56
N THR C 376 -31.00 -1.09 9.44
CA THR C 376 -32.44 -1.07 9.35
C THR C 376 -33.00 -0.79 10.74
N THR C 377 -34.30 -0.54 10.83
CA THR C 377 -34.94 -0.37 12.14
C THR C 377 -34.62 -1.55 13.06
N ALA C 378 -34.72 -2.77 12.54
CA ALA C 378 -34.47 -3.96 13.34
C ALA C 378 -33.01 -4.07 13.78
N GLN C 379 -32.09 -3.38 13.11
CA GLN C 379 -30.69 -3.43 13.45
C GLN C 379 -30.25 -2.31 14.37
N LEU C 380 -31.15 -1.44 14.80
CA LEU C 380 -30.81 -0.35 15.71
C LEU C 380 -31.44 -0.62 17.07
N ASP C 381 -30.63 -0.57 18.12
CA ASP C 381 -31.09 -0.63 19.51
C ASP C 381 -30.62 0.67 20.16
N ALA C 382 -31.42 1.73 20.01
CA ALA C 382 -31.07 3.04 20.56
C ALA C 382 -31.62 3.14 21.97
N LEU C 383 -30.73 3.27 22.95
CA LEU C 383 -31.12 3.36 24.36
C LEU C 383 -31.23 4.80 24.83
N THR C 384 -31.12 5.75 23.90
CA THR C 384 -31.44 7.15 24.11
C THR C 384 -32.15 7.68 22.88
N THR C 385 -33.05 8.63 23.10
CA THR C 385 -33.71 9.34 22.00
C THR C 385 -32.80 10.39 21.37
N ASN C 386 -31.63 10.65 21.96
CA ASN C 386 -30.71 11.67 21.48
C ASN C 386 -29.81 11.08 20.39
N HIS C 387 -30.42 10.85 19.24
CA HIS C 387 -29.76 10.31 18.06
C HIS C 387 -30.62 10.69 16.87
N PHE C 388 -30.06 10.48 15.68
CA PHE C 388 -30.76 10.72 14.41
C PHE C 388 -30.64 9.44 13.61
N MET C 389 -31.77 8.89 13.20
CA MET C 389 -31.81 7.66 12.41
C MET C 389 -32.40 8.00 11.05
N VAL C 390 -31.70 7.61 9.99
CA VAL C 390 -32.27 7.52 8.65
C VAL C 390 -32.09 6.06 8.28
N ALA C 391 -33.17 5.29 8.35
CA ALA C 391 -33.04 3.85 8.35
C ALA C 391 -32.64 3.32 6.99
N THR C 392 -31.81 2.29 6.99
CA THR C 392 -31.70 1.47 5.80
C THR C 392 -33.08 0.86 5.56
N PRO C 393 -33.61 0.94 4.34
CA PRO C 393 -35.00 0.48 4.13
C PRO C 393 -35.20 -0.99 4.50
N SER C 394 -36.40 -1.27 5.01
CA SER C 394 -36.82 -2.62 5.35
C SER C 394 -38.35 -2.65 5.29
N HIS C 395 -38.90 -3.86 5.32
CA HIS C 395 -40.34 -4.04 5.13
C HIS C 395 -41.07 -4.19 6.45
N HIS C 396 -42.40 -4.11 6.36
CA HIS C 396 -43.30 -4.46 7.46
C HIS C 396 -43.20 -3.48 8.64
N HIS C 397 -43.23 -2.18 8.33
CA HIS C 397 -43.29 -1.17 9.39
C HIS C 397 -44.55 -1.37 10.23
N HIS C 398 -45.67 -1.70 9.58
CA HIS C 398 -46.96 -1.82 10.25
C HIS C 398 -47.34 -3.28 10.39
N HIS C 399 -48.21 -3.54 11.37
CA HIS C 399 -48.64 -4.89 11.68
C HIS C 399 -49.96 -5.27 11.05
N HIS C 400 -50.73 -4.30 10.58
CA HIS C 400 -52.05 -4.52 9.96
C HIS C 400 -52.50 -3.20 9.28
C1 Z9N D . 7.57 18.40 12.23
O1 Z9N D . 8.41 17.26 12.35
C2 Z9N D . 8.08 19.36 11.14
O5 Z9N D . 9.31 19.85 11.61
C3 Z9N D . 7.17 20.61 10.92
O3 Z9N D . 5.85 20.23 11.16
C4 Z9N D . 7.70 21.54 12.03
O4 Z9N D . 7.46 22.87 11.67
C5 Z9N D . 9.19 21.23 11.99
C6 Z9N D . 9.88 21.44 13.37
O6 Z9N D . 10.20 22.80 13.40
H11 Z9N D . 6.53 18.08 11.99
H12 Z9N D . 7.51 18.93 13.21
H3 Z9N D . 7.26 21.02 9.88
HO3 Z9N D . 5.54 20.71 11.93
H4 Z9N D . 7.20 21.31 13.01
HO4 Z9N D . 7.14 23.32 12.46
H5 Z9N D . 9.74 21.80 11.21
H61 Z9N D . 9.22 21.16 14.21
H62 Z9N D . 10.80 20.81 13.47
HO6 Z9N D . 11.08 22.89 13.04
C1 FRU D . 8.94 17.39 9.93
C2 FRU D . 8.53 16.51 11.14
C3 FRU D . 9.47 15.27 11.42
C4 FRU D . 8.47 14.28 12.07
C5 FRU D . 7.05 14.80 11.61
C6 FRU D . 6.16 15.25 12.79
O1 FRU D . 8.45 18.72 9.94
O3 FRU D . 10.44 15.62 12.34
O4 FRU D . 8.83 13.06 11.58
O5 FRU D . 7.27 15.96 10.84
O6 FRU D . 5.44 14.13 13.13
H11 FRU D . 10.05 17.52 9.83
H12 FRU D . 8.59 16.99 8.95
H3 FRU D . 9.94 14.93 10.46
H4 FRU D . 8.48 14.30 13.19
H5 FRU D . 6.54 14.04 10.96
H61 FRU D . 6.78 15.62 13.63
H62 FRU D . 5.51 16.10 12.48
HO3 FRU D . 10.04 16.21 12.97
HO4 FRU D . 9.78 13.00 11.62
HO6 FRU D . 5.98 13.37 12.90
C1 Z9N E . -3.39 -18.56 10.00
O1 Z9N E . -4.19 -19.46 10.80
C2 Z9N E . -1.97 -19.09 10.04
O5 Z9N E . -1.10 -18.24 9.29
C3 Z9N E . -1.84 -20.53 9.41
O3 Z9N E . -3.02 -21.22 9.64
C4 Z9N E . -1.71 -20.05 7.95
O4 Z9N E . -1.46 -21.19 7.15
C5 Z9N E . -0.58 -19.00 8.23
C6 Z9N E . -0.33 -17.96 7.15
O6 Z9N E . -1.06 -18.39 6.20
H11 Z9N E . -3.76 -18.52 8.96
H12 Z9N E . -3.44 -17.53 10.39
H3 Z9N E . -1.00 -21.15 9.81
HO3 Z9N E . -2.88 -21.75 10.42
H4 Z9N E . -2.57 -19.57 7.44
HO4 Z9N E . -0.60 -21.52 7.40
H5 Z9N E . 0.38 -19.51 8.48
H61 Z9N E . 0.74 -17.90 6.87
H62 Z9N E . -0.62 -16.94 7.48
HO6 Z9N E . -1.90 -17.95 6.27
C1 FRU E . -2.36 -18.95 12.36
C2 FRU E . -3.59 -19.80 12.06
C3 FRU E . -4.76 -19.74 13.08
C4 FRU E . -5.03 -21.25 13.36
C5 FRU E . -3.62 -21.82 13.20
C6 FRU E . -3.62 -23.35 12.97
O1 FRU E . -1.45 -18.94 11.30
O3 FRU E . -5.81 -19.16 12.39
O4 FRU E . -5.52 -21.40 14.66
O5 FRU E . -3.09 -21.12 12.07
O6 FRU E . -3.48 -23.91 14.25
H11 FRU E . -2.60 -17.88 12.55
H12 FRU E . -1.79 -19.31 13.25
H3 FRU E . -4.49 -19.18 14.01
H4 FRU E . -5.77 -21.69 12.65
H5 FRU E . -2.91 -21.62 14.04
H61 FRU E . -4.56 -23.67 12.48
H62 FRU E . -2.79 -23.65 12.30
HO3 FRU E . -5.87 -19.60 11.54
HO4 FRU E . -4.84 -21.12 15.27
HO6 FRU E . -3.55 -24.86 14.14
C1 GLC F . -9.75 -26.24 -0.70
C2 GLC F . -10.94 -26.80 0.24
C3 GLC F . -11.43 -28.12 -0.55
C4 GLC F . -12.05 -27.76 -1.94
C5 GLC F . -10.93 -27.06 -2.75
C6 GLC F . -11.54 -26.40 -4.08
O1 GLC F . -8.71 -27.25 -0.84
O2 GLC F . -10.31 -27.09 1.47
O3 GLC F . -12.44 -28.67 0.29
O4 GLC F . -12.38 -28.99 -2.62
O5 GLC F . -10.31 -26.02 -1.99
O6 GLC F . -12.57 -25.49 -3.69
H1 GLC F . -9.25 -25.36 -0.31
H2 GLC F . -11.78 -26.11 0.45
H3 GLC F . -10.58 -28.80 -0.67
H4 GLC F . -12.95 -27.17 -1.80
H5 GLC F . -10.14 -27.81 -3.02
H61 GLC F . -10.76 -25.86 -4.63
H62 GLC F . -11.96 -27.17 -4.73
HO2 GLC F . -9.59 -27.71 1.32
HO3 GLC F . -13.02 -27.94 0.54
HO4 GLC F . -12.59 -29.64 -1.95
HO6 GLC F . -13.27 -25.52 -4.36
C1 FRU F . -7.16 -26.33 0.93
C2 FRU F . -7.32 -26.89 -0.60
C3 FRU F . -6.29 -27.94 -1.02
C4 FRU F . -6.27 -27.73 -2.55
C5 FRU F . -6.24 -26.20 -2.61
C6 FRU F . -6.84 -25.54 -3.92
O1 FRU F . -5.71 -26.18 1.06
O3 FRU F . -6.76 -29.25 -0.62
O4 FRU F . -5.09 -28.29 -3.11
O5 FRU F . -7.05 -25.77 -1.46
O6 FRU F . -8.19 -26.04 -4.09
H11 FRU F . -7.68 -25.40 1.03
H12 FRU F . -7.55 -27.06 1.62
H3 FRU F . -5.34 -27.79 -0.54
H4 FRU F . -7.13 -28.18 -3.04
H5 FRU F . -5.19 -25.83 -2.57
H61 FRU F . -6.88 -24.45 -3.84
H62 FRU F . -6.26 -25.83 -4.80
HO3 FRU F . -6.93 -29.70 -1.45
HO4 FRU F . -4.53 -27.59 -3.39
HO6 FRU F . -8.49 -25.79 -4.97
C1 FRU F . -5.94 -25.72 3.49
C2 FRU F . -5.32 -25.22 2.08
C3 FRU F . -3.82 -25.02 2.03
C4 FRU F . -3.72 -24.07 0.83
C5 FRU F . -4.96 -23.18 0.98
C6 FRU F . -5.65 -22.80 -0.38
O1 FRU F . -5.62 -24.66 4.45
O3 FRU F . -3.17 -26.28 1.91
O4 FRU F . -2.51 -23.33 0.95
O5 FRU F . -5.91 -23.94 1.79
O6 FRU F . -6.84 -22.05 -0.04
H11 FRU F . -7.03 -25.86 3.39
H12 FRU F . -5.50 -26.69 3.77
H3 FRU F . -3.40 -24.60 2.94
H4 FRU F . -3.75 -24.59 -0.14
H5 FRU F . -4.68 -22.22 1.51
H61 FRU F . -5.00 -22.18 -0.99
H62 FRU F . -5.94 -23.70 -0.93
HO3 FRU F . -2.35 -26.10 1.45
HO4 FRU F . -1.79 -23.94 0.84
HO6 FRU F . -6.61 -21.11 -0.04
C1 FRU F . -4.58 -23.73 6.41
C2 FRU F . -4.84 -25.09 5.61
C3 FRU F . -5.50 -26.19 6.49
C4 FRU F . -4.64 -27.44 6.22
C5 FRU F . -3.27 -26.81 5.94
C6 FRU F . -2.30 -27.74 5.11
O1 FRU F . -5.81 -23.11 6.80
O3 FRU F . -6.89 -26.35 6.16
O4 FRU F . -4.63 -28.24 7.41
O5 FRU F . -3.61 -25.65 5.11
O6 FRU F . -2.98 -28.14 3.90
H11 FRU F . -3.97 -23.98 7.30
H12 FRU F . -3.99 -23.06 5.78
H3 FRU F . -5.47 -25.86 7.53
H4 FRU F . -5.03 -28.02 5.39
H5 FRU F . -2.69 -26.58 6.86
H61 FRU F . -1.39 -27.20 4.83
H62 FRU F . -2.05 -28.64 5.68
HO3 FRU F . -6.92 -27.07 5.53
HO4 FRU F . -4.01 -27.83 8.02
HO6 FRU F . -3.23 -27.35 3.42
C1 FRU F . -4.97 -20.99 7.64
C2 FRU F . -5.89 -22.26 7.94
C3 FRU F . -7.35 -21.85 8.30
C4 FRU F . -7.74 -22.95 9.33
C5 FRU F . -6.39 -23.25 10.05
C6 FRU F . -6.15 -24.73 10.58
O1 FRU F . -5.41 -20.39 6.42
O3 FRU F . -8.22 -21.98 7.16
O4 FRU F . -8.64 -22.34 10.26
O5 FRU F . -5.36 -22.97 9.05
O6 FRU F . -6.81 -25.62 9.68
H11 FRU F . -3.92 -21.30 7.53
H12 FRU F . -5.05 -20.25 8.45
H3 FRU F . -7.41 -20.84 8.69
H4 FRU F . -8.16 -23.87 8.92
H5 FRU F . -6.35 -22.58 10.92
H61 FRU F . -5.09 -25.05 10.56
H62 FRU F . -6.60 -24.95 11.56
HO1 FRU F . -4.78 -19.69 6.17
HO3 FRU F . -9.00 -21.47 7.35
HO4 FRU F . -9.28 -21.83 9.77
HO6 FRU F . -6.72 -25.25 8.79
C1 GLC G . -33.60 -13.65 -18.47
C2 GLC G . -33.27 -15.10 -19.11
C3 GLC G . -34.66 -15.53 -19.81
C4 GLC G . -35.77 -15.64 -18.73
C5 GLC G . -35.94 -14.29 -17.98
C6 GLC G . -36.81 -14.58 -16.66
O1 GLC G . -34.08 -12.76 -19.52
O2 GLC G . -32.26 -14.87 -20.05
O3 GLC G . -34.43 -16.79 -20.43
O4 GLC G . -37.01 -15.91 -19.43
O5 GLC G . -34.70 -13.73 -17.57
O6 GLC G . -37.04 -13.35 -15.94
H1 GLC G . -32.72 -13.22 -18.00
H2 GLC G . -32.92 -15.85 -18.38
H3 GLC G . -34.90 -14.80 -20.59
H4 GLC G . -35.50 -16.45 -18.04
H5 GLC G . -36.43 -13.53 -18.65
H61 GLC G . -37.79 -15.01 -16.94
H62 GLC G . -36.29 -15.28 -16.00
HO2 GLC G . -32.53 -14.15 -20.63
HO3 GLC G . -33.93 -17.33 -19.80
HO4 GLC G . -37.63 -16.29 -18.80
HO6 GLC G . -37.39 -12.70 -16.57
C1 FRU G . -32.03 -11.43 -20.07
C2 FRU G . -33.59 -11.39 -19.58
C3 FRU G . -34.51 -10.44 -20.35
C4 FRU G . -35.56 -10.21 -19.24
C5 FRU G . -34.66 -9.97 -18.04
C6 FRU G . -35.31 -10.32 -16.63
O1 FRU G . -31.76 -10.01 -20.30
O3 FRU G . -35.03 -11.16 -21.49
O4 FRU G . -36.31 -9.06 -19.55
O5 FRU G . -33.54 -10.89 -18.22
O6 FRU G . -34.30 -10.06 -15.62
H11 FRU G . -31.42 -11.84 -19.31
H12 FRU G . -31.95 -12.00 -20.98
H3 FRU G . -34.03 -9.55 -20.71
H4 FRU G . -36.24 -11.06 -19.14
H5 FRU G . -34.36 -8.90 -17.98
H61 FRU G . -36.17 -9.69 -16.43
H62 FRU G . -35.59 -11.37 -16.58
HO3 FRU G . -34.82 -12.08 -21.32
HO4 FRU G . -36.47 -8.59 -18.73
HO6 FRU G . -34.29 -9.11 -15.45
C1 FRU G . -29.67 -10.73 -21.43
C2 FRU G . -30.34 -9.70 -20.36
C3 FRU G . -30.15 -8.21 -20.58
C4 FRU G . -30.60 -7.72 -19.20
C5 FRU G . -29.96 -8.74 -18.26
C6 FRU G . -30.89 -9.06 -17.02
O1 FRU G . -28.39 -10.09 -21.73
O3 FRU G . -30.94 -7.78 -21.67
O4 FRU G . -30.07 -6.41 -19.00
O5 FRU G . -29.75 -9.93 -19.06
O6 FRU G . -30.17 -10.03 -16.25
H11 FRU G . -29.56 -11.73 -20.98
H12 FRU G . -30.32 -10.83 -22.32
H3 FRU G . -29.13 -7.93 -20.85
H4 FRU G . -31.68 -7.69 -19.07
H5 FRU G . -28.97 -8.40 -17.85
H61 FRU G . -31.08 -8.17 -16.42
H62 FRU G . -31.84 -9.50 -17.35
HO3 FRU G . -30.60 -6.91 -21.90
HO4 FRU G . -30.67 -5.95 -18.45
HO6 FRU G . -30.16 -9.73 -15.32
C1 FRU G . -27.90 -12.03 -23.30
C2 FRU G . -27.34 -10.97 -22.22
C3 FRU G . -26.23 -10.04 -22.73
C4 FRU G . -25.64 -9.56 -21.41
C5 FRU G . -25.71 -10.79 -20.49
C6 FRU G . -26.17 -10.40 -19.03
O1 FRU G . -28.81 -11.38 -24.21
O3 FRU G . -26.82 -9.03 -23.53
O4 FRU G . -24.28 -9.14 -21.56
O5 FRU G . -26.76 -11.63 -21.07
O6 FRU G . -26.21 -11.60 -18.24
H11 FRU G . -28.39 -12.84 -22.76
H12 FRU G . -27.03 -12.44 -23.84
H3 FRU G . -25.50 -10.55 -23.38
H4 FRU G . -26.24 -8.73 -21.05
H5 FRU G . -24.74 -11.33 -20.38
H61 FRU G . -25.46 -9.70 -18.57
H62 FRU G . -27.17 -9.95 -19.04
HO3 FRU G . -26.23 -8.27 -23.46
HO4 FRU G . -24.30 -8.21 -21.76
HO6 FRU G . -26.04 -11.37 -17.32
C1 FRU G . -30.38 -12.97 -25.18
C2 FRU G . -29.21 -11.91 -25.46
C3 FRU G . -29.76 -10.81 -26.41
C4 FRU G . -28.44 -10.23 -26.99
C5 FRU G . -27.54 -11.50 -27.11
C6 FRU G . -26.01 -11.19 -26.87
O1 FRU G . -31.35 -12.29 -24.38
O3 FRU G . -30.45 -9.82 -25.63
O4 FRU G . -28.68 -9.70 -28.29
O5 FRU G . -28.06 -12.45 -26.15
O6 FRU G . -25.31 -12.36 -27.30
H11 FRU G . -30.84 -13.31 -26.12
H12 FRU G . -30.00 -13.84 -24.63
H3 FRU G . -30.43 -11.16 -27.19
H4 FRU G . -27.96 -9.48 -26.37
H5 FRU G . -27.65 -11.98 -28.11
H61 FRU G . -25.60 -10.37 -27.50
H62 FRU G . -25.72 -11.06 -25.81
HO1 FRU G . -31.17 -12.47 -23.45
HO3 FRU G . -29.90 -9.62 -24.87
HO4 FRU G . -29.39 -9.06 -28.23
HO6 FRU G . -24.90 -12.74 -26.50
C1 GLC H . 0.92 12.32 24.81
C2 GLC H . 0.34 13.33 23.67
C3 GLC H . -0.67 14.37 24.42
C4 GLC H . -1.75 13.58 25.21
C5 GLC H . -0.99 12.74 26.29
C6 GLC H . -2.02 11.94 27.24
O1 GLC H . 1.76 13.16 25.67
O2 GLC H . 1.46 14.05 23.22
O3 GLC H . -1.25 15.16 23.38
O4 GLC H . -2.56 14.56 25.87
O5 GLC H . -0.11 11.82 25.63
O6 GLC H . -1.32 11.50 28.42
H1 GLC H . 1.47 11.49 24.39
H2 GLC H . -0.17 12.79 22.85
H3 GLC H . -0.08 15.02 25.08
H4 GLC H . -2.37 12.96 24.55
H5 GLC H . -0.38 13.41 26.95
H61 GLC H . -2.41 11.06 26.71
H62 GLC H . -2.85 12.59 27.53
HO2 GLC H . 1.29 14.39 22.33
HO3 GLC H . -1.23 16.08 23.68
HO4 GLC H . -3.41 14.58 25.45
HO6 GLC H . -1.91 10.95 28.94
C1 FRU H . 4.19 13.09 24.86
C2 FRU H . 3.12 12.80 26.05
C3 FRU H . 3.50 13.38 27.42
C4 FRU H . 2.66 12.39 28.25
C5 FRU H . 3.08 11.05 27.63
C6 FRU H . 2.04 9.87 27.84
O1 FRU H . 5.44 12.62 25.47
O3 FRU H . 3.09 14.75 27.45
O4 FRU H . 3.07 12.46 29.62
O5 FRU H . 3.10 11.37 26.21
O6 FRU H . 0.76 10.45 27.56
H11 FRU H . 3.93 12.53 23.98
H12 FRU H . 4.21 14.14 24.64
H3 FRU H . 4.55 13.39 27.65
H4 FRU H . 1.60 12.62 28.18
H5 FRU H . 4.03 10.67 28.05
H61 FRU H . 2.22 9.05 27.15
H62 FRU H . 2.05 9.51 28.88
HO3 FRU H . 3.56 15.13 28.20
HO4 FRU H . 2.42 13.00 30.08
HO6 FRU H . 0.09 9.81 27.83
C1 FRU H . 6.47 13.27 23.30
C2 FRU H . 6.42 12.17 24.48
C3 FRU H . 7.73 11.86 25.15
C4 FRU H . 7.49 10.44 25.65
C5 FRU H . 6.75 9.82 24.46
C6 FRU H . 5.81 8.60 24.80
O1 FRU H . 7.64 12.90 22.50
O3 FRU H . 7.98 12.84 26.16
O4 FRU H . 8.73 9.77 25.86
O5 FRU H . 5.98 10.92 23.90
O6 FRU H . 4.92 9.07 25.83
H11 FRU H . 5.53 13.25 22.73
H12 FRU H . 6.56 14.28 23.74
H3 FRU H . 8.59 11.92 24.47
H4 FRU H . 6.92 10.41 26.58
H5 FRU H . 7.47 9.43 23.70
H61 FRU H . 6.40 7.76 25.18
H62 FRU H . 5.24 8.29 23.92
HO3 FRU H . 8.89 12.70 26.42
HO4 FRU H . 8.76 9.45 26.75
HO6 FRU H . 4.66 8.30 26.37
C1 FRU H . 7.52 14.93 21.04
C2 FRU H . 7.62 13.33 21.13
C3 FRU H . 8.81 12.72 20.39
C4 FRU H . 8.31 11.29 20.16
C5 FRU H . 6.85 11.52 19.80
C6 FRU H . 5.90 10.43 20.46
O1 FRU H . 7.43 15.33 19.66
O3 FRU H . 9.98 12.86 21.22
O4 FRU H . 9.08 10.75 19.10
O5 FRU H . 6.48 12.78 20.44
O6 FRU H . 4.54 10.75 20.14
H11 FRU H . 6.63 15.25 21.59
H12 FRU H . 8.40 15.37 21.51
H3 FRU H . 9.06 13.24 19.46
H4 FRU H . 8.42 10.66 21.04
H5 FRU H . 6.68 11.50 18.71
H61 FRU H . 6.13 9.43 20.07
H62 FRU H . 6.01 10.44 21.55
HO3 FRU H . 10.57 12.17 20.95
HO4 FRU H . 9.22 9.82 19.28
HO6 FRU H . 4.31 10.35 19.28
C1 FRU H . 8.17 16.17 17.55
C2 FRU H . 8.47 16.13 19.11
C3 FRU H . 8.48 17.56 19.71
C4 FRU H . 9.76 17.54 20.59
C5 FRU H . 10.69 16.55 19.82
C6 FRU H . 11.84 15.81 20.61
O1 FRU H . 6.91 16.80 17.37
O3 FRU H . 7.36 17.76 20.56
O4 FRU H . 10.34 18.85 20.58
O5 FRU H . 9.74 15.54 19.36
O6 FRU H . 11.19 15.23 21.74
H11 FRU H . 8.14 15.17 17.13
H12 FRU H . 8.94 16.76 17.03
H3 FRU H . 8.51 18.33 18.94
H4 FRU H . 9.63 17.20 21.62
H5 FRU H . 11.21 17.11 19.01
H61 FRU H . 12.31 14.96 20.08
H62 FRU H . 12.62 16.48 21.05
HO1 FRU H . 6.82 17.05 16.44
HO3 FRU H . 6.99 18.61 20.34
HO4 FRU H . 10.31 19.20 21.47
HO6 FRU H . 11.88 14.99 22.37
C1 GLC I . -25.05 0.85 31.87
C2 GLC I . -24.10 0.74 33.18
C3 GLC I . -25.12 0.79 34.44
C4 GLC I . -25.94 2.11 34.44
C5 GLC I . -26.67 2.29 33.08
C6 GLC I . -27.15 3.81 32.98
O1 GLC I . -26.04 -0.22 31.86
O2 GLC I . -23.49 -0.52 33.05
O3 GLC I . -24.30 0.72 35.61
O4 GLC I . -26.94 1.98 35.47
O5 GLC I . -25.82 2.04 31.96
O6 GLC I . -27.91 4.00 31.78
H1 GLC I . -24.46 0.79 30.96
H2 GLC I . -23.34 1.54 33.26
H3 GLC I . -25.76 -0.10 34.38
H4 GLC I . -25.25 2.94 34.63
H5 GLC I . -27.52 1.56 33.01
H61 GLC I . -26.29 4.48 32.98
H62 GLC I . -27.79 4.06 33.85
HO2 GLC I . -24.18 -1.18 32.91
HO3 GLC I . -23.59 1.35 35.49
HO4 GLC I . -27.79 2.16 35.07
HO6 GLC I . -27.29 4.11 31.05
C1 FRU I . -25.09 -2.00 30.40
C2 FRU I . -26.33 -0.97 30.65
C3 FRU I . -27.71 -1.67 30.60
C4 FRU I . -28.61 -0.47 30.19
C5 FRU I . -27.73 0.17 29.11
C6 FRU I . -28.01 1.73 29.04
O1 FRU I . -25.52 -2.71 29.17
O3 FRU I . -27.97 -2.15 31.92
O4 FRU I . -29.84 -0.92 29.63
O5 FRU I . -26.36 -0.01 29.58
O6 FRU I . -27.15 2.23 27.98
H11 FRU I . -25.01 -2.67 31.24
H12 FRU I . -24.19 -1.45 30.25
H3 FRU I . -27.75 -2.50 29.92
H4 FRU I . -28.83 0.15 31.05
H5 FRU I . -27.87 -0.27 28.11
H61 FRU I . -29.05 1.93 28.76
H62 FRU I . -27.76 2.23 29.96
HO3 FRU I . -27.30 -1.73 32.48
HO4 FRU I . -29.64 -1.35 28.80
HO6 FRU I . -27.55 1.99 27.14
C1 FRU I . -23.49 -4.15 29.54
C2 FRU I . -24.44 -3.39 28.45
C3 FRU I . -25.02 -4.19 27.32
C4 FRU I . -25.48 -3.06 26.39
C5 FRU I . -24.31 -2.07 26.53
C6 FRU I . -24.77 -0.57 26.53
O1 FRU I . -22.75 -5.17 28.80
O3 FRU I . -26.08 -4.98 27.83
O4 FRU I . -25.63 -3.55 25.07
O5 FRU I . -23.67 -2.37 27.81
O6 FRU I . -23.56 0.19 26.75
H11 FRU I . -22.83 -3.41 30.02
H12 FRU I . -24.13 -4.59 30.33
H3 FRU I . -24.31 -4.88 26.83
H4 FRU I . -26.43 -2.60 26.70
H5 FRU I . -23.59 -2.23 25.69
H61 FRU I . -25.22 -0.29 25.58
H62 FRU I . -25.47 -0.37 27.35
HO3 FRU I . -26.27 -5.63 27.15
HO4 FRU I . -25.30 -2.90 24.47
HO6 FRU I . -23.63 1.00 26.23
C1 FRU I . -21.55 -5.89 30.89
C2 FRU I . -21.46 -5.58 29.32
C3 FRU I . -21.01 -6.75 28.43
C4 FRU I . -20.61 -5.98 27.18
C5 FRU I . -19.96 -4.71 27.74
C6 FRU I . -20.38 -3.44 26.90
O1 FRU I . -22.76 -6.57 31.26
O3 FRU I . -22.14 -7.59 28.26
O4 FRU I . -19.62 -6.70 26.45
O5 FRU I . -20.50 -4.53 29.09
O6 FRU I . -19.63 -2.34 27.41
H11 FRU I . -20.68 -6.52 31.16
H12 FRU I . -21.46 -4.94 31.43
H3 FRU I . -20.22 -7.36 28.86
H4 FRU I . -21.50 -5.80 26.57
H5 FRU I . -18.84 -4.76 27.74
H61 FRU I . -20.14 -3.57 25.83
H62 FRU I . -21.46 -3.22 27.02
HO3 FRU I . -22.11 -7.89 27.36
HO4 FRU I . -20.07 -7.25 25.82
HO6 FRU I . -19.66 -1.63 26.76
C1 FRU I . -23.48 -6.34 33.58
C2 FRU I . -22.94 -7.34 32.46
C3 FRU I . -23.93 -8.49 32.19
C4 FRU I . -22.98 -9.51 31.51
C5 FRU I . -21.67 -9.36 32.35
C6 FRU I . -20.28 -9.55 31.62
O1 FRU I . -22.37 -5.46 33.86
O3 FRU I . -24.94 -7.99 31.32
O4 FRU I . -23.49 -10.83 31.66
O5 FRU I . -21.71 -7.98 32.84
O6 FRU I . -20.50 -9.26 30.24
H11 FRU I . -24.33 -5.77 33.23
H12 FRU I . -23.75 -6.88 34.49
H3 FRU I . -24.42 -8.94 33.06
H4 FRU I . -22.78 -9.32 30.45
H5 FRU I . -21.72 -10.11 33.15
H61 FRU I . -19.50 -8.83 31.93
H62 FRU I . -19.89 -10.59 31.62
HO1 FRU I . -22.50 -4.66 33.32
HO3 FRU I . -24.59 -7.20 30.92
HO4 FRU I . -23.33 -11.31 30.85
HO6 FRU I . -19.64 -8.94 29.90
C1 FRU J . 29.59 24.60 -3.64
C2 FRU J . 28.77 25.31 -2.57
C3 FRU J . 29.53 25.50 -1.27
C4 FRU J . 28.39 25.81 -0.33
C5 FRU J . 27.40 24.76 -0.79
C6 FRU J . 25.98 25.23 -0.58
O1 FRU J . 29.87 23.27 -3.23
O2 FRU J . 28.38 26.59 -3.06
O3 FRU J . 30.49 26.55 -1.32
O4 FRU J . 28.69 25.67 1.06
O5 FRU J . 27.64 24.56 -2.18
O6 FRU J . 25.22 24.37 -1.41
H11 FRU J . 30.52 25.14 -3.81
H12 FRU J . 29.03 24.59 -4.58
H3 FRU J . 30.00 24.56 -0.96
H4 FRU J . 27.99 26.80 -0.55
H5 FRU J . 27.58 23.83 -0.23
H61 FRU J . 25.86 26.27 -0.88
H62 FRU J . 25.69 25.11 0.47
HO1 FRU J . 29.62 22.65 -3.93
HO2 FRU J . 28.96 27.27 -2.67
HO3 FRU J . 30.21 27.26 -0.74
HO4 FRU J . 29.64 25.78 1.18
HO6 FRU J . 25.74 23.60 -1.62
C1 EDO K . 34.72 7.69 5.24
O1 EDO K . 35.36 7.78 6.52
C2 EDO K . 35.54 8.50 4.24
O2 EDO K . 36.93 8.17 4.31
H11 EDO K . 33.72 8.09 5.30
H12 EDO K . 34.67 6.65 4.93
HO1 EDO K . 35.63 8.70 6.69
H21 EDO K . 35.41 9.57 4.44
H22 EDO K . 35.17 8.30 3.23
HO2 EDO K . 37.43 8.73 3.70
O1 MES L . 19.72 -7.17 -3.28
C2 MES L . 19.70 -7.55 -1.90
C3 MES L . 19.39 -6.41 -0.93
N4 MES L . 20.23 -5.26 -1.29
C5 MES L . 20.24 -4.85 -2.70
C6 MES L . 19.39 -5.81 -3.53
C7 MES L . 20.58 -4.18 -0.38
C8 MES L . 20.96 -4.64 1.03
S MES L . 22.56 -4.98 1.30
O1S MES L . 22.60 -5.80 2.54
O2S MES L . 23.32 -3.73 1.54
O3S MES L . 23.16 -5.76 0.19
H21 MES L . 18.95 -8.33 -1.76
H22 MES L . 20.68 -7.97 -1.64
H31 MES L . 19.61 -6.71 0.10
H32 MES L . 18.34 -6.14 -0.99
H51 MES L . 21.26 -4.84 -3.07
H52 MES L . 19.84 -3.84 -2.78
H61 MES L . 18.34 -5.64 -3.30
H62 MES L . 19.54 -5.59 -4.59
H71 MES L . 21.41 -3.61 -0.80
H72 MES L . 19.73 -3.49 -0.31
H81 MES L . 20.65 -3.86 1.73
H82 MES L . 20.38 -5.54 1.25
C1 PEG M . 38.01 0.96 8.88
O1 PEG M . 38.00 1.01 7.46
C2 PEG M . 38.37 2.27 9.51
O2 PEG M . 39.48 2.12 10.41
C3 PEG M . 39.12 2.01 11.79
C4 PEG M . 40.36 1.94 12.63
O4 PEG M . 40.67 0.58 12.93
H11 PEG M . 38.65 0.29 9.17
H12 PEG M . 37.13 0.70 9.19
HO1 PEG M . 37.42 1.55 7.14
H21 PEG M . 37.61 2.63 9.99
H22 PEG M . 38.63 2.89 8.80
H31 PEG M . 38.60 1.20 11.92
H32 PEG M . 38.60 2.78 12.05
H41 PEG M . 40.21 2.43 13.46
H42 PEG M . 41.10 2.34 12.15
HO4 PEG M . 41.37 0.49 13.40
#